data_6VXM
#
_entry.id   6VXM
#
_cell.length_a   1.00
_cell.length_b   1.00
_cell.length_c   1.00
_cell.angle_alpha   90.00
_cell.angle_beta   90.00
_cell.angle_gamma   90.00
#
_symmetry.space_group_name_H-M   'P 1'
#
loop_
_entity.id
_entity.type
_entity.pdbx_description
1 polymer 'Mechanosensitive ion channel protein 1, mitochondrial'
2 non-polymer EICOSANE
#
_entity_poly.entity_id   1
_entity_poly.type   'polypeptide(L)'
_entity_poly.pdbx_seq_one_letter_code
;MSSKSDDFGSIVASGVTGSGDGNGNGNDWVEKAKDVLQTSVDAVTETAKKTKDVSDEMIPHVQQFLDSNPYLKDVIVPVS
LTMTGTLFAWVVMPRILRRFHTYAMQSSAKLLPVGFSNEDVPYEKSFWGALEDPARYLVTFIAFAQIAAMVAPTTIAAQY
FSPTVKGAVILSLVWFLYRWKTNVITRMLSAKSFGGLDREKVLTLDKVSSVGLFAIGLMASAEACGVAVQSILTVGGVGG
VATAFAARDILGNVLSGLSMQFSRPFSMGDTIKAGSVEGQVIEMGLTTTSLLNAEKFPVLVPNSLFSSQVIVNKSRAQWR
AIASKIPLQIDDLDMIPQISNEIKEMLRSNTKVFLGKEAPHCYLSRVEKSFAELTIGCNLIRMGKEELYNTQQEVLLEAV
KIIKKHGVSLGTTWDNSTLSNSLEVLFQ
;
_entity_poly.pdbx_strand_id   A,B,C,D,E,F,G
#
loop_
_chem_comp.id
_chem_comp.type
_chem_comp.name
_chem_comp.formula
LFA non-polymer EICOSANE 'C20 H42'
#
# COMPACT_ATOMS: atom_id res chain seq x y z
N LYS A 125 -32.83 14.60 -38.31
CA LYS A 125 -33.52 15.59 -37.51
C LYS A 125 -33.79 15.07 -36.09
N SER A 126 -34.19 13.81 -36.00
CA SER A 126 -34.50 13.19 -34.71
C SER A 126 -34.02 11.75 -34.68
N PHE A 127 -34.45 11.00 -33.67
CA PHE A 127 -34.19 9.57 -33.62
C PHE A 127 -34.92 8.84 -34.74
N TRP A 128 -36.10 9.34 -35.13
CA TRP A 128 -36.89 8.66 -36.16
C TRP A 128 -36.13 8.59 -37.47
N GLY A 129 -35.57 9.72 -37.92
CA GLY A 129 -34.79 9.71 -39.15
C GLY A 129 -33.48 8.97 -39.00
N ALA A 130 -32.81 9.17 -37.86
CA ALA A 130 -31.56 8.49 -37.58
C ALA A 130 -31.71 6.98 -37.56
N LEU A 131 -32.92 6.46 -37.38
CA LEU A 131 -33.18 5.04 -37.52
C LEU A 131 -33.65 4.57 -38.89
N GLU A 132 -34.60 5.28 -39.45
CA GLU A 132 -35.19 4.91 -40.72
C GLU A 132 -34.23 4.94 -41.89
N ASP A 133 -33.22 5.80 -41.81
CA ASP A 133 -32.32 5.90 -42.97
C ASP A 133 -31.50 4.61 -42.95
N PRO A 134 -30.81 4.27 -41.86
CA PRO A 134 -30.07 3.00 -41.86
C PRO A 134 -30.96 1.78 -41.97
N ALA A 135 -32.16 1.80 -41.38
CA ALA A 135 -33.06 0.65 -41.48
C ALA A 135 -33.50 0.41 -42.91
N ARG A 136 -33.84 1.49 -43.63
CA ARG A 136 -34.21 1.32 -45.03
C ARG A 136 -33.03 0.92 -45.90
N TYR A 137 -31.84 1.45 -45.63
CA TYR A 137 -30.66 1.00 -46.38
C TYR A 137 -30.40 -0.49 -46.15
N LEU A 138 -30.53 -0.95 -44.90
CA LEU A 138 -30.27 -2.35 -44.59
C LEU A 138 -31.31 -3.26 -45.22
N VAL A 139 -32.59 -2.88 -45.15
CA VAL A 139 -33.63 -3.70 -45.79
C VAL A 139 -33.40 -3.76 -47.29
N THR A 140 -33.06 -2.62 -47.91
CA THR A 140 -32.75 -2.61 -49.32
C THR A 140 -31.61 -3.56 -49.65
N PHE A 141 -30.55 -3.53 -48.83
CA PHE A 141 -29.37 -4.35 -49.14
C PHE A 141 -29.66 -5.83 -48.98
N ILE A 142 -30.41 -6.21 -47.94
CA ILE A 142 -30.67 -7.63 -47.76
C ILE A 142 -31.66 -8.13 -48.81
N ALA A 143 -32.63 -7.31 -49.21
CA ALA A 143 -33.52 -7.71 -50.30
C ALA A 143 -32.77 -7.83 -51.62
N PHE A 144 -31.78 -6.95 -51.84
CA PHE A 144 -30.93 -7.11 -53.01
C PHE A 144 -30.15 -8.41 -52.97
N ALA A 145 -29.53 -8.72 -51.82
CA ALA A 145 -28.69 -9.90 -51.72
C ALA A 145 -29.49 -11.18 -51.88
N GLN A 146 -30.74 -11.19 -51.41
CA GLN A 146 -31.56 -12.40 -51.51
C GLN A 146 -31.77 -12.81 -52.96
N ILE A 147 -32.13 -11.86 -53.83
CA ILE A 147 -32.36 -12.20 -55.23
C ILE A 147 -31.05 -12.07 -56.01
N ALA A 148 -29.98 -11.70 -55.31
CA ALA A 148 -28.65 -11.82 -55.90
C ALA A 148 -28.08 -13.21 -55.72
N ALA A 149 -28.54 -13.95 -54.71
CA ALA A 149 -28.12 -15.33 -54.50
C ALA A 149 -29.07 -16.38 -55.07
N MET A 150 -30.38 -16.11 -55.06
CA MET A 150 -31.34 -17.07 -55.60
C MET A 150 -31.17 -17.27 -57.10
N VAL A 151 -31.25 -16.19 -57.87
CA VAL A 151 -31.10 -16.27 -59.32
C VAL A 151 -29.78 -15.63 -59.76
N ALA A 158 -20.29 -18.84 -53.41
CA ALA A 158 -21.32 -17.96 -53.96
C ALA A 158 -22.47 -17.77 -52.98
N GLN A 159 -22.62 -18.71 -52.05
CA GLN A 159 -23.67 -18.65 -51.04
C GLN A 159 -23.05 -18.23 -49.70
N TYR A 160 -22.92 -16.91 -49.54
CA TYR A 160 -22.42 -16.33 -48.30
C TYR A 160 -23.43 -15.25 -47.87
N PHE A 161 -24.69 -15.68 -47.74
CA PHE A 161 -25.77 -14.77 -47.39
C PHE A 161 -25.57 -14.36 -45.94
N SER A 162 -25.23 -15.31 -45.07
CA SER A 162 -25.07 -15.01 -43.66
C SER A 162 -23.92 -14.02 -43.38
N PRO A 163 -22.71 -14.22 -43.88
CA PRO A 163 -21.65 -13.25 -43.56
C PRO A 163 -21.96 -11.84 -44.04
N THR A 164 -22.44 -11.71 -45.28
CA THR A 164 -22.73 -10.37 -45.82
C THR A 164 -23.90 -9.72 -45.09
N VAL A 165 -24.91 -10.52 -44.74
CA VAL A 165 -26.05 -9.94 -44.02
C VAL A 165 -25.66 -9.50 -42.62
N LYS A 166 -24.85 -10.28 -41.93
CA LYS A 166 -24.41 -9.88 -40.60
C LYS A 166 -23.51 -8.65 -40.68
N GLY A 167 -22.62 -8.61 -41.68
CA GLY A 167 -21.81 -7.42 -41.86
C GLY A 167 -22.64 -6.18 -42.13
N ALA A 168 -23.68 -6.32 -42.95
CA ALA A 168 -24.55 -5.18 -43.23
C ALA A 168 -25.30 -4.74 -41.99
N VAL A 169 -25.77 -5.69 -41.18
CA VAL A 169 -26.46 -5.31 -39.95
C VAL A 169 -25.52 -4.58 -39.01
N ILE A 170 -24.29 -5.06 -38.87
CA ILE A 170 -23.35 -4.42 -37.95
C ILE A 170 -23.02 -3.01 -38.43
N LEU A 171 -22.70 -2.87 -39.72
CA LEU A 171 -22.30 -1.56 -40.21
C LEU A 171 -23.46 -0.57 -40.19
N SER A 172 -24.67 -1.02 -40.51
CA SER A 172 -25.83 -0.14 -40.41
C SER A 172 -26.09 0.27 -38.97
N LEU A 173 -25.93 -0.65 -38.02
CA LEU A 173 -26.16 -0.31 -36.61
C LEU A 173 -25.12 0.68 -36.12
N VAL A 174 -23.87 0.53 -36.53
CA VAL A 174 -22.84 1.50 -36.17
C VAL A 174 -23.16 2.87 -36.75
N TRP A 175 -23.60 2.90 -38.01
CA TRP A 175 -23.96 4.17 -38.63
C TRP A 175 -25.15 4.82 -37.92
N PHE A 176 -26.13 4.01 -37.51
CA PHE A 176 -27.28 4.55 -36.78
C PHE A 176 -26.87 5.10 -35.42
N LEU A 177 -25.97 4.40 -34.72
CA LEU A 177 -25.49 4.92 -33.44
C LEU A 177 -24.75 6.23 -33.62
N TYR A 178 -23.95 6.34 -34.69
CA TYR A 178 -23.28 7.60 -34.96
C TYR A 178 -24.30 8.69 -35.23
N ARG A 179 -25.32 8.38 -36.03
CA ARG A 179 -26.36 9.37 -36.32
C ARG A 179 -27.04 9.84 -35.04
N TRP A 180 -27.42 8.90 -34.17
CA TRP A 180 -28.08 9.27 -32.93
C TRP A 180 -27.20 10.08 -31.99
N LYS A 181 -25.91 9.70 -31.89
CA LYS A 181 -24.98 10.45 -31.05
C LYS A 181 -24.84 11.88 -31.54
N THR A 182 -24.67 12.07 -32.85
CA THR A 182 -24.53 13.43 -33.37
C THR A 182 -25.81 14.23 -33.16
N ASN A 183 -26.98 13.61 -33.34
CA ASN A 183 -28.23 14.32 -33.09
C ASN A 183 -28.35 14.76 -31.64
N VAL A 184 -28.02 13.88 -30.70
CA VAL A 184 -28.17 14.23 -29.29
C VAL A 184 -27.24 15.34 -28.82
N ILE A 185 -25.95 15.26 -29.15
CA ILE A 185 -25.05 16.31 -28.68
C ILE A 185 -25.05 17.52 -29.64
N THR A 186 -25.94 17.49 -30.63
CA THR A 186 -26.16 18.69 -31.43
C THR A 186 -27.42 19.23 -30.78
N ARG A 187 -28.36 18.35 -30.40
CA ARG A 187 -29.50 18.81 -29.62
C ARG A 187 -29.18 19.49 -28.25
N MET A 188 -28.23 18.88 -27.52
CA MET A 188 -27.64 19.56 -26.37
C MET A 188 -26.87 20.86 -26.51
N LEU A 189 -26.32 21.12 -27.69
CA LEU A 189 -25.65 22.38 -27.99
C LEU A 189 -26.59 23.40 -28.65
N SER A 190 -27.88 23.09 -28.70
CA SER A 190 -28.88 23.99 -29.27
C SER A 190 -29.80 24.46 -28.14
N ALA A 191 -29.24 24.68 -26.95
CA ALA A 191 -30.03 25.17 -25.83
C ALA A 191 -29.43 26.46 -25.28
N ASP A 198 -21.83 25.24 -19.68
CA ASP A 198 -22.21 23.85 -19.94
C ASP A 198 -22.05 23.52 -21.42
N ARG A 199 -20.98 24.06 -22.02
CA ARG A 199 -20.69 23.79 -23.42
C ARG A 199 -19.42 22.97 -23.63
N GLU A 200 -18.33 23.26 -22.92
CA GLU A 200 -17.14 22.43 -23.05
C GLU A 200 -17.41 21.03 -22.52
N LYS A 201 -18.37 20.90 -21.61
CA LYS A 201 -18.83 19.58 -21.20
C LYS A 201 -19.41 18.81 -22.40
N VAL A 202 -20.20 19.49 -23.23
CA VAL A 202 -20.78 18.84 -24.40
C VAL A 202 -19.70 18.46 -25.39
N LEU A 203 -18.67 19.30 -25.56
CA LEU A 203 -17.58 18.96 -26.47
C LEU A 203 -16.78 17.76 -25.96
N THR A 204 -16.53 17.72 -24.64
CA THR A 204 -15.83 16.57 -24.08
C THR A 204 -16.65 15.30 -24.23
N LEU A 205 -17.96 15.38 -23.98
CA LEU A 205 -18.83 14.21 -24.17
C LEU A 205 -18.81 13.75 -25.61
N ASP A 206 -18.84 14.69 -26.56
CA ASP A 206 -18.81 14.34 -27.97
C ASP A 206 -17.51 13.61 -28.32
N LYS A 207 -16.38 14.14 -27.87
CA LYS A 207 -15.10 13.51 -28.20
C LYS A 207 -14.98 12.12 -27.57
N VAL A 208 -15.36 12.00 -26.29
CA VAL A 208 -15.26 10.71 -25.62
C VAL A 208 -16.19 9.68 -26.27
N SER A 209 -17.39 10.11 -26.62
CA SER A 209 -18.33 9.19 -27.26
C SER A 209 -17.88 8.79 -28.64
N SER A 210 -17.24 9.70 -29.39
CA SER A 210 -16.72 9.31 -30.69
C SER A 210 -15.58 8.31 -30.54
N VAL A 211 -14.70 8.50 -29.55
CA VAL A 211 -13.64 7.53 -29.30
C VAL A 211 -14.23 6.16 -29.00
N GLY A 212 -15.18 6.11 -28.05
CA GLY A 212 -15.78 4.84 -27.69
C GLY A 212 -16.50 4.17 -28.86
N LEU A 213 -17.21 4.96 -29.66
CA LEU A 213 -17.95 4.39 -30.78
C LEU A 213 -17.01 3.89 -31.86
N PHE A 214 -15.90 4.59 -32.10
CA PHE A 214 -14.91 4.09 -33.04
C PHE A 214 -14.35 2.75 -32.58
N ALA A 215 -14.01 2.65 -31.29
CA ALA A 215 -13.49 1.39 -30.75
C ALA A 215 -14.50 0.26 -30.95
N ILE A 216 -15.74 0.47 -30.52
CA ILE A 216 -16.76 -0.57 -30.59
C ILE A 216 -17.03 -0.96 -32.04
N GLY A 217 -17.13 0.03 -32.92
CA GLY A 217 -17.40 -0.27 -34.32
C GLY A 217 -16.28 -1.02 -34.99
N LEU A 218 -15.03 -0.65 -34.69
CA LEU A 218 -13.90 -1.39 -35.24
C LEU A 218 -13.92 -2.84 -34.78
N MET A 219 -14.11 -3.08 -33.49
CA MET A 219 -14.17 -4.44 -32.99
C MET A 219 -15.28 -5.23 -33.67
N ALA A 220 -16.48 -4.67 -33.72
CA ALA A 220 -17.62 -5.40 -34.26
C ALA A 220 -17.50 -5.64 -35.76
N SER A 221 -16.95 -4.68 -36.50
CA SER A 221 -16.78 -4.87 -37.93
C SER A 221 -15.70 -5.89 -38.25
N ALA A 222 -14.58 -5.85 -37.51
CA ALA A 222 -13.56 -6.87 -37.71
C ALA A 222 -14.07 -8.25 -37.35
N GLU A 223 -14.99 -8.35 -36.39
CA GLU A 223 -15.57 -9.65 -36.08
C GLU A 223 -16.62 -10.09 -37.09
N ALA A 224 -17.36 -9.16 -37.68
CA ALA A 224 -18.34 -9.51 -38.70
C ALA A 224 -17.68 -9.94 -39.99
N CYS A 225 -16.67 -9.20 -40.45
CA CYS A 225 -15.96 -9.57 -41.66
C CYS A 225 -15.21 -10.88 -41.48
N GLY A 226 -14.50 -11.02 -40.36
CA GLY A 226 -13.72 -12.21 -40.09
C GLY A 226 -12.23 -12.05 -40.21
N VAL A 227 -11.73 -10.84 -40.40
CA VAL A 227 -10.31 -10.60 -40.61
C VAL A 227 -9.69 -10.21 -39.28
N ALA A 228 -8.75 -11.03 -38.81
CA ALA A 228 -8.00 -10.77 -37.57
C ALA A 228 -8.96 -10.50 -36.42
N VAL A 229 -9.78 -11.50 -36.11
CA VAL A 229 -10.76 -11.36 -35.05
C VAL A 229 -10.07 -11.35 -33.69
N GLN A 230 -9.33 -12.42 -33.38
CA GLN A 230 -8.78 -12.57 -32.05
C GLN A 230 -7.68 -11.55 -31.76
N SER A 231 -6.92 -11.15 -32.77
CA SER A 231 -5.88 -10.14 -32.57
C SER A 231 -6.49 -8.81 -32.15
N ILE A 232 -7.46 -8.31 -32.93
CA ILE A 232 -8.07 -7.02 -32.62
C ILE A 232 -8.87 -7.09 -31.33
N LEU A 233 -9.51 -8.24 -31.08
CA LEU A 233 -10.26 -8.39 -29.83
C LEU A 233 -9.34 -8.40 -28.62
N THR A 234 -8.15 -8.99 -28.75
CA THR A 234 -7.19 -8.97 -27.65
C THR A 234 -6.67 -7.56 -27.42
N VAL A 235 -6.36 -6.83 -28.49
CA VAL A 235 -5.95 -5.44 -28.36
C VAL A 235 -7.02 -4.63 -27.63
N GLY A 236 -8.28 -4.76 -28.08
CA GLY A 236 -9.38 -4.06 -27.45
C GLY A 236 -9.59 -4.46 -26.01
N GLY A 237 -9.37 -5.73 -25.68
CA GLY A 237 -9.53 -6.16 -24.30
C GLY A 237 -8.46 -5.63 -23.37
N VAL A 238 -7.21 -5.57 -23.84
CA VAL A 238 -6.17 -5.02 -22.98
C VAL A 238 -6.32 -3.50 -22.87
N GLY A 239 -6.79 -2.83 -23.92
CA GLY A 239 -7.12 -1.43 -23.79
C GLY A 239 -8.26 -1.20 -22.83
N GLY A 240 -9.27 -2.06 -22.86
CA GLY A 240 -10.38 -1.93 -21.95
C GLY A 240 -9.97 -2.13 -20.51
N VAL A 241 -9.08 -3.08 -20.24
CA VAL A 241 -8.68 -3.28 -18.84
C VAL A 241 -7.70 -2.19 -18.39
N ALA A 242 -6.88 -1.66 -19.29
CA ALA A 242 -6.11 -0.47 -18.97
C ALA A 242 -7.03 0.67 -18.55
N THR A 243 -8.04 0.97 -19.35
CA THR A 243 -8.97 2.05 -19.01
C THR A 243 -9.78 1.72 -17.76
N ALA A 244 -10.07 0.44 -17.51
CA ALA A 244 -10.91 0.07 -16.39
C ALA A 244 -10.17 0.10 -15.07
N PHE A 245 -8.86 -0.09 -15.07
CA PHE A 245 -8.14 0.13 -13.84
C PHE A 245 -7.69 1.57 -13.68
N ALA A 246 -7.39 2.26 -14.77
CA ALA A 246 -7.09 3.69 -14.71
C ALA A 246 -8.25 4.51 -14.18
N ALA A 247 -9.48 4.00 -14.28
CA ALA A 247 -10.68 4.72 -13.87
C ALA A 247 -11.26 4.16 -12.58
N ARG A 248 -10.43 3.59 -11.71
CA ARG A 248 -10.95 3.00 -10.48
C ARG A 248 -11.38 4.07 -9.49
N ASP A 249 -10.80 5.27 -9.58
CA ASP A 249 -11.12 6.34 -8.64
C ASP A 249 -12.45 7.02 -8.97
N ILE A 250 -12.68 7.33 -10.25
CA ILE A 250 -13.97 7.89 -10.65
C ILE A 250 -15.10 6.92 -10.35
N LEU A 251 -14.89 5.65 -10.64
CA LEU A 251 -15.91 4.64 -10.37
C LEU A 251 -16.10 4.45 -8.87
N GLY A 252 -15.02 4.48 -8.09
CA GLY A 252 -15.16 4.44 -6.65
C GLY A 252 -15.99 5.60 -6.12
N ASN A 253 -15.73 6.81 -6.62
CA ASN A 253 -16.49 7.97 -6.18
C ASN A 253 -17.97 7.82 -6.52
N VAL A 254 -18.28 7.33 -7.71
CA VAL A 254 -19.69 7.22 -8.10
C VAL A 254 -20.39 6.14 -7.28
N LEU A 255 -19.78 4.96 -7.15
CA LEU A 255 -20.41 3.88 -6.40
C LEU A 255 -20.55 4.23 -4.93
N SER A 256 -19.57 4.92 -4.35
CA SER A 256 -19.69 5.35 -2.96
C SER A 256 -20.73 6.45 -2.80
N GLY A 257 -20.90 7.31 -3.82
CA GLY A 257 -21.99 8.26 -3.77
C GLY A 257 -23.35 7.59 -3.74
N LEU A 258 -23.51 6.53 -4.53
CA LEU A 258 -24.78 5.78 -4.49
C LEU A 258 -24.97 5.08 -3.15
N SER A 259 -23.93 4.40 -2.67
CA SER A 259 -24.01 3.72 -1.37
C SER A 259 -24.35 4.70 -0.26
N MET A 260 -23.84 5.93 -0.34
CA MET A 260 -24.22 6.96 0.63
C MET A 260 -25.64 7.43 0.43
N GLN A 261 -26.12 7.43 -0.82
CA GLN A 261 -27.53 7.73 -1.06
C GLN A 261 -28.45 6.69 -0.42
N PHE A 262 -27.95 5.49 -0.17
CA PHE A 262 -28.77 4.51 0.53
C PHE A 262 -28.69 4.64 2.05
N SER A 263 -27.49 4.48 2.61
CA SER A 263 -27.30 4.59 4.06
C SER A 263 -26.76 5.98 4.36
N ARG A 264 -27.68 6.93 4.58
CA ARG A 264 -27.31 8.32 4.73
C ARG A 264 -26.51 8.53 6.02
N PRO A 265 -25.22 8.83 5.94
CA PRO A 265 -24.45 9.03 7.17
C PRO A 265 -24.47 10.47 7.66
N PHE A 266 -25.01 11.37 6.84
CA PHE A 266 -25.15 12.77 7.20
C PHE A 266 -26.11 13.43 6.23
N SER A 267 -26.50 14.66 6.56
CA SER A 267 -27.40 15.44 5.73
C SER A 267 -26.88 16.85 5.62
N MET A 268 -27.56 17.66 4.80
CA MET A 268 -27.10 18.99 4.47
C MET A 268 -27.11 19.87 5.71
N GLY A 269 -25.96 20.41 6.07
CA GLY A 269 -25.83 21.26 7.23
C GLY A 269 -25.14 20.62 8.41
N ASP A 270 -25.05 19.30 8.43
CA ASP A 270 -24.42 18.61 9.53
C ASP A 270 -22.93 18.92 9.59
N THR A 271 -22.39 18.99 10.80
CA THR A 271 -20.96 19.19 11.01
C THR A 271 -20.31 17.82 11.15
N ILE A 272 -19.62 17.36 10.12
CA ILE A 272 -19.03 16.05 10.12
C ILE A 272 -17.51 16.17 10.19
N LYS A 273 -16.87 15.05 10.50
CA LYS A 273 -15.42 14.92 10.48
C LYS A 273 -15.09 13.59 9.82
N ALA A 274 -14.51 13.65 8.64
CA ALA A 274 -14.15 12.46 7.86
C ALA A 274 -12.63 12.41 7.78
N GLY A 275 -12.04 11.47 8.51
CA GLY A 275 -10.61 11.33 8.50
C GLY A 275 -9.88 12.60 8.92
N SER A 276 -9.24 13.25 7.94
CA SER A 276 -8.46 14.44 8.18
C SER A 276 -9.23 15.73 7.97
N VAL A 277 -10.42 15.68 7.37
CA VAL A 277 -11.16 16.89 7.07
C VAL A 277 -12.37 16.92 8.00
N GLU A 278 -12.86 18.12 8.25
CA GLU A 278 -14.03 18.30 9.08
C GLU A 278 -14.67 19.63 8.76
N GLY A 279 -15.99 19.68 8.77
CA GLY A 279 -16.65 20.96 8.56
C GLY A 279 -18.11 20.71 8.33
N GLN A 280 -18.79 21.78 7.95
CA GLN A 280 -20.23 21.75 7.71
C GLN A 280 -20.52 21.35 6.28
N VAL A 281 -21.43 20.39 6.10
CA VAL A 281 -21.80 19.94 4.77
C VAL A 281 -22.57 21.06 4.07
N ILE A 282 -22.09 21.48 2.90
CA ILE A 282 -22.72 22.53 2.13
C ILE A 282 -23.20 22.07 0.76
N GLU A 283 -22.87 20.84 0.36
CA GLU A 283 -23.30 20.32 -0.93
C GLU A 283 -23.01 18.83 -0.96
N MET A 284 -23.98 18.06 -1.46
CA MET A 284 -23.84 16.61 -1.58
C MET A 284 -24.07 16.22 -3.03
N GLY A 285 -23.05 15.63 -3.64
CA GLY A 285 -23.15 15.25 -5.04
C GLY A 285 -23.00 13.75 -5.22
N LEU A 286 -22.75 13.32 -6.46
CA LEU A 286 -22.59 11.89 -6.71
C LEU A 286 -21.13 11.45 -6.65
N THR A 287 -20.19 12.31 -7.03
CA THR A 287 -18.79 11.96 -6.95
C THR A 287 -18.00 12.75 -5.93
N THR A 288 -18.53 13.84 -5.39
CA THR A 288 -17.85 14.63 -4.38
C THR A 288 -18.85 15.23 -3.42
N THR A 289 -18.42 15.41 -2.18
CA THR A 289 -19.13 16.19 -1.16
C THR A 289 -18.36 17.48 -0.91
N SER A 290 -19.07 18.53 -0.53
CA SER A 290 -18.45 19.82 -0.27
C SER A 290 -18.66 20.19 1.18
N LEU A 291 -17.58 20.52 1.87
CA LEU A 291 -17.61 20.93 3.26
C LEU A 291 -17.15 22.37 3.39
N LEU A 292 -17.36 22.93 4.57
CA LEU A 292 -16.84 24.23 4.96
C LEU A 292 -16.04 24.00 6.23
N ASN A 293 -14.72 24.11 6.15
CA ASN A 293 -13.86 23.69 7.25
C ASN A 293 -13.74 24.80 8.29
N ALA A 294 -12.79 24.66 9.21
CA ALA A 294 -12.72 25.54 10.37
C ALA A 294 -12.26 26.95 10.00
N GLU A 295 -11.50 27.10 8.93
CA GLU A 295 -11.11 28.41 8.43
C GLU A 295 -12.14 28.99 7.48
N LYS A 296 -13.24 28.27 7.25
CA LYS A 296 -14.39 28.74 6.48
C LYS A 296 -14.10 28.83 4.98
N PHE A 297 -13.30 27.88 4.47
CA PHE A 297 -12.91 27.56 3.11
C PHE A 297 -13.74 26.39 2.59
N PRO A 298 -14.18 26.37 1.33
CA PRO A 298 -14.90 25.21 0.82
C PRO A 298 -13.96 24.08 0.41
N VAL A 299 -14.10 22.94 1.06
CA VAL A 299 -13.32 21.74 0.79
C VAL A 299 -14.13 20.81 -0.09
N LEU A 300 -13.46 20.06 -0.94
CA LEU A 300 -14.09 19.15 -1.89
C LEU A 300 -13.56 17.74 -1.64
N VAL A 301 -14.37 16.89 -1.03
CA VAL A 301 -13.97 15.55 -0.59
C VAL A 301 -14.47 14.55 -1.61
N PRO A 302 -13.60 13.73 -2.21
CA PRO A 302 -14.09 12.65 -3.06
C PRO A 302 -14.87 11.62 -2.26
N ASN A 303 -15.99 11.19 -2.83
CA ASN A 303 -16.92 10.33 -2.11
C ASN A 303 -16.39 8.95 -1.80
N SER A 304 -15.23 8.58 -2.31
CA SER A 304 -14.65 7.29 -1.97
C SER A 304 -13.93 7.31 -0.64
N LEU A 305 -13.91 8.44 0.05
CA LEU A 305 -13.32 8.57 1.37
C LEU A 305 -14.32 8.30 2.48
N PHE A 306 -15.61 8.28 2.17
CA PHE A 306 -16.64 8.02 3.15
C PHE A 306 -17.01 6.55 3.24
N SER A 307 -16.32 5.69 2.49
CA SER A 307 -16.56 4.26 2.57
C SER A 307 -15.43 3.50 3.22
N SER A 308 -14.23 4.07 3.28
CA SER A 308 -13.07 3.42 3.86
C SER A 308 -12.66 4.00 5.21
N GLN A 309 -13.29 5.09 5.63
CA GLN A 309 -12.93 5.79 6.86
C GLN A 309 -14.16 6.01 7.73
N VAL A 310 -13.91 6.29 9.00
CA VAL A 310 -14.99 6.54 9.96
C VAL A 310 -15.45 7.97 9.81
N ILE A 311 -16.74 8.20 10.08
CA ILE A 311 -17.36 9.51 9.95
C ILE A 311 -17.89 9.89 11.32
N VAL A 312 -17.45 11.03 11.83
CA VAL A 312 -17.96 11.54 13.10
C VAL A 312 -19.02 12.59 12.80
N ASN A 313 -20.18 12.46 13.39
CA ASN A 313 -21.29 13.39 13.14
C ASN A 313 -21.48 14.24 14.38
N LYS A 314 -20.93 15.45 14.36
CA LYS A 314 -21.03 16.32 15.53
C LYS A 314 -22.42 16.95 15.72
N SER A 315 -23.30 16.75 14.75
CA SER A 315 -24.61 17.37 14.81
C SER A 315 -25.71 16.45 15.31
N ARG A 316 -25.40 15.19 15.59
CA ARG A 316 -26.39 14.25 16.09
C ARG A 316 -26.13 13.85 17.53
N ALA A 317 -25.19 14.50 18.21
CA ALA A 317 -24.95 14.22 19.60
C ALA A 317 -26.12 14.72 20.46
N GLN A 318 -26.50 13.92 21.45
CA GLN A 318 -27.59 14.27 22.34
C GLN A 318 -27.13 14.80 23.68
N TRP A 319 -25.87 14.60 24.05
CA TRP A 319 -25.29 15.23 25.22
C TRP A 319 -23.80 15.36 24.97
N ARG A 320 -23.20 16.37 25.57
CA ARG A 320 -21.78 16.66 25.41
C ARG A 320 -21.03 16.13 26.61
N ALA A 321 -19.70 16.19 26.53
CA ALA A 321 -18.85 15.74 27.62
C ALA A 321 -17.62 16.61 27.67
N ILE A 322 -17.38 17.23 28.81
CA ILE A 322 -16.20 18.06 29.00
C ILE A 322 -15.27 17.38 30.00
N ALA A 323 -13.98 17.67 29.85
CA ALA A 323 -12.95 17.13 30.73
C ALA A 323 -11.76 18.07 30.73
N SER A 324 -11.23 18.33 31.92
CA SER A 324 -10.09 19.24 32.07
C SER A 324 -9.17 18.72 33.15
N LYS A 325 -8.00 19.36 33.26
CA LYS A 325 -7.00 18.99 34.25
C LYS A 325 -6.49 20.24 34.94
N ILE A 326 -6.52 20.24 36.27
CA ILE A 326 -6.10 21.38 37.07
C ILE A 326 -4.86 20.99 37.86
N PRO A 327 -3.76 21.74 37.75
CA PRO A 327 -2.60 21.46 38.59
C PRO A 327 -2.64 22.26 39.89
N LEU A 328 -2.24 21.60 40.96
CA LEU A 328 -2.30 22.13 42.31
C LEU A 328 -0.90 22.12 42.91
N GLN A 329 -0.57 23.20 43.63
CA GLN A 329 0.67 23.28 44.39
C GLN A 329 0.32 22.96 45.83
N ILE A 330 0.44 21.69 46.21
CA ILE A 330 -0.04 21.22 47.50
C ILE A 330 0.98 20.25 48.07
N ASP A 331 1.25 20.39 49.37
CA ASP A 331 2.10 19.47 50.10
C ASP A 331 1.36 18.64 51.13
N ASP A 332 0.24 19.15 51.65
CA ASP A 332 -0.60 18.41 52.58
C ASP A 332 -1.75 17.80 51.77
N LEU A 333 -1.48 16.63 51.20
CA LEU A 333 -2.49 15.93 50.41
C LEU A 333 -3.65 15.43 51.26
N ASP A 334 -3.62 15.62 52.57
CA ASP A 334 -4.70 15.18 53.43
C ASP A 334 -6.03 15.84 53.11
N MET A 335 -6.03 16.87 52.24
CA MET A 335 -7.26 17.54 51.83
C MET A 335 -7.53 17.37 50.34
N ILE A 336 -6.92 16.38 49.70
CA ILE A 336 -7.24 16.08 48.30
C ILE A 336 -8.58 15.37 48.21
N PRO A 337 -8.92 14.44 49.14
CA PRO A 337 -10.27 13.88 49.12
C PRO A 337 -11.37 14.93 49.23
N GLN A 338 -11.34 15.73 50.30
CA GLN A 338 -12.40 16.72 50.54
C GLN A 338 -12.66 17.55 49.31
N ILE A 339 -11.64 18.28 48.85
CA ILE A 339 -11.70 19.10 47.63
C ILE A 339 -12.40 18.31 46.55
N SER A 340 -11.87 17.12 46.26
CA SER A 340 -12.41 16.29 45.18
C SER A 340 -13.92 16.14 45.35
N ASN A 341 -14.36 15.62 46.49
CA ASN A 341 -15.78 15.42 46.72
C ASN A 341 -16.54 16.71 46.50
N GLU A 342 -16.05 17.81 47.08
CA GLU A 342 -16.76 19.08 46.94
C GLU A 342 -16.95 19.43 45.48
N ILE A 343 -15.89 19.28 44.68
CA ILE A 343 -16.00 19.62 43.27
C ILE A 343 -17.09 18.80 42.62
N LYS A 344 -17.10 17.49 42.90
CA LYS A 344 -18.13 16.64 42.30
C LYS A 344 -19.51 17.11 42.71
N GLU A 345 -19.67 17.49 43.98
CA GLU A 345 -20.96 18.02 44.41
C GLU A 345 -21.33 19.21 43.55
N MET A 346 -20.37 20.10 43.31
CA MET A 346 -20.62 21.27 42.48
C MET A 346 -21.08 20.88 41.09
N LEU A 347 -20.48 19.85 40.51
CA LEU A 347 -20.87 19.41 39.18
C LEU A 347 -22.22 18.73 39.13
N ARG A 348 -22.71 18.20 40.24
CA ARG A 348 -24.05 17.65 40.26
C ARG A 348 -25.11 18.70 40.59
N SER A 349 -24.70 19.76 41.29
CA SER A 349 -25.62 20.85 41.64
C SER A 349 -25.68 21.91 40.56
N ASN A 350 -25.06 21.67 39.42
CA ASN A 350 -25.02 22.62 38.31
C ASN A 350 -26.09 22.21 37.30
N THR A 351 -26.92 23.15 36.90
CA THR A 351 -27.74 22.91 35.73
C THR A 351 -26.83 22.79 34.52
N LYS A 352 -27.38 22.26 33.43
CA LYS A 352 -26.63 21.97 32.21
C LYS A 352 -25.67 20.81 32.38
N VAL A 353 -25.86 19.96 33.39
CA VAL A 353 -25.14 18.69 33.46
C VAL A 353 -26.15 17.56 33.27
N PHE A 354 -25.66 16.44 32.78
CA PHE A 354 -26.49 15.31 32.40
C PHE A 354 -26.12 14.14 33.30
N LEU A 355 -27.00 13.82 34.25
CA LEU A 355 -26.76 12.74 35.20
C LEU A 355 -27.44 11.44 34.79
N GLY A 356 -27.58 11.21 33.48
CA GLY A 356 -28.28 10.04 33.02
C GLY A 356 -27.39 8.84 32.78
N LYS A 357 -26.18 9.07 32.28
CA LYS A 357 -25.27 7.99 31.94
C LYS A 357 -24.13 7.83 32.93
N GLU A 358 -23.34 8.87 33.13
CA GLU A 358 -22.13 8.79 33.95
C GLU A 358 -22.13 9.91 34.98
N ALA A 359 -21.54 9.64 36.08
CA ALA A 359 -21.48 10.63 37.14
C ALA A 359 -20.25 11.52 36.96
N PRO A 360 -20.34 12.77 37.39
CA PRO A 360 -19.15 13.63 37.36
C PRO A 360 -18.02 13.04 38.17
N HIS A 361 -16.80 13.20 37.68
CA HIS A 361 -15.63 12.66 38.33
C HIS A 361 -14.61 13.75 38.56
N CYS A 362 -13.82 13.59 39.62
CA CYS A 362 -12.68 14.45 39.90
C CYS A 362 -11.71 13.64 40.77
N TYR A 363 -10.66 13.11 40.16
CA TYR A 363 -9.73 12.24 40.85
C TYR A 363 -8.32 12.76 40.69
N LEU A 364 -7.44 12.26 41.54
CA LEU A 364 -6.02 12.62 41.52
C LEU A 364 -5.31 11.71 40.52
N SER A 365 -4.83 12.30 39.43
CA SER A 365 -4.24 11.50 38.37
C SER A 365 -2.72 11.38 38.47
N ARG A 366 -2.05 12.34 39.07
CA ARG A 366 -0.62 12.21 39.30
C ARG A 366 -0.20 13.18 40.40
N VAL A 367 0.85 12.79 41.12
CA VAL A 367 1.38 13.56 42.24
C VAL A 367 2.87 13.78 42.01
N GLU A 368 3.42 14.74 42.74
CA GLU A 368 4.82 15.15 42.58
C GLU A 368 5.12 16.16 43.68
N LYS A 369 6.39 16.56 43.76
CA LYS A 369 6.84 17.44 44.84
C LYS A 369 6.10 18.76 44.84
N SER A 370 5.28 18.97 45.87
CA SER A 370 4.43 20.16 45.97
C SER A 370 3.60 20.35 44.71
N PHE A 371 3.11 19.24 44.16
CA PHE A 371 2.40 19.28 42.90
C PHE A 371 1.43 18.11 42.85
N ALA A 372 0.25 18.35 42.28
CA ALA A 372 -0.75 17.33 42.08
C ALA A 372 -1.58 17.72 40.87
N GLU A 373 -2.25 16.75 40.27
CA GLU A 373 -3.08 17.00 39.10
C GLU A 373 -4.45 16.39 39.30
N LEU A 374 -5.49 17.22 39.27
CA LEU A 374 -6.87 16.74 39.36
C LEU A 374 -7.46 16.67 37.97
N THR A 375 -8.06 15.54 37.64
CA THR A 375 -8.73 15.34 36.37
C THR A 375 -10.23 15.44 36.59
N ILE A 376 -10.83 16.49 36.06
CA ILE A 376 -12.26 16.77 36.23
C ILE A 376 -12.96 16.45 34.93
N GLY A 377 -14.24 16.10 35.03
CA GLY A 377 -15.02 15.84 33.85
C GLY A 377 -16.47 15.60 34.18
N CYS A 378 -17.32 15.81 33.19
CA CYS A 378 -18.75 15.60 33.36
C CYS A 378 -19.41 15.57 31.99
N ASN A 379 -20.68 15.20 31.97
CA ASN A 379 -21.52 15.30 30.79
C ASN A 379 -22.42 16.52 30.91
N LEU A 380 -22.71 17.13 29.78
CA LEU A 380 -23.54 18.32 29.70
C LEU A 380 -24.75 18.02 28.81
N ILE A 381 -25.83 18.76 29.05
CA ILE A 381 -27.05 18.59 28.27
C ILE A 381 -26.78 19.04 26.85
N ARG A 382 -27.68 18.71 25.92
CA ARG A 382 -27.55 19.14 24.55
C ARG A 382 -27.66 20.65 24.46
N MET A 383 -26.56 21.31 24.12
CA MET A 383 -26.51 22.76 24.09
C MET A 383 -25.83 23.22 22.81
N GLY A 384 -25.85 24.54 22.59
CA GLY A 384 -25.24 25.13 21.42
C GLY A 384 -23.72 25.07 21.47
N LYS A 385 -23.04 26.00 20.82
CA LYS A 385 -21.58 26.03 20.87
C LYS A 385 -21.03 27.21 21.64
N GLU A 386 -21.79 28.29 21.79
CA GLU A 386 -21.35 29.34 22.69
C GLU A 386 -21.72 29.01 24.13
N GLU A 387 -22.82 28.30 24.33
CA GLU A 387 -23.18 27.86 25.67
C GLU A 387 -22.22 26.80 26.18
N LEU A 388 -21.67 25.97 25.28
CA LEU A 388 -20.67 25.00 25.70
C LEU A 388 -19.41 25.68 26.20
N TYR A 389 -18.97 26.72 25.49
CA TYR A 389 -17.82 27.51 25.94
C TYR A 389 -18.09 28.18 27.27
N ASN A 390 -19.26 28.80 27.41
CA ASN A 390 -19.60 29.46 28.66
C ASN A 390 -19.64 28.47 29.82
N THR A 391 -20.19 27.28 29.59
CA THR A 391 -20.25 26.28 30.65
C THR A 391 -18.87 25.77 31.02
N GLN A 392 -18.00 25.55 30.02
CA GLN A 392 -16.64 25.15 30.33
C GLN A 392 -15.94 26.19 31.21
N GLN A 393 -16.00 27.46 30.80
CA GLN A 393 -15.37 28.52 31.57
C GLN A 393 -15.94 28.60 32.98
N GLU A 394 -17.26 28.45 33.12
CA GLU A 394 -17.90 28.56 34.42
C GLU A 394 -17.50 27.41 35.34
N VAL A 395 -17.48 26.19 34.81
CA VAL A 395 -17.05 25.03 35.60
C VAL A 395 -15.61 25.19 36.04
N LEU A 396 -14.75 25.68 35.15
CA LEU A 396 -13.34 25.86 35.49
C LEU A 396 -13.16 26.89 36.60
N LEU A 397 -13.88 28.01 36.51
CA LEU A 397 -13.76 29.04 37.54
C LEU A 397 -14.31 28.57 38.88
N GLU A 398 -15.44 27.86 38.88
CA GLU A 398 -15.98 27.35 40.13
C GLU A 398 -15.05 26.31 40.76
N ALA A 399 -14.43 25.46 39.94
CA ALA A 399 -13.49 24.49 40.47
C ALA A 399 -12.28 25.18 41.10
N VAL A 400 -11.72 26.18 40.42
CA VAL A 400 -10.58 26.89 41.00
C VAL A 400 -10.99 27.63 42.28
N LYS A 401 -12.23 28.12 42.33
CA LYS A 401 -12.72 28.76 43.54
C LYS A 401 -12.76 27.78 44.70
N ILE A 402 -13.34 26.59 44.48
CA ILE A 402 -13.36 25.57 45.52
C ILE A 402 -11.95 25.20 45.95
N ILE A 403 -11.02 25.09 44.98
CA ILE A 403 -9.65 24.70 45.30
C ILE A 403 -9.00 25.74 46.20
N LYS A 404 -9.11 27.01 45.83
CA LYS A 404 -8.49 28.06 46.64
C LYS A 404 -9.22 28.30 47.95
N LYS A 405 -10.46 27.83 48.09
CA LYS A 405 -11.16 27.98 49.35
C LYS A 405 -10.54 27.13 50.46
N HIS A 406 -9.93 26.00 50.11
CA HIS A 406 -9.32 25.10 51.07
C HIS A 406 -7.86 25.44 51.35
N GLY A 407 -7.42 26.65 51.01
CA GLY A 407 -6.07 27.05 51.28
C GLY A 407 -5.03 26.49 50.34
N VAL A 408 -5.43 25.76 49.31
CA VAL A 408 -4.52 25.22 48.32
C VAL A 408 -4.32 26.27 47.22
N SER A 409 -3.22 26.13 46.49
CA SER A 409 -2.93 27.01 45.37
C SER A 409 -2.62 26.18 44.13
N LEU A 410 -2.75 26.82 42.98
CA LEU A 410 -2.48 26.14 41.72
C LEU A 410 -1.00 25.91 41.53
N GLY A 411 -0.66 24.80 40.87
CA GLY A 411 0.72 24.46 40.61
C GLY A 411 1.15 24.90 39.22
N THR A 412 2.39 24.54 38.88
CA THR A 412 2.99 24.93 37.61
C THR A 412 3.48 23.69 36.90
N THR A 413 2.89 23.38 35.74
CA THR A 413 3.33 22.26 34.95
C THR A 413 4.71 22.54 34.35
N LYS B 125 -50.46 -6.10 -13.26
CA LYS B 125 -50.96 -5.88 -11.91
C LYS B 125 -50.10 -6.60 -10.87
N SER B 126 -49.70 -7.84 -11.20
CA SER B 126 -48.88 -8.64 -10.29
C SER B 126 -47.82 -9.41 -11.06
N PHE B 127 -47.19 -10.37 -10.39
CA PHE B 127 -46.28 -11.28 -11.08
C PHE B 127 -47.03 -12.18 -12.05
N TRP B 128 -48.27 -12.53 -11.72
CA TRP B 128 -49.04 -13.43 -12.57
C TRP B 128 -49.23 -12.85 -13.96
N GLY B 129 -49.66 -11.59 -14.05
CA GLY B 129 -49.82 -10.96 -15.35
C GLY B 129 -48.50 -10.68 -16.02
N ALA B 130 -47.51 -10.22 -15.24
CA ALA B 130 -46.17 -9.95 -15.76
C ALA B 130 -45.53 -11.20 -16.36
N LEU B 131 -45.98 -12.38 -15.98
CA LEU B 131 -45.53 -13.61 -16.61
C LEU B 131 -46.43 -14.10 -17.75
N GLU B 132 -47.73 -14.07 -17.52
CA GLU B 132 -48.69 -14.56 -18.47
C GLU B 132 -48.65 -13.84 -19.80
N ASP B 133 -48.37 -12.54 -19.77
CA ASP B 133 -48.41 -11.81 -21.04
C ASP B 133 -47.22 -12.25 -21.89
N PRO B 134 -45.98 -12.18 -21.39
CA PRO B 134 -44.86 -12.66 -22.21
C PRO B 134 -44.91 -14.14 -22.51
N ALA B 135 -45.39 -14.97 -21.57
CA ALA B 135 -45.48 -16.40 -21.83
C ALA B 135 -46.46 -16.71 -22.95
N ARG B 136 -47.61 -16.05 -22.96
CA ARG B 136 -48.56 -16.27 -24.04
C ARG B 136 -48.06 -15.70 -25.37
N TYR B 137 -47.37 -14.55 -25.35
CA TYR B 137 -46.77 -14.06 -26.58
C TYR B 137 -45.74 -15.03 -27.14
N LEU B 138 -44.90 -15.59 -26.26
CA LEU B 138 -43.86 -16.51 -26.71
C LEU B 138 -44.45 -17.81 -27.25
N VAL B 139 -45.46 -18.36 -26.57
CA VAL B 139 -46.10 -19.58 -27.06
C VAL B 139 -46.77 -19.32 -28.41
N THR B 140 -47.45 -18.17 -28.54
CA THR B 140 -48.03 -17.80 -29.82
C THR B 140 -46.97 -17.74 -30.91
N PHE B 141 -45.82 -17.13 -30.62
CA PHE B 141 -44.81 -16.93 -31.66
C PHE B 141 -44.17 -18.26 -32.06
N ILE B 142 -43.91 -19.14 -31.10
CA ILE B 142 -43.28 -20.41 -31.46
C ILE B 142 -44.27 -21.31 -32.19
N ALA B 143 -45.56 -21.27 -31.82
CA ALA B 143 -46.55 -22.04 -32.55
C ALA B 143 -46.73 -21.49 -33.96
N PHE B 144 -46.62 -20.17 -34.13
CA PHE B 144 -46.63 -19.61 -35.47
C PHE B 144 -45.44 -20.08 -36.28
N ALA B 145 -44.24 -20.04 -35.70
CA ALA B 145 -43.03 -20.39 -36.44
C ALA B 145 -43.03 -21.86 -36.83
N GLN B 146 -43.60 -22.74 -35.99
CA GLN B 146 -43.60 -24.16 -36.30
C GLN B 146 -44.35 -24.45 -37.60
N ILE B 147 -45.53 -23.88 -37.77
CA ILE B 147 -46.30 -24.13 -38.98
C ILE B 147 -45.92 -23.10 -40.05
N ALA B 148 -45.00 -22.19 -39.71
CA ALA B 148 -44.39 -21.36 -40.73
C ALA B 148 -43.21 -22.06 -41.39
N ALA B 149 -42.60 -23.02 -40.71
CA ALA B 149 -41.52 -23.81 -41.29
C ALA B 149 -41.95 -25.16 -41.86
N MET B 150 -42.95 -25.80 -41.26
CA MET B 150 -43.42 -27.09 -41.77
C MET B 150 -44.03 -26.97 -43.17
N VAL B 151 -45.05 -26.12 -43.30
CA VAL B 151 -45.72 -25.92 -44.57
C VAL B 151 -45.39 -24.55 -45.16
N ALA B 158 -33.95 -21.49 -44.77
CA ALA B 158 -35.37 -21.44 -44.47
C ALA B 158 -35.69 -22.15 -43.16
N GLN B 159 -34.80 -23.06 -42.74
CA GLN B 159 -34.97 -23.81 -41.50
C GLN B 159 -34.03 -23.23 -40.44
N TYR B 160 -34.50 -22.18 -39.78
CA TYR B 160 -33.77 -21.55 -38.69
C TYR B 160 -34.73 -21.44 -37.50
N PHE B 161 -35.29 -22.60 -37.13
CA PHE B 161 -36.26 -22.64 -36.05
C PHE B 161 -35.53 -22.37 -34.74
N SER B 162 -34.35 -22.96 -34.57
CA SER B 162 -33.60 -22.77 -33.34
C SER B 162 -33.18 -21.32 -33.09
N PRO B 163 -32.55 -20.62 -34.04
CA PRO B 163 -32.14 -19.23 -33.74
C PRO B 163 -33.31 -18.33 -33.41
N THR B 164 -34.39 -18.41 -34.18
CA THR B 164 -35.54 -17.53 -33.95
C THR B 164 -36.24 -17.88 -32.65
N VAL B 165 -36.33 -19.18 -32.32
CA VAL B 165 -36.97 -19.57 -31.08
C VAL B 165 -36.15 -19.12 -29.87
N LYS B 166 -34.83 -19.27 -29.94
CA LYS B 166 -34.01 -18.82 -28.82
C LYS B 166 -34.04 -17.30 -28.69
N GLY B 167 -34.05 -16.58 -29.81
CA GLY B 167 -34.19 -15.14 -29.75
C GLY B 167 -35.50 -14.72 -29.13
N ALA B 168 -36.59 -15.41 -29.48
CA ALA B 168 -37.89 -15.09 -28.90
C ALA B 168 -37.91 -15.38 -27.41
N VAL B 169 -37.32 -16.48 -26.98
CA VAL B 169 -37.28 -16.79 -25.56
C VAL B 169 -36.49 -15.72 -24.81
N ILE B 170 -35.34 -15.30 -25.35
CA ILE B 170 -34.52 -14.31 -24.67
C ILE B 170 -35.26 -12.98 -24.56
N LEU B 171 -35.84 -12.53 -25.68
CA LEU B 171 -36.50 -11.22 -25.67
C LEU B 171 -37.74 -11.23 -24.79
N SER B 172 -38.51 -12.32 -24.81
CA SER B 172 -39.66 -12.42 -23.93
C SER B 172 -39.25 -12.45 -22.47
N LEU B 173 -38.14 -13.13 -22.14
CA LEU B 173 -37.69 -13.18 -20.76
C LEU B 173 -37.21 -11.81 -20.29
N VAL B 174 -36.53 -11.07 -21.16
CA VAL B 174 -36.12 -9.72 -20.81
C VAL B 174 -37.34 -8.83 -20.58
N TRP B 175 -38.35 -8.95 -21.44
CA TRP B 175 -39.56 -8.17 -21.27
C TRP B 175 -40.28 -8.52 -19.97
N PHE B 176 -40.31 -9.81 -19.63
CA PHE B 176 -40.93 -10.23 -18.38
C PHE B 176 -40.18 -9.70 -17.17
N LEU B 177 -38.84 -9.72 -17.22
CA LEU B 177 -38.07 -9.17 -16.11
C LEU B 177 -38.32 -7.67 -15.97
N TYR B 178 -38.43 -6.95 -17.10
CA TYR B 178 -38.76 -5.54 -17.01
C TYR B 178 -40.13 -5.35 -16.39
N ARG B 179 -41.11 -6.16 -16.81
CA ARG B 179 -42.45 -6.05 -16.24
C ARG B 179 -42.43 -6.27 -14.73
N TRP B 180 -41.74 -7.33 -14.29
CA TRP B 180 -41.67 -7.63 -12.86
C TRP B 180 -40.95 -6.54 -12.07
N LYS B 181 -39.85 -6.00 -12.61
CA LYS B 181 -39.14 -4.93 -11.94
C LYS B 181 -40.02 -3.70 -11.77
N THR B 182 -40.72 -3.30 -12.83
CA THR B 182 -41.60 -2.14 -12.71
C THR B 182 -42.73 -2.39 -11.72
N ASN B 183 -43.29 -3.59 -11.71
CA ASN B 183 -44.35 -3.89 -10.76
C ASN B 183 -43.84 -3.79 -9.32
N VAL B 184 -42.67 -4.35 -9.04
CA VAL B 184 -42.15 -4.34 -7.69
C VAL B 184 -41.83 -2.95 -7.15
N ILE B 185 -41.11 -2.14 -7.93
CA ILE B 185 -40.76 -0.81 -7.42
C ILE B 185 -41.88 0.20 -7.68
N THR B 186 -43.02 -0.29 -8.18
CA THR B 186 -44.21 0.55 -8.25
C THR B 186 -44.96 0.07 -7.01
N ARG B 187 -44.93 -1.23 -6.73
CA ARG B 187 -45.50 -1.72 -5.47
C ARG B 187 -44.85 -1.15 -4.17
N MET B 188 -43.51 -1.07 -4.18
CA MET B 188 -42.82 -0.30 -3.16
C MET B 188 -43.02 1.20 -2.98
N LEU B 189 -43.44 1.88 -4.04
CA LEU B 189 -43.77 3.30 -3.99
C LEU B 189 -45.27 3.53 -3.75
N SER B 190 -46.02 2.46 -3.46
CA SER B 190 -47.45 2.55 -3.16
C SER B 190 -47.67 2.19 -1.70
N ALA B 191 -46.74 2.58 -0.82
CA ALA B 191 -46.88 2.32 0.60
C ALA B 191 -46.82 3.61 1.39
N ASP B 198 -38.02 7.01 2.69
CA ASP B 198 -37.73 5.75 2.02
C ASP B 198 -38.28 5.78 0.60
N ARG B 199 -38.18 6.94 -0.05
CA ARG B 199 -38.62 7.08 -1.43
C ARG B 199 -37.49 7.31 -2.41
N GLU B 200 -36.51 8.15 -2.11
CA GLU B 200 -35.37 8.32 -3.01
C GLU B 200 -34.56 7.03 -3.08
N LYS B 201 -34.63 6.20 -2.03
CA LYS B 201 -34.07 4.86 -2.11
C LYS B 201 -34.73 4.05 -3.20
N VAL B 202 -36.06 4.14 -3.31
CA VAL B 202 -36.77 3.40 -4.35
C VAL B 202 -36.42 3.92 -5.72
N LEU B 203 -36.24 5.23 -5.87
CA LEU B 203 -35.85 5.79 -7.17
C LEU B 203 -34.44 5.34 -7.55
N THR B 204 -33.52 5.33 -6.59
CA THR B 204 -32.17 4.86 -6.87
C THR B 204 -32.18 3.38 -7.25
N LEU B 205 -32.95 2.57 -6.53
CA LEU B 205 -33.06 1.15 -6.87
C LEU B 205 -33.62 0.98 -8.27
N ASP B 206 -34.64 1.77 -8.63
CA ASP B 206 -35.22 1.67 -9.96
C ASP B 206 -34.19 2.00 -11.04
N LYS B 207 -33.44 3.09 -10.85
CA LYS B 207 -32.45 3.48 -11.86
C LYS B 207 -31.35 2.45 -11.99
N VAL B 208 -30.82 1.96 -10.86
CA VAL B 208 -29.74 0.98 -10.90
C VAL B 208 -30.22 -0.32 -11.53
N SER B 209 -31.44 -0.75 -11.20
CA SER B 209 -31.96 -1.98 -11.77
C SER B 209 -32.22 -1.83 -13.26
N SER B 210 -32.66 -0.66 -13.71
CA SER B 210 -32.84 -0.45 -15.15
C SER B 210 -31.51 -0.48 -15.88
N VAL B 211 -30.47 0.12 -15.29
CA VAL B 211 -29.14 0.05 -15.90
C VAL B 211 -28.69 -1.41 -16.02
N GLY B 212 -28.77 -2.16 -14.92
CA GLY B 212 -28.34 -3.55 -14.95
C GLY B 212 -29.14 -4.39 -15.94
N LEU B 213 -30.45 -4.17 -16.00
CA LEU B 213 -31.29 -4.95 -16.90
C LEU B 213 -31.00 -4.61 -18.35
N PHE B 214 -30.75 -3.33 -18.65
CA PHE B 214 -30.37 -2.97 -20.01
C PHE B 214 -29.07 -3.65 -20.41
N ALA B 215 -28.08 -3.65 -19.51
CA ALA B 215 -26.81 -4.33 -19.82
C ALA B 215 -27.03 -5.80 -20.10
N ILE B 216 -27.73 -6.50 -19.19
CA ILE B 216 -27.93 -7.93 -19.34
C ILE B 216 -28.73 -8.25 -20.59
N GLY B 217 -29.78 -7.47 -20.87
CA GLY B 217 -30.59 -7.72 -22.04
C GLY B 217 -29.84 -7.48 -23.33
N LEU B 218 -29.01 -6.44 -23.37
CA LEU B 218 -28.21 -6.20 -24.56
C LEU B 218 -27.25 -7.34 -24.81
N MET B 219 -26.54 -7.79 -23.77
CA MET B 219 -25.62 -8.91 -23.93
C MET B 219 -26.36 -10.15 -24.44
N ALA B 220 -27.46 -10.51 -23.78
CA ALA B 220 -28.16 -11.75 -24.13
C ALA B 220 -28.79 -11.68 -25.51
N SER B 221 -29.30 -10.51 -25.92
CA SER B 221 -29.91 -10.39 -27.24
C SER B 221 -28.85 -10.42 -28.33
N ALA B 222 -27.72 -9.75 -28.12
CA ALA B 222 -26.63 -9.83 -29.09
C ALA B 222 -26.09 -11.24 -29.21
N GLU B 223 -26.14 -12.02 -28.14
CA GLU B 223 -25.71 -13.41 -28.23
C GLU B 223 -26.75 -14.31 -28.86
N ALA B 224 -28.03 -14.02 -28.68
CA ALA B 224 -29.07 -14.82 -29.31
C ALA B 224 -29.14 -14.57 -30.81
N CYS B 225 -29.09 -13.30 -31.22
CA CYS B 225 -29.11 -12.99 -32.64
C CYS B 225 -27.85 -13.51 -33.34
N GLY B 226 -26.69 -13.27 -32.74
CA GLY B 226 -25.43 -13.70 -33.31
C GLY B 226 -24.58 -12.60 -33.89
N VAL B 227 -24.95 -11.34 -33.70
CA VAL B 227 -24.23 -10.21 -34.29
C VAL B 227 -23.28 -9.66 -33.25
N ALA B 228 -21.98 -9.71 -33.56
CA ALA B 228 -20.92 -9.18 -32.70
C ALA B 228 -21.05 -9.73 -31.28
N VAL B 229 -20.94 -11.04 -31.18
CA VAL B 229 -21.06 -11.69 -29.87
C VAL B 229 -19.85 -11.38 -29.01
N GLN B 230 -18.66 -11.73 -29.49
CA GLN B 230 -17.47 -11.63 -28.64
C GLN B 230 -17.10 -10.19 -28.37
N SER B 231 -17.34 -9.28 -29.31
CA SER B 231 -17.04 -7.87 -29.08
C SER B 231 -17.87 -7.31 -27.94
N ILE B 232 -19.20 -7.48 -28.00
CA ILE B 232 -20.07 -6.94 -26.97
C ILE B 232 -19.85 -7.65 -25.65
N LEU B 233 -19.57 -8.95 -25.71
CA LEU B 233 -19.31 -9.69 -24.47
C LEU B 233 -18.01 -9.23 -23.81
N THR B 234 -16.99 -8.90 -24.61
CA THR B 234 -15.75 -8.37 -24.05
C THR B 234 -15.97 -7.00 -23.43
N VAL B 235 -16.73 -6.14 -24.11
CA VAL B 235 -17.06 -4.84 -23.54
C VAL B 235 -17.78 -5.01 -22.21
N GLY B 236 -18.80 -5.87 -22.18
CA GLY B 236 -19.52 -6.12 -20.95
C GLY B 236 -18.67 -6.71 -19.86
N GLY B 237 -17.71 -7.56 -20.22
CA GLY B 237 -16.84 -8.15 -19.21
C GLY B 237 -15.88 -7.15 -18.60
N VAL B 238 -15.33 -6.25 -19.42
CA VAL B 238 -14.43 -5.25 -18.86
C VAL B 238 -15.21 -4.22 -18.05
N GLY B 239 -16.44 -3.90 -18.46
CA GLY B 239 -17.29 -3.07 -17.62
C GLY B 239 -17.63 -3.75 -16.31
N GLY B 240 -17.89 -5.05 -16.36
CA GLY B 240 -18.19 -5.77 -15.13
C GLY B 240 -17.01 -5.82 -14.17
N VAL B 241 -15.81 -5.98 -14.69
CA VAL B 241 -14.66 -6.02 -13.78
C VAL B 241 -14.30 -4.62 -13.29
N ALA B 242 -14.51 -3.58 -14.10
CA ALA B 242 -14.42 -2.22 -13.60
C ALA B 242 -15.34 -2.02 -12.42
N THR B 243 -16.62 -2.35 -12.59
CA THR B 243 -17.58 -2.18 -11.50
C THR B 243 -17.27 -3.09 -10.32
N ALA B 244 -16.69 -4.26 -10.56
CA ALA B 244 -16.45 -5.21 -9.49
C ALA B 244 -15.24 -4.86 -8.66
N PHE B 245 -14.26 -4.15 -9.22
CA PHE B 245 -13.20 -3.64 -8.37
C PHE B 245 -13.53 -2.29 -7.78
N ALA B 246 -14.28 -1.45 -8.50
CA ALA B 246 -14.74 -0.19 -7.93
C ALA B 246 -15.63 -0.39 -6.71
N ALA B 247 -16.26 -1.55 -6.57
CA ALA B 247 -17.18 -1.84 -5.48
C ALA B 247 -16.59 -2.78 -4.44
N ARG B 248 -15.26 -2.76 -4.28
CA ARG B 248 -14.64 -3.67 -3.33
C ARG B 248 -14.90 -3.26 -1.89
N ASP B 249 -15.17 -1.97 -1.66
CA ASP B 249 -15.38 -1.47 -0.30
C ASP B 249 -16.79 -1.79 0.20
N ILE B 250 -17.80 -1.57 -0.64
CA ILE B 250 -19.17 -1.93 -0.26
C ILE B 250 -19.27 -3.43 -0.02
N LEU B 251 -18.66 -4.22 -0.88
CA LEU B 251 -18.69 -5.68 -0.72
C LEU B 251 -17.90 -6.10 0.50
N GLY B 252 -16.75 -5.46 0.76
CA GLY B 252 -16.03 -5.74 1.98
C GLY B 252 -16.86 -5.47 3.22
N ASN B 253 -17.56 -4.34 3.24
CA ASN B 253 -18.40 -4.00 4.39
C ASN B 253 -19.50 -5.04 4.58
N VAL B 254 -20.14 -5.48 3.50
CA VAL B 254 -21.23 -6.43 3.64
C VAL B 254 -20.72 -7.79 4.11
N LEU B 255 -19.65 -8.29 3.48
CA LEU B 255 -19.12 -9.60 3.86
C LEU B 255 -18.56 -9.59 5.28
N SER B 256 -17.93 -8.49 5.69
CA SER B 256 -17.46 -8.41 7.07
C SER B 256 -18.61 -8.26 8.05
N GLY B 257 -19.70 -7.62 7.66
CA GLY B 257 -20.88 -7.61 8.51
C GLY B 257 -21.44 -9.00 8.74
N LEU B 258 -21.47 -9.82 7.69
CA LEU B 258 -21.92 -11.21 7.85
C LEU B 258 -20.95 -12.01 8.72
N SER B 259 -19.65 -11.90 8.44
CA SER B 259 -18.65 -12.60 9.24
C SER B 259 -18.75 -12.21 10.71
N MET B 260 -19.06 -10.95 10.99
CA MET B 260 -19.26 -10.52 12.38
C MET B 260 -20.58 -11.06 12.93
N GLN B 261 -21.59 -11.24 12.08
CA GLN B 261 -22.81 -11.90 12.52
C GLN B 261 -22.55 -13.34 12.94
N PHE B 262 -21.48 -13.96 12.45
CA PHE B 262 -21.16 -15.31 12.89
C PHE B 262 -20.33 -15.32 14.18
N SER B 263 -19.14 -14.72 14.13
CA SER B 263 -18.26 -14.67 15.30
C SER B 263 -18.42 -13.31 15.96
N ARG B 264 -19.37 -13.22 16.88
CA ARG B 264 -19.73 -11.95 17.47
C ARG B 264 -18.60 -11.41 18.34
N PRO B 265 -17.92 -10.34 17.93
CA PRO B 265 -16.82 -9.82 18.74
C PRO B 265 -17.28 -8.81 19.78
N PHE B 266 -18.53 -8.39 19.69
CA PHE B 266 -19.12 -7.47 20.66
C PHE B 266 -20.63 -7.49 20.49
N SER B 267 -21.32 -6.85 21.43
CA SER B 267 -22.76 -6.76 21.42
C SER B 267 -23.18 -5.34 21.75
N MET B 268 -24.48 -5.09 21.67
CA MET B 268 -25.01 -3.74 21.81
C MET B 268 -24.77 -3.22 23.22
N GLY B 269 -24.06 -2.11 23.33
CA GLY B 269 -23.76 -1.51 24.60
C GLY B 269 -22.33 -1.68 25.05
N ASP B 270 -21.60 -2.62 24.46
CA ASP B 270 -20.21 -2.86 24.84
C ASP B 270 -19.35 -1.66 24.48
N THR B 271 -18.35 -1.39 25.30
CA THR B 271 -17.38 -0.34 25.05
C THR B 271 -16.19 -0.96 24.33
N ILE B 272 -16.08 -0.73 23.02
CA ILE B 272 -15.03 -1.34 22.24
C ILE B 272 -14.04 -0.28 21.79
N LYS B 273 -12.89 -0.74 21.33
CA LYS B 273 -11.86 0.11 20.73
C LYS B 273 -11.35 -0.61 19.50
N ALA B 274 -11.64 -0.05 18.33
CA ALA B 274 -11.25 -0.62 17.06
C ALA B 274 -10.26 0.32 16.40
N GLY B 275 -8.99 -0.08 16.39
CA GLY B 275 -7.96 0.75 15.80
C GLY B 275 -7.89 2.13 16.42
N SER B 276 -8.32 3.13 15.66
CA SER B 276 -8.26 4.52 16.09
C SER B 276 -9.53 5.01 16.76
N VAL B 277 -10.62 4.26 16.68
CA VAL B 277 -11.89 4.72 17.23
C VAL B 277 -12.20 3.93 18.48
N GLU B 278 -12.95 4.54 19.38
CA GLU B 278 -13.34 3.86 20.60
C GLU B 278 -14.63 4.44 21.13
N GLY B 279 -15.51 3.58 21.62
CA GLY B 279 -16.73 4.07 22.22
C GLY B 279 -17.71 2.96 22.46
N GLN B 280 -18.92 3.36 22.86
CA GLN B 280 -20.00 2.43 23.17
C GLN B 280 -20.79 2.10 21.92
N VAL B 281 -21.02 0.81 21.69
CA VAL B 281 -21.79 0.37 20.53
C VAL B 281 -23.24 0.79 20.72
N ILE B 282 -23.78 1.55 19.75
CA ILE B 282 -25.16 2.02 19.82
C ILE B 282 -26.00 1.51 18.66
N GLU B 283 -25.40 0.84 17.68
CA GLU B 283 -26.14 0.31 16.55
C GLU B 283 -25.24 -0.63 15.78
N MET B 284 -25.77 -1.77 15.38
CA MET B 284 -25.02 -2.76 14.60
C MET B 284 -25.79 -3.04 13.33
N GLY B 285 -25.17 -2.76 12.19
CA GLY B 285 -25.81 -2.96 10.90
C GLY B 285 -25.08 -3.96 10.05
N LEU B 286 -25.39 -4.00 8.76
CA LEU B 286 -24.71 -4.95 7.88
C LEU B 286 -23.49 -4.34 7.20
N THR B 287 -23.50 -3.04 6.92
CA THR B 287 -22.34 -2.40 6.31
C THR B 287 -21.63 -1.41 7.22
N THR B 288 -22.23 -0.99 8.33
CA THR B 288 -21.60 -0.06 9.25
C THR B 288 -22.04 -0.36 10.67
N THR B 289 -21.15 -0.08 11.61
CA THR B 289 -21.43 -0.07 13.04
C THR B 289 -21.42 1.37 13.54
N SER B 290 -22.21 1.66 14.56
CA SER B 290 -22.30 3.01 15.11
C SER B 290 -21.81 2.99 16.55
N LEU B 291 -20.86 3.87 16.85
CA LEU B 291 -20.31 4.00 18.20
C LEU B 291 -20.65 5.37 18.76
N LEU B 292 -20.41 5.52 20.04
CA LEU B 292 -20.48 6.81 20.74
C LEU B 292 -19.13 7.01 21.41
N ASN B 293 -18.35 7.95 20.90
CA ASN B 293 -16.95 8.08 21.31
C ASN B 293 -16.85 8.89 22.60
N ALA B 294 -15.62 9.29 22.95
CA ALA B 294 -15.38 9.88 24.26
C ALA B 294 -15.96 11.27 24.41
N GLU B 295 -16.12 11.99 23.31
CA GLU B 295 -16.80 13.29 23.33
C GLU B 295 -18.30 13.16 23.17
N LYS B 296 -18.81 11.93 23.06
CA LYS B 296 -20.23 11.62 23.06
C LYS B 296 -20.91 12.03 21.76
N PHE B 297 -20.19 11.90 20.64
CA PHE B 297 -20.54 12.05 19.22
C PHE B 297 -20.80 10.69 18.60
N PRO B 298 -21.78 10.54 17.71
CA PRO B 298 -21.98 9.25 17.05
C PRO B 298 -21.02 9.06 15.89
N VAL B 299 -20.19 8.03 15.98
CA VAL B 299 -19.22 7.67 14.94
C VAL B 299 -19.80 6.53 14.12
N LEU B 300 -19.44 6.49 12.83
CA LEU B 300 -19.94 5.50 11.90
C LEU B 300 -18.75 4.76 11.29
N VAL B 301 -18.54 3.53 11.72
CA VAL B 301 -17.36 2.74 11.36
C VAL B 301 -17.76 1.76 10.27
N PRO B 302 -17.12 1.78 9.10
CA PRO B 302 -17.38 0.74 8.11
C PRO B 302 -16.95 -0.62 8.60
N ASN B 303 -17.80 -1.62 8.36
CA ASN B 303 -17.60 -2.95 8.93
C ASN B 303 -16.37 -3.68 8.38
N SER B 304 -15.70 -3.14 7.37
CA SER B 304 -14.49 -3.78 6.88
C SER B 304 -13.29 -3.44 7.72
N LEU B 305 -13.46 -2.65 8.78
CA LEU B 305 -12.38 -2.32 9.71
C LEU B 305 -12.30 -3.29 10.87
N PHE B 306 -13.33 -4.11 11.09
CA PHE B 306 -13.34 -5.08 12.15
C PHE B 306 -12.81 -6.44 11.72
N SER B 307 -12.34 -6.55 10.49
CA SER B 307 -11.75 -7.80 10.01
C SER B 307 -10.25 -7.70 9.79
N SER B 308 -9.70 -6.50 9.66
CA SER B 308 -8.28 -6.31 9.44
C SER B 308 -7.55 -5.75 10.65
N GLN B 309 -8.27 -5.38 11.70
CA GLN B 309 -7.69 -4.76 12.88
C GLN B 309 -8.14 -5.49 14.14
N VAL B 310 -7.40 -5.25 15.23
CA VAL B 310 -7.72 -5.87 16.51
C VAL B 310 -8.82 -5.07 17.19
N ILE B 311 -9.64 -5.76 17.96
CA ILE B 311 -10.77 -5.16 18.66
C ILE B 311 -10.56 -5.36 20.15
N VAL B 312 -10.55 -4.29 20.91
CA VAL B 312 -10.42 -4.38 22.35
C VAL B 312 -11.82 -4.22 22.95
N ASN B 313 -12.21 -5.15 23.80
CA ASN B 313 -13.54 -5.15 24.40
C ASN B 313 -13.40 -4.78 25.87
N LYS B 314 -13.66 -3.51 26.17
CA LYS B 314 -13.50 -3.00 27.53
C LYS B 314 -14.66 -3.37 28.43
N SER B 315 -15.65 -4.11 27.93
CA SER B 315 -16.81 -4.47 28.73
C SER B 315 -16.81 -5.94 29.13
N ARG B 316 -15.82 -6.72 28.70
CA ARG B 316 -15.73 -8.12 29.06
C ARG B 316 -14.56 -8.42 29.99
N ALA B 317 -13.88 -7.40 30.48
CA ALA B 317 -12.80 -7.60 31.43
C ALA B 317 -13.35 -8.06 32.77
N GLN B 318 -12.67 -9.03 33.37
CA GLN B 318 -13.07 -9.58 34.67
C GLN B 318 -12.28 -9.02 35.84
N TRP B 319 -11.13 -8.41 35.59
CA TRP B 319 -10.41 -7.67 36.62
C TRP B 319 -9.62 -6.58 35.92
N ARG B 320 -9.39 -5.49 36.64
CA ARG B 320 -8.68 -4.34 36.11
C ARG B 320 -7.23 -4.38 36.59
N ALA B 321 -6.43 -3.46 36.08
CA ALA B 321 -5.02 -3.38 36.45
C ALA B 321 -4.60 -1.92 36.43
N ILE B 322 -4.12 -1.42 37.56
CA ILE B 322 -3.64 -0.05 37.65
C ILE B 322 -2.13 -0.07 37.82
N ALA B 323 -1.48 0.99 37.36
CA ALA B 323 -0.04 1.16 37.47
C ALA B 323 0.29 2.65 37.45
N SER B 324 1.18 3.06 38.35
CA SER B 324 1.57 4.46 38.46
C SER B 324 3.04 4.55 38.79
N LYS B 325 3.57 5.77 38.72
CA LYS B 325 4.97 6.04 39.02
C LYS B 325 5.06 7.23 39.95
N ILE B 326 5.80 7.07 41.03
CA ILE B 326 5.95 8.11 42.04
C ILE B 326 7.41 8.54 42.07
N PRO B 327 7.72 9.83 41.90
CA PRO B 327 9.10 10.29 42.05
C PRO B 327 9.40 10.71 43.49
N LEU B 328 10.59 10.36 43.94
CA LEU B 328 11.04 10.57 45.31
C LEU B 328 12.31 11.41 45.29
N GLN B 329 12.40 12.35 46.21
CA GLN B 329 13.61 13.14 46.43
C GLN B 329 14.33 12.52 47.61
N ILE B 330 15.25 11.59 47.32
CA ILE B 330 15.88 10.79 48.35
C ILE B 330 17.37 10.66 48.04
N ASP B 331 18.20 10.79 49.07
CA ASP B 331 19.63 10.58 48.96
C ASP B 331 20.11 9.36 49.72
N ASP B 332 19.40 8.96 50.78
CA ASP B 332 19.71 7.75 51.53
C ASP B 332 18.81 6.64 51.01
N LEU B 333 19.25 5.99 49.93
CA LEU B 333 18.49 4.90 49.35
C LEU B 333 18.42 3.67 50.25
N ASP B 334 19.08 3.69 51.41
CA ASP B 334 19.05 2.56 52.33
C ASP B 334 17.65 2.24 52.83
N MET B 335 16.67 3.10 52.57
CA MET B 335 15.29 2.86 52.97
C MET B 335 14.36 2.72 51.76
N ILE B 336 14.90 2.45 50.58
CA ILE B 336 14.06 2.16 49.42
C ILE B 336 13.47 0.76 49.53
N PRO B 337 14.22 -0.26 50.01
CA PRO B 337 13.58 -1.56 50.24
C PRO B 337 12.39 -1.49 51.18
N GLN B 338 12.61 -0.99 52.41
CA GLN B 338 11.55 -0.95 53.42
C GLN B 338 10.27 -0.36 52.85
N ILE B 339 10.33 0.91 52.43
CA ILE B 339 9.22 1.61 51.81
C ILE B 339 8.54 0.68 50.81
N SER B 340 9.32 0.16 49.87
CA SER B 340 8.77 -0.70 48.82
C SER B 340 7.93 -1.81 49.43
N ASN B 341 8.53 -2.60 50.32
CA ASN B 341 7.80 -3.70 50.94
C ASN B 341 6.53 -3.21 51.60
N GLU B 342 6.63 -2.12 52.37
CA GLU B 342 5.47 -1.60 53.07
C GLU B 342 4.35 -1.31 52.09
N ILE B 343 4.68 -0.64 50.98
CA ILE B 343 3.66 -0.30 50.00
C ILE B 343 2.99 -1.57 49.51
N LYS B 344 3.77 -2.59 49.16
CA LYS B 344 3.18 -3.82 48.69
C LYS B 344 2.24 -4.41 49.73
N GLU B 345 2.65 -4.37 51.00
CA GLU B 345 1.78 -4.86 52.06
C GLU B 345 0.46 -4.10 52.00
N MET B 346 0.52 -2.79 51.83
CA MET B 346 -0.68 -1.97 51.75
C MET B 346 -1.56 -2.41 50.60
N LEU B 347 -0.97 -2.74 49.46
CA LEU B 347 -1.76 -3.18 48.31
C LEU B 347 -2.36 -4.56 48.47
N ARG B 348 -1.80 -5.40 49.34
CA ARG B 348 -2.43 -6.69 49.60
C ARG B 348 -3.45 -6.62 50.72
N SER B 349 -3.32 -5.63 51.60
CA SER B 349 -4.27 -5.45 52.69
C SER B 349 -5.44 -4.56 52.30
N ASN B 350 -5.54 -4.22 51.02
CA ASN B 350 -6.60 -3.37 50.51
C ASN B 350 -7.67 -4.25 49.89
N THR B 351 -8.92 -4.04 50.27
CA THR B 351 -10.00 -4.62 49.50
C THR B 351 -10.02 -4.00 48.12
N LYS B 352 -10.72 -4.63 47.20
CA LYS B 352 -10.75 -4.23 45.79
C LYS B 352 -9.44 -4.49 45.08
N VAL B 353 -8.59 -5.37 45.60
CA VAL B 353 -7.44 -5.87 44.84
C VAL B 353 -7.67 -7.35 44.58
N PHE B 354 -7.05 -7.83 43.50
CA PHE B 354 -7.25 -9.18 43.00
C PHE B 354 -5.93 -9.91 43.10
N LEU B 355 -5.83 -10.83 44.06
CA LEU B 355 -4.61 -11.59 44.30
C LEU B 355 -4.64 -12.96 43.63
N GLY B 356 -5.36 -13.08 42.51
CA GLY B 356 -5.50 -14.38 41.87
C GLY B 356 -4.45 -14.67 40.83
N LYS B 357 -4.03 -13.66 40.08
CA LYS B 357 -3.07 -13.86 39.00
C LYS B 357 -1.68 -13.34 39.33
N GLU B 358 -1.56 -12.05 39.66
CA GLU B 358 -0.26 -11.43 39.86
C GLU B 358 -0.24 -10.70 41.19
N ALA B 359 0.89 -10.64 41.77
CA ALA B 359 1.04 -9.96 43.04
C ALA B 359 1.32 -8.49 42.84
N PRO B 360 0.88 -7.64 43.76
CA PRO B 360 1.23 -6.22 43.68
C PRO B 360 2.73 -6.02 43.68
N HIS B 361 3.19 -5.06 42.90
CA HIS B 361 4.60 -4.77 42.78
C HIS B 361 4.88 -3.31 43.07
N CYS B 362 6.08 -3.04 43.58
CA CYS B 362 6.56 -1.68 43.76
C CYS B 362 8.09 -1.76 43.78
N TYR B 363 8.71 -1.41 42.67
CA TYR B 363 10.14 -1.54 42.52
C TYR B 363 10.75 -0.21 42.08
N LEU B 364 12.06 -0.11 42.27
CA LEU B 364 12.81 1.08 41.88
C LEU B 364 13.18 0.97 40.41
N SER B 365 12.60 1.85 39.59
CA SER B 365 12.81 1.74 38.15
C SER B 365 13.94 2.62 37.63
N ARG B 366 14.24 3.72 38.30
CA ARG B 366 15.40 4.53 37.91
C ARG B 366 15.81 5.41 39.07
N VAL B 367 17.11 5.71 39.12
CA VAL B 367 17.69 6.51 40.19
C VAL B 367 18.46 7.66 39.55
N GLU B 368 18.75 8.68 40.36
CA GLU B 368 19.39 9.90 39.91
C GLU B 368 19.71 10.74 41.14
N LYS B 369 20.40 11.86 40.92
CA LYS B 369 20.87 12.69 42.01
C LYS B 369 19.72 13.21 42.87
N SER B 370 19.63 12.72 44.10
CA SER B 370 18.54 13.06 45.01
C SER B 370 17.19 12.80 44.36
N PHE B 371 17.11 11.71 43.60
CA PHE B 371 15.91 11.40 42.83
C PHE B 371 15.81 9.90 42.64
N ALA B 372 14.59 9.40 42.70
CA ALA B 372 14.32 7.98 42.47
C ALA B 372 12.90 7.87 41.93
N GLU B 373 12.59 6.77 41.27
CA GLU B 373 11.26 6.56 40.71
C GLU B 373 10.77 5.18 41.11
N LEU B 374 9.65 5.13 41.82
CA LEU B 374 9.01 3.88 42.20
C LEU B 374 7.88 3.59 41.24
N THR B 375 7.85 2.37 40.70
CA THR B 375 6.79 1.93 39.81
C THR B 375 5.87 1.01 40.58
N ILE B 376 4.64 1.47 40.81
CA ILE B 376 3.66 0.74 41.60
C ILE B 376 2.62 0.18 40.65
N GLY B 377 2.00 -0.92 41.05
CA GLY B 377 0.94 -1.50 40.24
C GLY B 377 0.29 -2.66 40.95
N CYS B 378 -0.94 -2.93 40.54
CA CYS B 378 -1.70 -4.04 41.09
C CYS B 378 -2.88 -4.33 40.19
N ASN B 379 -3.56 -5.43 40.48
CA ASN B 379 -4.83 -5.78 39.86
C ASN B 379 -5.96 -5.46 40.81
N LEU B 380 -7.10 -5.07 40.26
CA LEU B 380 -8.28 -4.71 41.00
C LEU B 380 -9.43 -5.61 40.59
N ILE B 381 -10.39 -5.78 41.50
CA ILE B 381 -11.55 -6.62 41.22
C ILE B 381 -12.39 -5.94 40.15
N ARG B 382 -13.34 -6.68 39.59
CA ARG B 382 -14.23 -6.12 38.57
C ARG B 382 -15.09 -5.04 39.21
N MET B 383 -14.88 -3.80 38.81
CA MET B 383 -15.57 -2.66 39.39
C MET B 383 -16.07 -1.74 38.29
N GLY B 384 -16.84 -0.73 38.68
CA GLY B 384 -17.38 0.24 37.77
C GLY B 384 -16.32 1.16 37.22
N LYS B 385 -16.69 2.39 36.83
CA LYS B 385 -15.70 3.34 36.36
C LYS B 385 -15.48 4.51 37.30
N GLU B 386 -16.45 4.82 38.17
CA GLU B 386 -16.16 5.79 39.22
C GLU B 386 -15.45 5.15 40.39
N GLU B 387 -15.71 3.87 40.64
CA GLU B 387 -14.99 3.17 41.69
C GLU B 387 -13.54 2.93 41.30
N LEU B 388 -13.27 2.76 40.00
CA LEU B 388 -11.89 2.63 39.56
C LEU B 388 -11.10 3.91 39.81
N TYR B 389 -11.72 5.05 39.52
CA TYR B 389 -11.09 6.34 39.80
C TYR B 389 -10.87 6.53 41.30
N ASN B 390 -11.88 6.21 42.10
CA ASN B 390 -11.73 6.36 43.55
C ASN B 390 -10.63 5.47 44.08
N THR B 391 -10.53 4.23 43.58
CA THR B 391 -9.50 3.32 44.04
C THR B 391 -8.11 3.80 43.62
N GLN B 392 -7.97 4.31 42.40
CA GLN B 392 -6.69 4.86 41.97
C GLN B 392 -6.26 5.99 42.88
N GLN B 393 -7.15 6.96 43.13
CA GLN B 393 -6.82 8.08 44.00
C GLN B 393 -6.46 7.61 45.40
N GLU B 394 -7.20 6.64 45.93
CA GLU B 394 -6.96 6.15 47.28
C GLU B 394 -5.61 5.46 47.39
N VAL B 395 -5.28 4.59 46.42
CA VAL B 395 -3.99 3.92 46.41
C VAL B 395 -2.85 4.93 46.31
N LEU B 396 -3.02 5.96 45.48
CA LEU B 396 -1.97 6.96 45.33
C LEU B 396 -1.76 7.74 46.62
N LEU B 397 -2.83 8.12 47.29
CA LEU B 397 -2.70 8.87 48.54
C LEU B 397 -2.08 8.00 49.64
N GLU B 398 -2.49 6.74 49.75
CA GLU B 398 -1.89 5.87 50.75
C GLU B 398 -0.41 5.63 50.49
N ALA B 399 -0.03 5.47 49.22
CA ALA B 399 1.38 5.30 48.89
C ALA B 399 2.19 6.52 49.27
N VAL B 400 1.69 7.72 48.94
CA VAL B 400 2.42 8.92 49.31
C VAL B 400 2.49 9.08 50.82
N LYS B 401 1.45 8.64 51.53
CA LYS B 401 1.47 8.68 53.00
C LYS B 401 2.59 7.78 53.54
N ILE B 402 2.67 6.54 53.06
CA ILE B 402 3.74 5.63 53.47
C ILE B 402 5.10 6.23 53.14
N ILE B 403 5.23 6.85 51.97
CA ILE B 403 6.52 7.41 51.57
C ILE B 403 6.95 8.52 52.51
N LYS B 404 6.03 9.45 52.81
CA LYS B 404 6.37 10.56 53.70
C LYS B 404 6.50 10.12 55.16
N LYS B 405 5.99 8.94 55.51
CA LYS B 405 6.14 8.47 56.88
C LYS B 405 7.59 8.11 57.19
N HIS B 406 8.36 7.68 56.18
CA HIS B 406 9.75 7.30 56.36
C HIS B 406 10.71 8.47 56.21
N GLY B 407 10.21 9.70 56.29
CA GLY B 407 11.07 10.86 56.19
C GLY B 407 11.53 11.22 54.80
N VAL B 408 11.04 10.51 53.79
CA VAL B 408 11.37 10.81 52.41
C VAL B 408 10.37 11.84 51.88
N SER B 409 10.76 12.54 50.81
CA SER B 409 9.90 13.50 50.17
C SER B 409 9.83 13.22 48.68
N LEU B 410 8.79 13.74 48.04
CA LEU B 410 8.60 13.53 46.62
C LEU B 410 9.60 14.35 45.82
N GLY B 411 10.01 13.80 44.68
CA GLY B 411 10.95 14.47 43.80
C GLY B 411 10.25 15.24 42.69
N THR B 412 11.05 15.81 41.81
CA THR B 412 10.57 16.63 40.71
C THR B 412 11.12 16.08 39.41
N THR B 413 10.23 15.61 38.55
CA THR B 413 10.64 15.13 37.23
C THR B 413 11.10 16.29 36.36
N LYS C 125 -38.12 -35.84 4.83
CA LYS C 125 -37.80 -36.15 6.22
C LYS C 125 -36.29 -36.25 6.44
N SER C 126 -35.60 -36.88 5.50
CA SER C 126 -34.16 -37.06 5.60
C SER C 126 -33.49 -36.87 4.24
N PHE C 127 -32.21 -37.25 4.15
CA PHE C 127 -31.55 -37.27 2.86
C PHE C 127 -32.14 -38.33 1.94
N TRP C 128 -32.62 -39.43 2.51
CA TRP C 128 -33.15 -40.52 1.70
C TRP C 128 -34.35 -40.06 0.88
N GLY C 129 -35.30 -39.38 1.51
CA GLY C 129 -36.44 -38.87 0.76
C GLY C 129 -36.07 -37.71 -0.15
N ALA C 130 -35.21 -36.81 0.33
CA ALA C 130 -34.73 -35.70 -0.47
C ALA C 130 -34.01 -36.14 -1.73
N LEU C 131 -33.53 -37.38 -1.77
CA LEU C 131 -32.97 -37.94 -2.99
C LEU C 131 -33.92 -38.74 -3.86
N GLU C 132 -34.68 -39.62 -3.23
CA GLU C 132 -35.58 -40.50 -3.95
C GLU C 132 -36.70 -39.78 -4.67
N ASP C 133 -37.11 -38.63 -4.16
CA ASP C 133 -38.24 -37.96 -4.81
C ASP C 133 -37.70 -37.43 -6.14
N PRO C 134 -36.62 -36.63 -6.14
CA PRO C 134 -36.10 -36.16 -7.44
C PRO C 134 -35.56 -37.29 -8.31
N ALA C 135 -34.96 -38.33 -7.71
CA ALA C 135 -34.45 -39.43 -8.52
C ALA C 135 -35.57 -40.17 -9.22
N ARG C 136 -36.68 -40.43 -8.51
CA ARG C 136 -37.81 -41.09 -9.15
C ARG C 136 -38.48 -40.20 -10.19
N TYR C 137 -38.58 -38.88 -9.93
CA TYR C 137 -39.11 -37.99 -10.94
C TYR C 137 -38.25 -38.00 -12.20
N LEU C 138 -36.93 -37.96 -12.03
CA LEU C 138 -36.02 -37.94 -13.18
C LEU C 138 -36.08 -39.24 -13.96
N VAL C 139 -36.11 -40.39 -13.27
CA VAL C 139 -36.20 -41.65 -13.98
C VAL C 139 -37.52 -41.74 -14.73
N THR C 140 -38.61 -41.31 -14.10
CA THR C 140 -39.90 -41.27 -14.78
C THR C 140 -39.83 -40.41 -16.04
N PHE C 141 -39.21 -39.24 -15.95
CA PHE C 141 -39.20 -38.33 -17.09
C PHE C 141 -38.34 -38.87 -18.23
N ILE C 142 -37.20 -39.47 -17.92
CA ILE C 142 -36.35 -39.97 -18.99
C ILE C 142 -36.98 -41.22 -19.62
N ALA C 143 -37.65 -42.06 -18.83
CA ALA C 143 -38.34 -43.21 -19.40
C ALA C 143 -39.51 -42.75 -20.26
N PHE C 144 -40.18 -41.67 -19.87
CA PHE C 144 -41.22 -41.10 -20.73
C PHE C 144 -40.63 -40.60 -22.04
N ALA C 145 -39.53 -39.86 -21.97
CA ALA C 145 -38.95 -39.26 -23.18
C ALA C 145 -38.44 -40.33 -24.13
N GLN C 146 -37.93 -41.44 -23.61
CA GLN C 146 -37.40 -42.48 -24.49
C GLN C 146 -38.47 -43.04 -25.41
N ILE C 147 -39.65 -43.36 -24.87
CA ILE C 147 -40.72 -43.91 -25.70
C ILE C 147 -41.55 -42.77 -26.27
N ALA C 148 -41.20 -41.53 -25.93
CA ALA C 148 -41.77 -40.39 -26.64
C ALA C 148 -41.00 -40.08 -27.92
N ALA C 149 -39.74 -40.50 -28.00
CA ALA C 149 -38.95 -40.32 -29.21
C ALA C 149 -38.89 -41.56 -30.11
N MET C 150 -38.91 -42.76 -29.53
CA MET C 150 -38.87 -43.97 -30.34
C MET C 150 -40.12 -44.13 -31.20
N VAL C 151 -41.29 -44.14 -30.57
CA VAL C 151 -42.54 -44.28 -31.30
C VAL C 151 -43.32 -42.96 -31.29
N ALA C 158 -36.96 -33.29 -33.84
CA ALA C 158 -37.78 -34.20 -33.04
C ALA C 158 -36.91 -35.09 -32.15
N GLN C 159 -35.64 -35.25 -32.53
CA GLN C 159 -34.69 -36.05 -31.77
C GLN C 159 -33.76 -35.12 -31.00
N TYR C 160 -34.22 -34.70 -29.82
CA TYR C 160 -33.44 -33.88 -28.91
C TYR C 160 -33.48 -34.56 -27.54
N PHE C 161 -33.07 -35.82 -27.52
CA PHE C 161 -33.10 -36.62 -26.30
C PHE C 161 -32.02 -36.07 -25.37
N SER C 162 -30.84 -35.77 -25.91
CA SER C 162 -29.74 -35.28 -25.09
C SER C 162 -30.04 -33.95 -24.42
N PRO C 163 -30.50 -32.90 -25.12
CA PRO C 163 -30.74 -31.63 -24.43
C PRO C 163 -31.79 -31.74 -23.33
N THR C 164 -32.91 -32.42 -23.61
CA THR C 164 -33.97 -32.52 -22.62
C THR C 164 -33.55 -33.38 -21.44
N VAL C 165 -32.78 -34.45 -21.70
CA VAL C 165 -32.34 -35.30 -20.61
C VAL C 165 -31.33 -34.57 -19.72
N LYS C 166 -30.42 -33.81 -20.33
CA LYS C 166 -29.47 -33.05 -19.51
C LYS C 166 -30.17 -31.96 -18.72
N GLY C 167 -31.15 -31.29 -19.34
CA GLY C 167 -31.92 -30.30 -18.61
C GLY C 167 -32.67 -30.90 -17.44
N ALA C 168 -33.25 -32.09 -17.63
CA ALA C 168 -33.96 -32.75 -16.54
C ALA C 168 -33.00 -33.15 -15.43
N VAL C 169 -31.82 -33.64 -15.78
CA VAL C 169 -30.84 -34.00 -14.75
C VAL C 169 -30.43 -32.77 -13.96
N ILE C 170 -30.17 -31.66 -14.64
CA ILE C 170 -29.74 -30.45 -13.94
C ILE C 170 -30.82 -29.93 -13.02
N LEU C 171 -32.06 -29.85 -13.53
CA LEU C 171 -33.13 -29.29 -12.71
C LEU C 171 -33.47 -30.21 -11.54
N SER C 172 -33.46 -31.52 -11.75
CA SER C 172 -33.69 -32.43 -10.64
C SER C 172 -32.59 -32.35 -9.60
N LEU C 173 -31.33 -32.19 -10.03
CA LEU C 173 -30.23 -32.08 -9.08
C LEU C 173 -30.33 -30.79 -8.27
N VAL C 174 -30.73 -29.70 -8.91
CA VAL C 174 -30.93 -28.44 -8.20
C VAL C 174 -32.05 -28.59 -7.18
N TRP C 175 -33.15 -29.24 -7.57
CA TRP C 175 -34.26 -29.46 -6.65
C TRP C 175 -33.83 -30.33 -5.47
N PHE C 176 -33.02 -31.36 -5.73
CA PHE C 176 -32.54 -32.21 -4.66
C PHE C 176 -31.62 -31.47 -3.71
N LEU C 177 -30.75 -30.61 -4.24
CA LEU C 177 -29.90 -29.81 -3.37
C LEU C 177 -30.72 -28.86 -2.52
N TYR C 178 -31.78 -28.27 -3.09
CA TYR C 178 -32.65 -27.42 -2.29
C TYR C 178 -33.31 -28.24 -1.19
N ARG C 179 -33.79 -29.44 -1.53
CA ARG C 179 -34.43 -30.29 -0.53
C ARG C 179 -33.46 -30.60 0.61
N TRP C 180 -32.23 -31.00 0.27
CA TRP C 180 -31.24 -31.33 1.29
C TRP C 180 -30.87 -30.14 2.15
N LYS C 181 -30.70 -28.97 1.54
CA LYS C 181 -30.39 -27.76 2.30
C LYS C 181 -31.49 -27.43 3.29
N THR C 182 -32.74 -27.47 2.85
CA THR C 182 -33.84 -27.16 3.76
C THR C 182 -33.92 -28.19 4.88
N ASN C 183 -33.71 -29.47 4.58
CA ASN C 183 -33.72 -30.49 5.62
C ASN C 183 -32.64 -30.24 6.66
N VAL C 184 -31.42 -29.94 6.22
CA VAL C 184 -30.32 -29.74 7.16
C VAL C 184 -30.49 -28.53 8.08
N ILE C 185 -30.85 -27.37 7.52
CA ILE C 185 -30.98 -26.20 8.40
C ILE C 185 -32.39 -26.15 9.03
N THR C 186 -33.18 -27.20 8.82
CA THR C 186 -34.43 -27.32 9.57
C THR C 186 -34.02 -28.30 10.65
N ARG C 187 -33.19 -29.30 10.30
CA ARG C 187 -32.63 -30.16 11.33
C ARG C 187 -31.76 -29.46 12.42
N MET C 188 -30.91 -28.54 11.96
CA MET C 188 -30.25 -27.63 12.88
C MET C 188 -31.04 -26.64 13.75
N LEU C 189 -32.24 -26.29 13.32
CA LEU C 189 -33.13 -25.44 14.10
C LEU C 189 -34.12 -26.26 14.94
N SER C 190 -33.92 -27.58 15.00
CA SER C 190 -34.76 -28.47 15.80
C SER C 190 -33.91 -29.04 16.92
N ALA C 191 -33.01 -28.24 17.48
CA ALA C 191 -32.17 -28.69 18.59
C ALA C 191 -32.33 -27.75 19.79
N ASP C 198 -27.40 -19.65 19.12
CA ASP C 198 -26.96 -20.33 17.92
C ASP C 198 -28.14 -20.51 16.96
N ARG C 199 -29.00 -19.50 16.88
CA ARG C 199 -30.13 -19.52 15.97
C ARG C 199 -30.03 -18.51 14.84
N GLU C 200 -29.63 -17.27 15.12
CA GLU C 200 -29.45 -16.31 14.02
C GLU C 200 -28.30 -16.76 13.11
N LYS C 201 -27.37 -17.54 13.64
CA LYS C 201 -26.36 -18.18 12.80
C LYS C 201 -27.02 -19.10 11.78
N VAL C 202 -28.02 -19.88 12.22
CA VAL C 202 -28.70 -20.79 11.30
C VAL C 202 -29.48 -20.01 10.26
N LEU C 203 -30.10 -18.89 10.64
CA LEU C 203 -30.83 -18.08 9.67
C LEU C 203 -29.89 -17.46 8.65
N THR C 204 -28.72 -16.97 9.10
CA THR C 204 -27.74 -16.43 8.17
C THR C 204 -27.22 -17.50 7.23
N LEU C 205 -26.94 -18.70 7.74
CA LEU C 205 -26.51 -19.79 6.88
C LEU C 205 -27.57 -20.14 5.86
N ASP C 206 -28.84 -20.16 6.28
CA ASP C 206 -29.93 -20.46 5.35
C ASP C 206 -30.00 -19.44 4.23
N LYS C 207 -29.93 -18.15 4.59
CA LYS C 207 -30.03 -17.10 3.57
C LYS C 207 -28.84 -17.15 2.61
N VAL C 208 -27.63 -17.30 3.14
CA VAL C 208 -26.44 -17.33 2.29
C VAL C 208 -26.46 -18.55 1.38
N SER C 209 -26.89 -19.71 1.91
CA SER C 209 -26.95 -20.90 1.09
C SER C 209 -28.03 -20.80 0.03
N SER C 210 -29.15 -20.15 0.32
CA SER C 210 -30.16 -19.96 -0.70
C SER C 210 -29.66 -19.04 -1.81
N VAL C 211 -28.93 -17.98 -1.44
CA VAL C 211 -28.35 -17.10 -2.46
C VAL C 211 -27.40 -17.89 -3.36
N GLY C 212 -26.48 -18.63 -2.75
CA GLY C 212 -25.53 -19.40 -3.53
C GLY C 212 -26.19 -20.44 -4.41
N LEU C 213 -27.21 -21.12 -3.89
CA LEU C 213 -27.87 -22.15 -4.67
C LEU C 213 -28.66 -21.55 -5.82
N PHE C 214 -29.30 -20.39 -5.60
CA PHE C 214 -29.97 -19.72 -6.70
C PHE C 214 -28.99 -19.35 -7.80
N ALA C 215 -27.82 -18.81 -7.43
CA ALA C 215 -26.81 -18.46 -8.43
C ALA C 215 -26.38 -19.69 -9.23
N ILE C 216 -26.01 -20.76 -8.52
CA ILE C 216 -25.51 -21.96 -9.19
C ILE C 216 -26.59 -22.57 -10.07
N GLY C 217 -27.82 -22.64 -9.58
CA GLY C 217 -28.90 -23.23 -10.35
C GLY C 217 -29.23 -22.41 -11.59
N LEU C 218 -29.22 -21.09 -11.47
CA LEU C 218 -29.46 -20.25 -12.64
C LEU C 218 -28.39 -20.47 -13.70
N MET C 219 -27.11 -20.46 -13.29
CA MET C 219 -26.04 -20.70 -14.24
C MET C 219 -26.19 -22.04 -14.93
N ALA C 220 -26.40 -23.11 -14.14
CA ALA C 220 -26.45 -24.46 -14.70
C ALA C 220 -27.67 -24.66 -15.59
N SER C 221 -28.81 -24.07 -15.23
CA SER C 221 -30.01 -24.22 -16.05
C SER C 221 -29.89 -23.44 -17.35
N ALA C 222 -29.35 -22.23 -17.30
CA ALA C 222 -29.12 -21.48 -18.53
C ALA C 222 -28.13 -22.18 -19.44
N GLU C 223 -27.18 -22.91 -18.87
CA GLU C 223 -26.26 -23.66 -19.71
C GLU C 223 -26.86 -24.95 -20.24
N ALA C 224 -27.76 -25.58 -19.49
CA ALA C 224 -28.41 -26.79 -19.98
C ALA C 224 -29.42 -26.48 -21.08
N CYS C 225 -30.23 -25.45 -20.89
CA CYS C 225 -31.19 -25.07 -21.92
C CYS C 225 -30.48 -24.57 -23.18
N GLY C 226 -29.49 -23.71 -23.01
CA GLY C 226 -28.76 -23.15 -24.12
C GLY C 226 -29.05 -21.71 -24.44
N VAL C 227 -29.82 -21.01 -23.60
CA VAL C 227 -30.23 -19.64 -23.85
C VAL C 227 -29.28 -18.72 -23.10
N ALA C 228 -28.55 -17.89 -23.86
CA ALA C 228 -27.63 -16.90 -23.30
C ALA C 228 -26.66 -17.54 -22.33
N VAL C 229 -25.87 -18.48 -22.85
CA VAL C 229 -24.91 -19.19 -22.01
C VAL C 229 -23.78 -18.26 -21.60
N GLN C 230 -23.07 -17.71 -22.58
CA GLN C 230 -21.86 -16.96 -22.28
C GLN C 230 -22.17 -15.65 -21.56
N SER C 231 -23.30 -15.02 -21.86
CA SER C 231 -23.67 -13.79 -21.17
C SER C 231 -23.86 -14.03 -19.67
N ILE C 232 -24.71 -15.00 -19.32
CA ILE C 232 -24.99 -15.28 -17.91
C ILE C 232 -23.75 -15.82 -17.22
N LEU C 233 -22.95 -16.61 -17.93
CA LEU C 233 -21.73 -17.13 -17.33
C LEU C 233 -20.72 -16.02 -17.06
N THR C 234 -20.65 -15.02 -17.94
CA THR C 234 -19.77 -13.88 -17.70
C THR C 234 -20.25 -13.05 -16.52
N VAL C 235 -21.55 -12.82 -16.43
CA VAL C 235 -22.11 -12.12 -15.28
C VAL C 235 -21.76 -12.86 -13.99
N GLY C 236 -22.00 -14.17 -13.97
CA GLY C 236 -21.68 -14.97 -12.80
C GLY C 236 -20.21 -14.99 -12.47
N GLY C 237 -19.35 -14.96 -13.48
CA GLY C 237 -17.92 -14.96 -13.23
C GLY C 237 -17.43 -13.64 -12.64
N VAL C 238 -17.97 -12.51 -13.13
CA VAL C 238 -17.54 -11.24 -12.55
C VAL C 238 -18.12 -11.06 -11.16
N GLY C 239 -19.33 -11.58 -10.92
CA GLY C 239 -19.84 -11.58 -9.55
C GLY C 239 -19.01 -12.46 -8.63
N GLY C 240 -18.56 -13.61 -9.14
CA GLY C 240 -17.72 -14.47 -8.34
C GLY C 240 -16.40 -13.86 -8.00
N VAL C 241 -15.79 -13.13 -8.94
CA VAL C 241 -14.50 -12.53 -8.63
C VAL C 241 -14.66 -11.29 -7.74
N ALA C 242 -15.78 -10.56 -7.89
CA ALA C 242 -16.11 -9.53 -6.92
C ALA C 242 -16.18 -10.11 -5.51
N THR C 243 -16.96 -11.17 -5.33
CA THR C 243 -17.07 -11.78 -4.01
C THR C 243 -15.76 -12.39 -3.54
N ALA C 244 -14.93 -12.87 -4.46
CA ALA C 244 -13.71 -13.55 -4.07
C ALA C 244 -12.61 -12.59 -3.69
N PHE C 245 -12.62 -11.36 -4.20
CA PHE C 245 -11.69 -10.38 -3.67
C PHE C 245 -12.25 -9.64 -2.46
N ALA C 246 -13.56 -9.42 -2.42
CA ALA C 246 -14.18 -8.83 -1.24
C ALA C 246 -14.00 -9.69 0.01
N ALA C 247 -13.76 -10.99 -0.16
CA ALA C 247 -13.63 -11.92 0.96
C ALA C 247 -12.20 -12.36 1.19
N ARG C 248 -11.23 -11.51 0.84
CA ARG C 248 -9.84 -11.89 1.00
C ARG C 248 -9.41 -11.91 2.46
N ASP C 249 -10.09 -11.13 3.31
CA ASP C 249 -9.74 -11.05 4.73
C ASP C 249 -10.24 -12.24 5.51
N ILE C 250 -11.49 -12.65 5.29
CA ILE C 250 -12.02 -13.85 5.94
C ILE C 250 -11.21 -15.07 5.53
N LEU C 251 -10.90 -15.18 4.24
CA LEU C 251 -10.11 -16.31 3.76
C LEU C 251 -8.68 -16.26 4.30
N GLY C 252 -8.09 -15.06 4.37
CA GLY C 252 -6.80 -14.93 4.99
C GLY C 252 -6.79 -15.40 6.43
N ASN C 253 -7.81 -15.00 7.20
CA ASN C 253 -7.91 -15.43 8.59
C ASN C 253 -8.01 -16.93 8.70
N VAL C 254 -8.83 -17.56 7.86
CA VAL C 254 -9.01 -19.01 7.95
C VAL C 254 -7.74 -19.75 7.57
N LEU C 255 -7.12 -19.36 6.44
CA LEU C 255 -5.91 -20.04 5.99
C LEU C 255 -4.76 -19.83 6.96
N SER C 256 -4.64 -18.64 7.55
CA SER C 256 -3.61 -18.42 8.55
C SER C 256 -3.91 -19.16 9.85
N GLY C 257 -5.17 -19.35 10.20
CA GLY C 257 -5.49 -20.19 11.33
C GLY C 257 -5.05 -21.63 11.12
N LEU C 258 -5.24 -22.16 9.91
CA LEU C 258 -4.77 -23.51 9.61
C LEU C 258 -3.24 -23.59 9.63
N SER C 259 -2.58 -22.63 8.97
CA SER C 259 -1.13 -22.59 8.97
C SER C 259 -0.57 -22.53 10.38
N MET C 260 -1.24 -21.80 11.27
CA MET C 260 -0.83 -21.78 12.67
C MET C 260 -1.12 -23.09 13.37
N GLN C 261 -2.18 -23.79 12.96
CA GLN C 261 -2.42 -25.13 13.48
C GLN C 261 -1.32 -26.09 13.10
N PHE C 262 -0.57 -25.81 12.04
CA PHE C 262 0.57 -26.67 11.72
C PHE C 262 1.84 -26.27 12.46
N SER C 263 2.32 -25.05 12.25
CA SER C 263 3.53 -24.57 12.92
C SER C 263 3.11 -23.72 14.10
N ARG C 264 2.94 -24.37 15.25
CA ARG C 264 2.40 -23.70 16.42
C ARG C 264 3.37 -22.66 16.95
N PRO C 265 3.07 -21.37 16.84
CA PRO C 265 4.00 -20.35 17.33
C PRO C 265 3.77 -20.01 18.79
N PHE C 266 2.68 -20.49 19.36
CA PHE C 266 2.36 -20.28 20.77
C PHE C 266 1.28 -21.26 21.16
N SER C 267 1.02 -21.32 22.47
CA SER C 267 0.00 -22.20 23.03
C SER C 267 -0.80 -21.43 24.07
N MET C 268 -1.83 -22.08 24.59
CA MET C 268 -2.77 -21.42 25.47
C MET C 268 -2.08 -21.03 26.78
N GLY C 269 -2.10 -19.74 27.09
CA GLY C 269 -1.48 -19.23 28.29
C GLY C 269 -0.20 -18.48 28.06
N ASP C 270 0.43 -18.65 26.90
CA ASP C 270 1.68 -17.97 26.61
C ASP C 270 1.47 -16.47 26.51
N THR C 271 2.46 -15.71 26.95
CA THR C 271 2.45 -14.26 26.84
C THR C 271 3.15 -13.88 25.54
N ILE C 272 2.39 -13.50 24.53
CA ILE C 272 2.96 -13.19 23.23
C ILE C 272 2.84 -11.69 22.97
N LYS C 273 3.59 -11.24 21.96
CA LYS C 273 3.52 -9.87 21.47
C LYS C 273 3.53 -9.95 19.95
N ALA C 274 2.42 -9.60 19.34
CA ALA C 274 2.24 -9.64 17.89
C ALA C 274 2.08 -8.21 17.40
N GLY C 275 3.12 -7.69 16.75
CA GLY C 275 3.07 -6.33 16.25
C GLY C 275 2.78 -5.31 17.33
N SER C 276 1.58 -4.75 17.31
CA SER C 276 1.19 -3.71 18.23
C SER C 276 0.45 -4.23 19.46
N VAL C 277 0.05 -5.50 19.47
CA VAL C 277 -0.73 -6.03 20.58
C VAL C 277 0.16 -6.97 21.39
N GLU C 278 -0.15 -7.09 22.67
CA GLU C 278 0.60 -7.99 23.51
C GLU C 278 -0.25 -8.45 24.68
N GLY C 279 -0.15 -9.72 25.03
CA GLY C 279 -0.87 -10.20 26.18
C GLY C 279 -0.84 -11.71 26.25
N GLN C 280 -1.62 -12.23 27.19
CA GLN C 280 -1.72 -13.66 27.45
C GLN C 280 -2.78 -14.29 26.57
N VAL C 281 -2.42 -15.38 25.89
CA VAL C 281 -3.36 -16.09 25.03
C VAL C 281 -4.43 -16.73 25.90
N ILE C 282 -5.70 -16.40 25.62
CA ILE C 282 -6.83 -16.94 26.38
C ILE C 282 -7.77 -17.75 25.52
N GLU C 283 -7.59 -17.75 24.20
CA GLU C 283 -8.46 -18.52 23.31
C GLU C 283 -7.81 -18.55 21.94
N MET C 284 -7.83 -19.73 21.30
CA MET C 284 -7.28 -19.90 19.97
C MET C 284 -8.35 -20.47 19.07
N GLY C 285 -8.71 -19.72 18.03
CA GLY C 285 -9.75 -20.15 17.12
C GLY C 285 -9.24 -20.35 15.72
N LEU C 286 -10.14 -20.42 14.74
CA LEU C 286 -9.73 -20.60 13.36
C LEU C 286 -9.57 -19.28 12.62
N THR C 287 -10.37 -18.27 12.96
CA THR C 287 -10.26 -16.98 12.31
C THR C 287 -9.77 -15.87 13.23
N THR C 288 -9.75 -16.07 14.54
CA THR C 288 -9.29 -15.06 15.48
C THR C 288 -8.64 -15.73 16.68
N THR C 289 -7.67 -15.03 17.25
CA THR C 289 -7.07 -15.37 18.54
C THR C 289 -7.50 -14.33 19.56
N SER C 290 -7.59 -14.73 20.82
CA SER C 290 -8.01 -13.84 21.89
C SER C 290 -6.88 -13.69 22.88
N LEU C 291 -6.51 -12.45 23.17
CA LEU C 291 -5.47 -12.14 24.14
C LEU C 291 -6.05 -11.38 25.32
N LEU C 292 -5.26 -11.26 26.36
CA LEU C 292 -5.55 -10.41 27.52
C LEU C 292 -4.37 -9.46 27.65
N ASN C 293 -4.59 -8.18 27.36
CA ASN C 293 -3.50 -7.22 27.24
C ASN C 293 -3.11 -6.69 28.62
N ALA C 294 -2.29 -5.64 28.64
CA ALA C 294 -1.69 -5.18 29.88
C ALA C 294 -2.70 -4.53 30.82
N GLU C 295 -3.77 -3.96 30.29
CA GLU C 295 -4.85 -3.42 31.11
C GLU C 295 -5.88 -4.48 31.47
N LYS C 296 -5.66 -5.73 31.04
CA LYS C 296 -6.47 -6.88 31.42
C LYS C 296 -7.86 -6.86 30.78
N PHE C 297 -7.93 -6.37 29.53
CA PHE C 297 -9.02 -6.33 28.56
C PHE C 297 -8.87 -7.46 27.55
N PRO C 298 -9.94 -8.12 27.11
CA PRO C 298 -9.80 -9.14 26.07
C PRO C 298 -9.72 -8.53 24.68
N VAL C 299 -8.60 -8.78 24.01
CA VAL C 299 -8.35 -8.31 22.65
C VAL C 299 -8.64 -9.45 21.69
N LEU C 300 -9.09 -9.11 20.48
CA LEU C 300 -9.46 -10.07 19.46
C LEU C 300 -8.63 -9.79 18.21
N VAL C 301 -7.64 -10.63 17.95
CA VAL C 301 -6.67 -10.42 16.88
C VAL C 301 -7.06 -11.31 15.71
N PRO C 302 -7.29 -10.75 14.52
CA PRO C 302 -7.49 -11.59 13.34
C PRO C 302 -6.25 -12.39 13.00
N ASN C 303 -6.47 -13.67 12.68
CA ASN C 303 -5.37 -14.60 12.50
C ASN C 303 -4.49 -14.30 11.29
N SER C 304 -4.86 -13.35 10.44
CA SER C 304 -4.01 -12.99 9.33
C SER C 304 -2.90 -12.05 9.72
N LEU C 305 -2.82 -11.68 11.00
CA LEU C 305 -1.75 -10.83 11.51
C LEU C 305 -0.57 -11.64 12.02
N PHE C 306 -0.74 -12.94 12.22
CA PHE C 306 0.33 -13.81 12.68
C PHE C 306 1.11 -14.44 11.55
N SER C 307 0.80 -14.08 10.30
CA SER C 307 1.54 -14.59 9.16
C SER C 307 2.38 -13.52 8.48
N SER C 308 2.09 -12.25 8.69
CA SER C 308 2.81 -11.16 8.07
C SER C 308 3.69 -10.39 9.04
N GLN C 309 3.62 -10.70 10.33
CA GLN C 309 4.35 -9.98 11.36
C GLN C 309 5.11 -10.96 12.25
N VAL C 310 6.09 -10.43 12.98
CA VAL C 310 6.90 -11.24 13.88
C VAL C 310 6.15 -11.43 15.19
N ILE C 311 6.37 -12.56 15.83
CA ILE C 311 5.70 -12.93 17.07
C ILE C 311 6.78 -13.10 18.13
N VAL C 312 6.67 -12.36 19.22
CA VAL C 312 7.59 -12.50 20.34
C VAL C 312 6.92 -13.36 21.39
N ASN C 313 7.59 -14.41 21.85
CA ASN C 313 7.03 -15.33 22.83
C ASN C 313 7.76 -15.12 24.14
N LYS C 314 7.13 -14.36 25.04
CA LYS C 314 7.73 -14.02 26.32
C LYS C 314 7.64 -15.15 27.32
N SER C 315 7.08 -16.29 26.95
CA SER C 315 6.92 -17.41 27.86
C SER C 315 7.87 -18.56 27.57
N ARG C 316 8.68 -18.46 26.51
CA ARG C 316 9.63 -19.51 26.18
C ARG C 316 11.07 -19.07 26.38
N ALA C 317 11.30 -17.91 26.99
CA ALA C 317 12.64 -17.47 27.28
C ALA C 317 13.25 -18.33 28.39
N GLN C 318 14.52 -18.68 28.22
CA GLN C 318 15.24 -19.49 29.19
C GLN C 318 16.14 -18.69 30.12
N TRP C 319 16.46 -17.45 29.76
CA TRP C 319 17.16 -16.54 30.66
C TRP C 319 16.77 -15.13 30.27
N ARG C 320 16.78 -14.24 31.25
CA ARG C 320 16.39 -12.85 31.05
C ARG C 320 17.64 -12.00 30.91
N ALA C 321 17.44 -10.74 30.58
CA ALA C 321 18.55 -9.80 30.42
C ALA C 321 18.09 -8.43 30.88
N ILE C 322 18.80 -7.86 31.85
CA ILE C 322 18.50 -6.52 32.33
C ILE C 322 19.62 -5.58 31.92
N ALA C 323 19.26 -4.30 31.76
CA ALA C 323 20.21 -3.26 31.41
C ALA C 323 19.68 -1.93 31.91
N SER C 324 20.58 -1.14 32.51
CA SER C 324 20.19 0.16 33.06
C SER C 324 21.32 1.15 32.83
N LYS C 325 21.04 2.42 33.12
CA LYS C 325 22.01 3.50 32.97
C LYS C 325 21.99 4.36 34.21
N ILE C 326 23.17 4.59 34.78
CA ILE C 326 23.31 5.36 36.01
C ILE C 326 24.10 6.62 35.69
N PRO C 327 23.57 7.81 35.99
CA PRO C 327 24.36 9.03 35.81
C PRO C 327 25.14 9.40 37.06
N LEU C 328 26.37 9.86 36.85
CA LEU C 328 27.32 10.15 37.90
C LEU C 328 27.74 11.61 37.79
N GLN C 329 27.85 12.28 38.93
CA GLN C 329 28.40 13.63 38.99
C GLN C 329 29.84 13.51 39.44
N ILE C 330 30.75 13.43 38.48
CA ILE C 330 32.14 13.12 38.75
C ILE C 330 33.02 14.01 37.89
N ASP C 331 34.08 14.54 38.49
CA ASP C 331 35.09 15.32 37.78
C ASP C 331 36.44 14.63 37.71
N ASP C 332 36.75 13.75 38.66
CA ASP C 332 37.98 12.97 38.65
C ASP C 332 37.63 11.59 38.07
N LEU C 333 37.64 11.51 36.74
CA LEU C 333 37.35 10.26 36.06
C LEU C 333 38.41 9.19 36.30
N ASP C 334 39.49 9.51 37.02
CA ASP C 334 40.53 8.54 37.30
C ASP C 334 40.04 7.34 38.09
N MET C 335 38.80 7.37 38.59
CA MET C 335 38.23 6.26 39.32
C MET C 335 37.00 5.68 38.61
N ILE C 336 36.84 5.96 37.33
CA ILE C 336 35.78 5.32 36.55
C ILE C 336 36.14 3.87 36.24
N PRO C 337 37.41 3.53 35.93
CA PRO C 337 37.75 2.11 35.79
C PRO C 337 37.45 1.29 37.04
N GLN C 338 38.02 1.68 38.17
CA GLN C 338 37.86 0.91 39.42
C GLN C 338 36.39 0.59 39.67
N ILE C 339 35.57 1.62 39.84
CA ILE C 339 34.14 1.50 40.03
C ILE C 339 33.59 0.47 39.07
N SER C 340 33.84 0.69 37.78
CA SER C 340 33.33 -0.20 36.76
C SER C 340 33.65 -1.65 37.08
N ASN C 341 34.94 -1.95 37.25
CA ASN C 341 35.33 -3.32 37.54
C ASN C 341 34.61 -3.84 38.76
N GLU C 342 34.57 -3.04 39.84
CA GLU C 342 33.92 -3.49 41.05
C GLU C 342 32.48 -3.88 40.78
N ILE C 343 31.76 -3.04 40.03
CA ILE C 343 30.37 -3.34 39.75
C ILE C 343 30.26 -4.68 39.04
N LYS C 344 31.11 -4.90 38.03
CA LYS C 344 31.06 -6.17 37.31
C LYS C 344 31.30 -7.33 38.26
N GLU C 345 32.26 -7.17 39.18
CA GLU C 345 32.50 -8.21 40.17
C GLU C 345 31.21 -8.50 40.92
N MET C 346 30.52 -7.45 41.32
CA MET C 346 29.27 -7.61 42.05
C MET C 346 28.24 -8.39 41.23
N LEU C 347 28.17 -8.11 39.93
CA LEU C 347 27.22 -8.84 39.10
C LEU C 347 27.60 -10.28 38.83
N ARG C 348 28.86 -10.66 38.99
CA ARG C 348 29.23 -12.05 38.87
C ARG C 348 29.12 -12.78 40.19
N SER C 349 29.21 -12.06 41.31
CA SER C 349 29.10 -12.65 42.63
C SER C 349 27.65 -12.70 43.11
N ASN C 350 26.71 -12.37 42.25
CA ASN C 350 25.29 -12.35 42.58
C ASN C 350 24.68 -13.64 42.08
N THR C 351 23.95 -14.34 42.94
CA THR C 351 23.08 -15.39 42.44
C THR C 351 21.99 -14.77 41.58
N LYS C 352 21.32 -15.61 40.81
CA LYS C 352 20.33 -15.18 39.84
C LYS C 352 20.94 -14.45 38.65
N VAL C 353 22.23 -14.61 38.40
CA VAL C 353 22.82 -14.16 37.14
C VAL C 353 23.25 -15.39 36.35
N PHE C 354 23.31 -15.23 35.04
CA PHE C 354 23.56 -16.34 34.11
C PHE C 354 24.86 -16.04 33.39
N LEU C 355 25.91 -16.77 33.76
CA LEU C 355 27.24 -16.58 33.17
C LEU C 355 27.52 -17.57 32.05
N GLY C 356 26.50 -18.00 31.33
CA GLY C 356 26.67 -18.99 30.30
C GLY C 356 26.95 -18.42 28.93
N LYS C 357 26.31 -17.31 28.59
CA LYS C 357 26.45 -16.71 27.27
C LYS C 357 27.30 -15.45 27.26
N GLU C 358 26.93 -14.45 28.05
CA GLU C 358 27.61 -13.16 28.01
C GLU C 358 28.00 -12.74 29.41
N ALA C 359 29.04 -12.02 29.50
CA ALA C 359 29.52 -11.56 30.79
C ALA C 359 28.87 -10.24 31.16
N PRO C 360 28.66 -9.98 32.45
CA PRO C 360 28.16 -8.68 32.87
C PRO C 360 29.06 -7.56 32.40
N HIS C 361 28.45 -6.44 32.01
CA HIS C 361 29.20 -5.31 31.52
C HIS C 361 28.81 -4.06 32.29
N CYS C 362 29.77 -3.14 32.39
CA CYS C 362 29.52 -1.81 32.96
C CYS C 362 30.59 -0.89 32.38
N TYR C 363 30.21 -0.09 31.39
CA TYR C 363 31.16 0.75 30.68
C TYR C 363 30.67 2.19 30.68
N LEU C 364 31.59 3.10 30.40
CA LEU C 364 31.28 4.52 30.32
C LEU C 364 30.77 4.84 28.93
N SER C 365 29.51 5.22 28.84
CA SER C 365 28.88 5.43 27.53
C SER C 365 28.92 6.88 27.07
N ARG C 366 28.95 7.84 27.99
CA ARG C 366 29.11 9.22 27.59
C ARG C 366 29.61 10.03 28.79
N VAL C 367 30.34 11.09 28.49
CA VAL C 367 30.93 11.96 29.50
C VAL C 367 30.52 13.39 29.19
N GLU C 368 30.67 14.26 30.19
CA GLU C 368 30.24 15.66 30.11
C GLU C 368 30.72 16.35 31.37
N LYS C 369 30.49 17.67 31.43
CA LYS C 369 31.02 18.49 32.52
C LYS C 369 30.46 18.03 33.86
N SER C 370 31.34 17.47 34.70
CA SER C 370 30.95 16.93 36.00
C SER C 370 29.81 15.92 35.84
N PHE C 371 29.87 15.13 34.77
CA PHE C 371 28.79 14.21 34.45
C PHE C 371 29.36 13.03 33.68
N ALA C 372 28.83 11.85 33.95
CA ALA C 372 29.21 10.64 33.24
C ALA C 372 28.02 9.69 33.28
N GLU C 373 27.99 8.74 32.36
CA GLU C 373 26.90 7.78 32.30
C GLU C 373 27.47 6.37 32.20
N LEU C 374 27.15 5.53 33.18
CA LEU C 374 27.54 4.13 33.18
C LEU C 374 26.40 3.28 32.67
N THR C 375 26.67 2.42 31.71
CA THR C 375 25.69 1.49 31.17
C THR C 375 25.96 0.11 31.76
N ILE C 376 25.05 -0.36 32.59
CA ILE C 376 25.17 -1.63 33.28
C ILE C 376 24.23 -2.63 32.63
N GLY C 377 24.58 -3.90 32.72
CA GLY C 377 23.71 -4.93 32.18
C GLY C 377 24.24 -6.30 32.50
N CYS C 378 23.33 -7.26 32.49
CA CYS C 378 23.68 -8.66 32.75
C CYS C 378 22.53 -9.54 32.30
N ASN C 379 22.78 -10.84 32.31
CA ASN C 379 21.75 -11.85 32.12
C ASN C 379 21.37 -12.46 33.46
N LEU C 380 20.11 -12.83 33.57
CA LEU C 380 19.55 -13.41 34.79
C LEU C 380 19.01 -14.79 34.47
N ILE C 381 18.95 -15.64 35.49
CA ILE C 381 18.44 -16.99 35.33
C ILE C 381 16.94 -16.91 35.04
N ARG C 382 16.35 -18.02 34.59
CA ARG C 382 14.93 -18.06 34.33
C ARG C 382 14.16 -17.88 35.63
N MET C 383 13.47 -16.75 35.77
CA MET C 383 12.78 -16.42 37.00
C MET C 383 11.37 -15.92 36.67
N GLY C 384 10.58 -15.71 37.71
CA GLY C 384 9.22 -15.22 37.57
C GLY C 384 9.18 -13.78 37.14
N LYS C 385 8.12 -13.05 37.48
CA LYS C 385 8.04 -11.64 37.15
C LYS C 385 8.13 -10.72 38.35
N GLU C 386 7.81 -11.21 39.55
CA GLU C 386 8.10 -10.40 40.73
C GLU C 386 9.55 -10.55 41.15
N GLU C 387 10.14 -11.72 40.91
CA GLU C 387 11.56 -11.89 41.21
C GLU C 387 12.43 -11.09 40.25
N LEU C 388 11.98 -10.90 39.01
CA LEU C 388 12.71 -10.05 38.08
C LEU C 388 12.75 -8.62 38.57
N TYR C 389 11.61 -8.11 39.04
CA TYR C 389 11.55 -6.77 39.60
C TYR C 389 12.44 -6.65 40.83
N ASN C 390 12.36 -7.63 41.73
CA ASN C 390 13.19 -7.59 42.94
C ASN C 390 14.67 -7.59 42.58
N THR C 391 15.07 -8.41 41.60
CA THR C 391 16.46 -8.47 41.21
C THR C 391 16.92 -7.18 40.56
N GLN C 392 16.07 -6.57 39.72
CA GLN C 392 16.42 -5.28 39.14
C GLN C 392 16.66 -4.24 40.24
N GLN C 393 15.73 -4.12 41.17
CA GLN C 393 15.88 -3.14 42.25
C GLN C 393 17.13 -3.43 43.08
N GLU C 394 17.40 -4.70 43.36
CA GLU C 394 18.56 -5.05 44.18
C GLU C 394 19.87 -4.72 43.47
N VAL C 395 19.97 -5.04 42.18
CA VAL C 395 21.17 -4.72 41.41
C VAL C 395 21.38 -3.21 41.35
N LEU C 396 20.29 -2.45 41.16
CA LEU C 396 20.41 -1.00 41.10
C LEU C 396 20.90 -0.41 42.42
N LEU C 397 20.35 -0.90 43.54
CA LEU C 397 20.77 -0.38 44.84
C LEU C 397 22.22 -0.76 45.15
N GLU C 398 22.63 -1.98 44.83
CA GLU C 398 24.02 -2.37 45.07
C GLU C 398 24.98 -1.56 44.20
N ALA C 399 24.61 -1.29 42.95
CA ALA C 399 25.46 -0.48 42.09
C ALA C 399 25.60 0.93 42.64
N VAL C 400 24.49 1.54 43.07
CA VAL C 400 24.59 2.89 43.63
C VAL C 400 25.40 2.89 44.92
N LYS C 401 25.32 1.81 45.69
CA LYS C 401 26.13 1.68 46.90
C LYS C 401 27.62 1.67 46.56
N ILE C 402 28.01 0.84 45.59
CA ILE C 402 29.41 0.81 45.16
C ILE C 402 29.85 2.17 44.64
N ILE C 403 28.97 2.85 43.90
CA ILE C 403 29.33 4.16 43.33
C ILE C 403 29.60 5.16 44.45
N LYS C 404 28.70 5.24 45.43
CA LYS C 404 28.87 6.20 46.52
C LYS C 404 29.98 5.79 47.48
N LYS C 405 30.41 4.53 47.45
CA LYS C 405 31.51 4.12 48.31
C LYS C 405 32.83 4.75 47.89
N HIS C 406 33.00 5.05 46.59
CA HIS C 406 34.22 5.63 46.08
C HIS C 406 34.20 7.16 46.10
N GLY C 407 33.31 7.76 46.88
CA GLY C 407 33.25 9.20 46.99
C GLY C 407 32.60 9.91 45.82
N VAL C 408 32.06 9.18 44.86
CA VAL C 408 31.36 9.77 43.74
C VAL C 408 29.90 9.96 44.11
N SER C 409 29.22 10.85 43.40
CA SER C 409 27.81 11.10 43.60
C SER C 409 27.07 11.00 42.26
N LEU C 410 25.77 10.78 42.36
CA LEU C 410 24.95 10.66 41.16
C LEU C 410 24.77 12.02 40.49
N GLY C 411 24.68 11.99 39.16
CA GLY C 411 24.50 13.20 38.39
C GLY C 411 23.03 13.44 38.06
N THR C 412 22.80 14.50 37.28
CA THR C 412 21.46 14.92 36.91
C THR C 412 21.38 15.01 35.40
N THR C 413 20.54 14.16 34.80
CA THR C 413 20.32 14.21 33.37
C THR C 413 19.56 15.48 32.99
N LYS D 125 -5.10 -52.22 2.33
CA LYS D 125 -3.96 -52.42 3.24
C LYS D 125 -2.78 -51.53 2.82
N SER D 126 -2.53 -51.46 1.52
CA SER D 126 -1.42 -50.66 1.00
C SER D 126 -1.82 -49.94 -0.29
N PHE D 127 -0.83 -49.39 -0.99
CA PHE D 127 -1.10 -48.83 -2.31
C PHE D 127 -1.48 -49.92 -3.31
N TRP D 128 -0.93 -51.13 -3.14
CA TRP D 128 -1.20 -52.20 -4.08
C TRP D 128 -2.69 -52.53 -4.13
N GLY D 129 -3.31 -52.71 -2.96
CA GLY D 129 -4.74 -52.98 -2.94
C GLY D 129 -5.57 -51.77 -3.34
N ALA D 130 -5.16 -50.58 -2.86
CA ALA D 130 -5.85 -49.35 -3.20
C ALA D 130 -5.85 -49.08 -4.70
N LEU D 131 -4.93 -49.69 -5.44
CA LEU D 131 -4.96 -49.62 -6.89
C LEU D 131 -5.67 -50.79 -7.57
N GLU D 132 -5.44 -52.01 -7.10
CA GLU D 132 -5.96 -53.18 -7.81
C GLU D 132 -7.44 -53.41 -7.55
N ASP D 133 -8.04 -52.72 -6.57
CA ASP D 133 -9.49 -52.85 -6.48
C ASP D 133 -10.12 -51.95 -7.55
N PRO D 134 -9.81 -50.65 -7.59
CA PRO D 134 -10.39 -49.82 -8.65
C PRO D 134 -9.97 -50.22 -10.05
N ALA D 135 -8.72 -50.67 -10.24
CA ALA D 135 -8.28 -51.10 -11.56
C ALA D 135 -9.06 -52.31 -12.05
N ARG D 136 -9.28 -53.29 -11.18
CA ARG D 136 -10.07 -54.45 -11.58
C ARG D 136 -11.53 -54.10 -11.80
N TYR D 137 -12.10 -53.20 -10.98
CA TYR D 137 -13.47 -52.77 -11.24
C TYR D 137 -13.59 -52.07 -12.59
N LEU D 138 -12.61 -51.20 -12.92
CA LEU D 138 -12.66 -50.48 -14.18
C LEU D 138 -12.50 -51.42 -15.38
N VAL D 139 -11.56 -52.37 -15.29
CA VAL D 139 -11.39 -53.31 -16.39
C VAL D 139 -12.65 -54.15 -16.57
N THR D 140 -13.24 -54.60 -15.46
CA THR D 140 -14.51 -55.32 -15.54
C THR D 140 -15.57 -54.49 -16.23
N PHE D 141 -15.68 -53.22 -15.87
CA PHE D 141 -16.76 -52.40 -16.42
C PHE D 141 -16.56 -52.12 -17.90
N ILE D 142 -15.32 -51.87 -18.33
CA ILE D 142 -15.11 -51.59 -19.74
C ILE D 142 -15.26 -52.87 -20.57
N ALA D 143 -14.85 -54.02 -20.04
CA ALA D 143 -15.06 -55.27 -20.75
C ALA D 143 -16.54 -55.59 -20.84
N PHE D 144 -17.31 -55.25 -19.80
CA PHE D 144 -18.77 -55.40 -19.88
C PHE D 144 -19.35 -54.50 -20.96
N ALA D 145 -18.94 -53.23 -20.99
CA ALA D 145 -19.53 -52.29 -21.93
C ALA D 145 -19.19 -52.64 -23.37
N GLN D 146 -18.00 -53.21 -23.61
CA GLN D 146 -17.61 -53.55 -24.97
C GLN D 146 -18.57 -54.57 -25.59
N ILE D 147 -18.89 -55.63 -24.85
CA ILE D 147 -19.80 -56.65 -25.38
C ILE D 147 -21.25 -56.27 -25.05
N ALA D 148 -21.43 -55.14 -24.37
CA ALA D 148 -22.77 -54.57 -24.25
C ALA D 148 -23.12 -53.70 -25.45
N ALA D 149 -22.11 -53.19 -26.15
CA ALA D 149 -22.35 -52.41 -27.37
C ALA D 149 -22.20 -53.21 -28.66
N MET D 150 -21.29 -54.18 -28.70
CA MET D 150 -21.11 -54.98 -29.91
C MET D 150 -22.35 -55.82 -30.24
N VAL D 151 -22.78 -56.65 -29.29
CA VAL D 151 -23.96 -57.48 -29.50
C VAL D 151 -25.13 -57.01 -28.64
N ALA D 158 -27.06 -45.32 -28.85
CA ALA D 158 -26.70 -46.62 -28.30
C ALA D 158 -25.20 -46.82 -28.27
N GLN D 159 -24.48 -46.08 -29.11
CA GLN D 159 -23.03 -46.16 -29.18
C GLN D 159 -22.43 -44.93 -28.47
N TYR D 160 -22.30 -45.05 -27.16
CA TYR D 160 -21.68 -44.02 -26.33
C TYR D 160 -20.61 -44.70 -25.47
N PHE D 161 -19.70 -45.40 -26.17
CA PHE D 161 -18.65 -46.14 -25.49
C PHE D 161 -17.68 -45.14 -24.89
N SER D 162 -17.35 -44.09 -25.63
CA SER D 162 -16.39 -43.10 -25.14
C SER D 162 -16.88 -42.36 -23.89
N PRO D 163 -18.09 -41.79 -23.85
CA PRO D 163 -18.50 -41.06 -22.64
C PRO D 163 -18.53 -41.94 -21.41
N THR D 164 -19.10 -43.15 -21.53
CA THR D 164 -19.22 -44.02 -20.37
C THR D 164 -17.85 -44.53 -19.93
N VAL D 165 -16.96 -44.81 -20.88
CA VAL D 165 -15.63 -45.29 -20.51
C VAL D 165 -14.82 -44.18 -19.82
N LYS D 166 -14.92 -42.95 -20.33
CA LYS D 166 -14.20 -41.86 -19.68
C LYS D 166 -14.78 -41.56 -18.30
N GLY D 167 -16.11 -41.62 -18.16
CA GLY D 167 -16.71 -41.47 -16.84
C GLY D 167 -16.26 -42.53 -15.87
N ALA D 168 -16.17 -43.78 -16.33
CA ALA D 168 -15.71 -44.86 -15.47
C ALA D 168 -14.26 -44.66 -15.06
N VAL D 169 -13.41 -44.22 -16.00
CA VAL D 169 -12.02 -43.98 -15.67
C VAL D 169 -11.90 -42.88 -14.62
N ILE D 170 -12.66 -41.79 -14.80
CA ILE D 170 -12.58 -40.67 -13.86
C ILE D 170 -13.05 -41.10 -12.47
N LEU D 171 -14.20 -41.78 -12.41
CA LEU D 171 -14.74 -42.15 -11.11
C LEU D 171 -13.86 -43.18 -10.41
N SER D 172 -13.32 -44.13 -11.16
CA SER D 172 -12.41 -45.10 -10.55
C SER D 172 -11.14 -44.43 -10.07
N LEU D 173 -10.62 -43.45 -10.80
CA LEU D 173 -9.40 -42.76 -10.37
C LEU D 173 -9.66 -41.94 -9.12
N VAL D 174 -10.83 -41.30 -9.03
CA VAL D 174 -11.18 -40.57 -7.82
C VAL D 174 -11.30 -41.51 -6.63
N TRP D 175 -11.92 -42.68 -6.84
CA TRP D 175 -12.04 -43.65 -5.77
C TRP D 175 -10.67 -44.17 -5.33
N PHE D 176 -9.77 -44.39 -6.29
CA PHE D 176 -8.43 -44.85 -5.95
C PHE D 176 -7.65 -43.79 -5.17
N LEU D 177 -7.79 -42.52 -5.55
CA LEU D 177 -7.13 -41.46 -4.81
C LEU D 177 -7.68 -41.36 -3.39
N TYR D 178 -9.00 -41.54 -3.22
CA TYR D 178 -9.55 -41.56 -1.88
C TYR D 178 -8.98 -42.73 -1.09
N ARG D 179 -8.91 -43.91 -1.72
CA ARG D 179 -8.36 -45.06 -1.02
C ARG D 179 -6.93 -44.80 -0.58
N TRP D 180 -6.10 -44.27 -1.47
CA TRP D 180 -4.70 -43.99 -1.14
C TRP D 180 -4.56 -42.95 -0.04
N LYS D 181 -5.37 -41.88 -0.10
CA LYS D 181 -5.33 -40.86 0.93
C LYS D 181 -5.68 -41.43 2.29
N THR D 182 -6.74 -42.22 2.37
CA THR D 182 -7.12 -42.81 3.65
C THR D 182 -6.05 -43.75 4.17
N ASN D 183 -5.43 -44.55 3.28
CA ASN D 183 -4.36 -45.44 3.71
C ASN D 183 -3.18 -44.66 4.28
N VAL D 184 -2.77 -43.59 3.60
CA VAL D 184 -1.61 -42.83 4.05
C VAL D 184 -1.81 -42.14 5.40
N ILE D 185 -2.93 -41.43 5.58
CA ILE D 185 -3.11 -40.74 6.85
C ILE D 185 -3.72 -41.68 7.91
N THR D 186 -3.86 -42.95 7.57
CA THR D 186 -4.21 -43.94 8.58
C THR D 186 -2.84 -44.53 8.90
N ARG D 187 -2.00 -44.70 7.88
CA ARG D 187 -0.62 -45.11 8.15
C ARG D 187 0.21 -44.14 9.03
N MET D 188 0.07 -42.84 8.75
CA MET D 188 0.57 -41.83 9.67
C MET D 188 0.05 -41.68 11.09
N LEU D 189 -1.17 -42.15 11.33
CA LEU D 189 -1.75 -42.18 12.67
C LEU D 189 -1.54 -43.53 13.36
N SER D 190 -0.73 -44.40 12.76
CA SER D 190 -0.41 -45.70 13.35
C SER D 190 1.07 -45.71 13.71
N ALA D 191 1.59 -44.59 14.19
CA ALA D 191 2.98 -44.50 14.61
C ALA D 191 3.09 -44.04 16.06
N ASP D 198 2.01 -34.65 17.23
CA ASP D 198 1.97 -34.75 15.78
C ASP D 198 0.74 -35.54 15.34
N ARG D 199 -0.38 -35.33 16.03
CA ARG D 199 -1.63 -35.98 15.67
C ARG D 199 -2.70 -35.04 15.15
N GLU D 200 -2.89 -33.86 15.76
CA GLU D 200 -3.84 -32.91 15.22
C GLU D 200 -3.37 -32.39 13.86
N LYS D 201 -2.06 -32.44 13.61
CA LYS D 201 -1.54 -32.18 12.27
C LYS D 201 -2.09 -33.19 11.27
N VAL D 202 -2.12 -34.47 11.65
CA VAL D 202 -2.64 -35.49 10.76
C VAL D 202 -4.14 -35.30 10.52
N LEU D 203 -4.88 -34.89 11.55
CA LEU D 203 -6.31 -34.66 11.37
C LEU D 203 -6.56 -33.47 10.44
N THR D 204 -5.76 -32.39 10.60
CA THR D 204 -5.90 -31.24 9.72
C THR D 204 -5.55 -31.61 8.28
N LEU D 205 -4.48 -32.38 8.09
CA LEU D 205 -4.12 -32.84 6.75
C LEU D 205 -5.23 -33.67 6.15
N ASP D 206 -5.84 -34.56 6.95
CA ASP D 206 -6.93 -35.39 6.45
C ASP D 206 -8.11 -34.54 5.99
N LYS D 207 -8.50 -33.56 6.82
CA LYS D 207 -9.65 -32.73 6.46
C LYS D 207 -9.36 -31.89 5.22
N VAL D 208 -8.18 -31.28 5.15
CA VAL D 208 -7.84 -30.44 4.00
C VAL D 208 -7.77 -31.28 2.74
N SER D 209 -7.19 -32.47 2.82
CA SER D 209 -7.08 -33.33 1.65
C SER D 209 -8.44 -33.83 1.22
N SER D 210 -9.35 -34.10 2.15
CA SER D 210 -10.70 -34.50 1.75
C SER D 210 -11.44 -33.36 1.06
N VAL D 211 -11.27 -32.13 1.56
CA VAL D 211 -11.87 -30.98 0.89
C VAL D 211 -11.35 -30.86 -0.54
N GLY D 212 -10.02 -30.89 -0.69
CA GLY D 212 -9.44 -30.76 -2.02
C GLY D 212 -9.86 -31.87 -2.96
N LEU D 213 -9.92 -33.10 -2.45
CA LEU D 213 -10.29 -34.24 -3.29
C LEU D 213 -11.75 -34.17 -3.69
N PHE D 214 -12.62 -33.72 -2.79
CA PHE D 214 -14.03 -33.54 -3.16
C PHE D 214 -14.15 -32.50 -4.27
N ALA D 215 -13.44 -31.38 -4.14
CA ALA D 215 -13.48 -30.34 -5.18
C ALA D 215 -13.04 -30.91 -6.53
N ILE D 216 -11.86 -31.55 -6.56
CA ILE D 216 -11.31 -32.06 -7.80
C ILE D 216 -12.21 -33.13 -8.40
N GLY D 217 -12.74 -34.03 -7.58
CA GLY D 217 -13.59 -35.08 -8.08
C GLY D 217 -14.91 -34.56 -8.62
N LEU D 218 -15.49 -33.56 -7.95
CA LEU D 218 -16.71 -32.95 -8.47
C LEU D 218 -16.47 -32.30 -9.83
N MET D 219 -15.40 -31.52 -9.95
CA MET D 219 -15.09 -30.89 -11.23
C MET D 219 -14.91 -31.94 -12.32
N ALA D 220 -14.09 -32.96 -12.06
CA ALA D 220 -13.77 -33.94 -13.09
C ALA D 220 -14.98 -34.80 -13.45
N SER D 221 -15.84 -35.13 -12.49
CA SER D 221 -17.01 -35.93 -12.79
C SER D 221 -18.05 -35.12 -13.57
N ALA D 222 -18.25 -33.86 -13.20
CA ALA D 222 -19.15 -33.02 -13.97
C ALA D 222 -18.65 -32.80 -15.39
N GLU D 223 -17.33 -32.80 -15.57
CA GLU D 223 -16.81 -32.67 -16.94
C GLU D 223 -16.87 -33.98 -17.72
N ALA D 224 -16.75 -35.12 -17.05
CA ALA D 224 -16.86 -36.41 -17.73
C ALA D 224 -18.29 -36.69 -18.15
N CYS D 225 -19.25 -36.47 -17.24
CA CYS D 225 -20.65 -36.68 -17.58
C CYS D 225 -21.11 -35.72 -18.66
N GLY D 226 -20.78 -34.43 -18.51
CA GLY D 226 -21.18 -33.42 -19.45
C GLY D 226 -22.27 -32.49 -18.97
N VAL D 227 -22.65 -32.55 -17.71
CA VAL D 227 -23.76 -31.76 -17.17
C VAL D 227 -23.16 -30.52 -16.50
N ALA D 228 -23.50 -29.36 -17.02
CA ALA D 228 -23.07 -28.07 -16.46
C ALA D 228 -21.56 -28.04 -16.29
N VAL D 229 -20.86 -28.16 -17.42
CA VAL D 229 -19.40 -28.18 -17.38
C VAL D 229 -18.87 -26.79 -17.05
N GLN D 230 -19.22 -25.80 -17.89
CA GLN D 230 -18.61 -24.48 -17.75
C GLN D 230 -19.07 -23.78 -16.48
N SER D 231 -20.30 -24.01 -16.04
CA SER D 231 -20.77 -23.40 -14.80
C SER D 231 -19.95 -23.87 -13.61
N ILE D 232 -19.84 -25.19 -13.43
CA ILE D 232 -19.11 -25.73 -12.29
C ILE D 232 -17.63 -25.41 -12.40
N LEU D 233 -17.10 -25.41 -13.63
CA LEU D 233 -15.69 -25.08 -13.80
C LEU D 233 -15.41 -23.62 -13.46
N THR D 234 -16.35 -22.72 -13.78
CA THR D 234 -16.19 -21.32 -13.41
C THR D 234 -16.26 -21.13 -11.90
N VAL D 235 -17.20 -21.82 -11.25
CA VAL D 235 -17.28 -21.77 -9.79
C VAL D 235 -15.97 -22.24 -9.18
N GLY D 236 -15.47 -23.39 -9.65
CA GLY D 236 -14.21 -23.91 -9.14
C GLY D 236 -13.04 -23.01 -9.41
N GLY D 237 -13.03 -22.32 -10.55
CA GLY D 237 -11.94 -21.41 -10.85
C GLY D 237 -11.94 -20.17 -9.99
N VAL D 238 -13.12 -19.62 -9.71
CA VAL D 238 -13.14 -18.45 -8.83
C VAL D 238 -12.85 -18.84 -7.39
N GLY D 239 -13.27 -20.04 -6.97
CA GLY D 239 -12.84 -20.53 -5.67
C GLY D 239 -11.35 -20.75 -5.60
N GLY D 240 -10.76 -21.27 -6.67
CA GLY D 240 -9.33 -21.47 -6.69
C GLY D 240 -8.56 -20.17 -6.63
N VAL D 241 -9.03 -19.14 -7.31
CA VAL D 241 -8.29 -17.88 -7.26
C VAL D 241 -8.53 -17.15 -5.93
N ALA D 242 -9.71 -17.30 -5.33
CA ALA D 242 -9.91 -16.85 -3.96
C ALA D 242 -8.88 -17.48 -3.03
N THR D 243 -8.78 -18.81 -3.06
CA THR D 243 -7.82 -19.50 -2.19
C THR D 243 -6.39 -19.16 -2.55
N ALA D 244 -6.10 -18.88 -3.82
CA ALA D 244 -4.74 -18.63 -4.24
C ALA D 244 -4.25 -17.24 -3.90
N PHE D 245 -5.15 -16.27 -3.79
CA PHE D 245 -4.72 -14.98 -3.27
C PHE D 245 -4.79 -14.92 -1.75
N ALA D 246 -5.76 -15.61 -1.14
CA ALA D 246 -5.81 -15.70 0.31
C ALA D 246 -4.57 -16.36 0.90
N ALA D 247 -3.86 -17.17 0.12
CA ALA D 247 -2.70 -17.91 0.58
C ALA D 247 -1.39 -17.33 0.06
N ARG D 248 -1.35 -16.03 -0.20
CA ARG D 248 -0.14 -15.43 -0.75
C ARG D 248 0.96 -15.33 0.29
N ASP D 249 0.59 -15.28 1.58
CA ASP D 249 1.57 -15.13 2.65
C ASP D 249 2.27 -16.46 2.96
N ILE D 250 1.50 -17.55 3.06
CA ILE D 250 2.10 -18.86 3.27
C ILE D 250 3.03 -19.22 2.11
N LEU D 251 2.58 -18.96 0.89
CA LEU D 251 3.39 -19.25 -0.28
C LEU D 251 4.62 -18.34 -0.34
N GLY D 252 4.46 -17.06 0.02
CA GLY D 252 5.61 -16.19 0.11
C GLY D 252 6.64 -16.70 1.10
N ASN D 253 6.19 -17.15 2.28
CA ASN D 253 7.11 -17.67 3.27
C ASN D 253 7.84 -18.90 2.76
N VAL D 254 7.14 -19.81 2.08
CA VAL D 254 7.79 -21.02 1.60
C VAL D 254 8.79 -20.71 0.49
N LEU D 255 8.38 -19.90 -0.49
CA LEU D 255 9.28 -19.58 -1.59
C LEU D 255 10.49 -18.79 -1.12
N SER D 256 10.31 -17.87 -0.16
CA SER D 256 11.44 -17.15 0.38
C SER D 256 12.33 -18.04 1.23
N GLY D 257 11.77 -19.04 1.91
CA GLY D 257 12.61 -20.01 2.59
C GLY D 257 13.49 -20.79 1.63
N LEU D 258 12.95 -21.17 0.47
CA LEU D 258 13.78 -21.85 -0.53
C LEU D 258 14.84 -20.92 -1.10
N SER D 259 14.44 -19.70 -1.48
CA SER D 259 15.39 -18.74 -1.99
C SER D 259 16.52 -18.47 -1.00
N MET D 260 16.20 -18.47 0.29
CA MET D 260 17.25 -18.32 1.31
C MET D 260 18.09 -19.58 1.42
N GLN D 261 17.49 -20.76 1.17
CA GLN D 261 18.29 -21.98 1.10
C GLN D 261 19.29 -21.94 -0.02
N PHE D 262 19.06 -21.12 -1.05
CA PHE D 262 20.07 -21.01 -2.11
C PHE D 262 21.14 -19.97 -1.79
N SER D 263 20.73 -18.71 -1.60
CA SER D 263 21.68 -17.64 -1.29
C SER D 263 21.63 -17.39 0.22
N ARG D 264 22.49 -18.12 0.93
CA ARG D 264 22.44 -18.11 2.39
C ARG D 264 22.87 -16.74 2.92
N PRO D 265 21.97 -15.95 3.50
CA PRO D 265 22.36 -14.64 4.01
C PRO D 265 22.85 -14.68 5.44
N PHE D 266 22.67 -15.83 6.10
CA PHE D 266 23.14 -16.02 7.46
C PHE D 266 23.12 -17.51 7.76
N SER D 267 23.70 -17.86 8.91
CA SER D 267 23.76 -19.24 9.36
C SER D 267 23.43 -19.30 10.84
N MET D 268 23.34 -20.51 11.36
CA MET D 268 22.88 -20.73 12.73
C MET D 268 23.87 -20.12 13.71
N GLY D 269 23.40 -19.20 14.54
CA GLY D 269 24.22 -18.55 15.53
C GLY D 269 24.59 -17.13 15.19
N ASP D 270 24.44 -16.73 13.94
CA ASP D 270 24.78 -15.37 13.54
C ASP D 270 23.85 -14.36 14.18
N THR D 271 24.37 -13.19 14.51
CA THR D 271 23.59 -12.09 15.05
C THR D 271 23.15 -11.22 13.89
N ILE D 272 21.89 -11.30 13.49
CA ILE D 272 21.40 -10.56 12.35
C ILE D 272 20.44 -9.48 12.82
N LYS D 273 20.16 -8.55 11.92
CA LYS D 273 19.16 -7.51 12.13
C LYS D 273 18.36 -7.38 10.85
N ALA D 274 17.10 -7.78 10.90
CA ALA D 274 16.21 -7.76 9.75
C ALA D 274 15.12 -6.73 10.03
N GLY D 275 15.19 -5.59 9.34
CA GLY D 275 14.21 -4.55 9.53
C GLY D 275 14.11 -4.09 10.97
N SER D 276 13.02 -4.45 11.63
CA SER D 276 12.76 -4.02 12.99
C SER D 276 13.21 -5.02 14.04
N VAL D 277 13.57 -6.24 13.66
CA VAL D 277 13.93 -7.27 14.62
C VAL D 277 15.43 -7.49 14.55
N GLU D 278 16.00 -7.92 15.66
CA GLU D 278 17.42 -8.20 15.70
C GLU D 278 17.71 -9.22 16.76
N GLY D 279 18.60 -10.15 16.47
CA GLY D 279 19.01 -11.12 17.47
C GLY D 279 19.81 -12.25 16.87
N GLN D 280 20.05 -13.25 17.71
CA GLN D 280 20.85 -14.41 17.33
C GLN D 280 19.96 -15.47 16.72
N VAL D 281 20.36 -15.99 15.56
CA VAL D 281 19.61 -17.03 14.88
C VAL D 281 19.68 -18.31 15.71
N ILE D 282 18.53 -18.86 16.08
CA ILE D 282 18.47 -20.08 16.89
C ILE D 282 17.75 -21.21 16.17
N GLU D 283 17.14 -20.95 15.02
CA GLU D 283 16.44 -21.98 14.27
C GLU D 283 16.13 -21.44 12.89
N MET D 284 16.35 -22.26 11.85
CA MET D 284 16.06 -21.89 10.48
C MET D 284 15.12 -22.92 9.89
N GLY D 285 13.94 -22.48 9.49
CA GLY D 285 12.95 -23.38 8.93
C GLY D 285 12.60 -23.03 7.51
N LEU D 286 11.49 -23.57 7.00
CA LEU D 286 11.10 -23.28 5.62
C LEU D 286 10.14 -22.11 5.53
N THR D 287 9.29 -21.91 6.54
CA THR D 287 8.37 -20.78 6.52
C THR D 287 8.66 -19.73 7.58
N THR D 288 9.49 -20.02 8.58
CA THR D 288 9.82 -19.05 9.61
C THR D 288 11.26 -19.27 10.08
N THR D 289 11.89 -18.19 10.50
CA THR D 289 13.17 -18.19 11.19
C THR D 289 12.93 -17.79 12.64
N SER D 290 13.77 -18.30 13.54
CA SER D 290 13.65 -18.01 14.96
C SER D 290 14.87 -17.27 15.43
N LEU D 291 14.68 -16.13 16.08
CA LEU D 291 15.75 -15.33 16.63
C LEU D 291 15.64 -15.27 18.14
N LEU D 292 16.69 -14.77 18.76
CA LEU D 292 16.72 -14.45 20.18
C LEU D 292 17.10 -12.99 20.29
N ASN D 293 16.16 -12.14 20.68
CA ASN D 293 16.37 -10.70 20.60
C ASN D 293 17.12 -10.19 21.82
N ALA D 294 17.16 -8.87 22.00
CA ALA D 294 18.03 -8.27 23.00
C ALA D 294 17.56 -8.53 24.43
N GLU D 295 16.26 -8.74 24.63
CA GLU D 295 15.73 -9.12 25.92
C GLU D 295 15.77 -10.63 26.14
N LYS D 296 16.27 -11.38 25.17
CA LYS D 296 16.52 -12.82 25.28
C LYS D 296 15.23 -13.63 25.26
N PHE D 297 14.24 -13.18 24.47
CA PHE D 297 12.95 -13.74 24.08
C PHE D 297 13.05 -14.39 22.71
N PRO D 298 12.42 -15.53 22.46
CA PRO D 298 12.44 -16.09 21.10
C PRO D 298 11.43 -15.42 20.18
N VAL D 299 11.92 -14.82 19.12
CA VAL D 299 11.10 -14.15 18.11
C VAL D 299 10.94 -15.08 16.92
N LEU D 300 9.80 -15.00 16.25
CA LEU D 300 9.46 -15.84 15.12
C LEU D 300 9.18 -14.96 13.91
N VAL D 301 10.11 -14.92 12.97
CA VAL D 301 10.08 -14.02 11.82
C VAL D 301 9.60 -14.81 10.62
N PRO D 302 8.50 -14.41 9.96
CA PRO D 302 8.12 -15.05 8.70
C PRO D 302 9.16 -14.82 7.63
N ASN D 303 9.47 -15.87 6.87
CA ASN D 303 10.57 -15.84 5.92
C ASN D 303 10.34 -14.92 4.74
N SER D 304 9.15 -14.36 4.59
CA SER D 304 8.92 -13.40 3.51
C SER D 304 9.42 -12.02 3.84
N LEU D 305 9.99 -11.82 5.03
CA LEU D 305 10.58 -10.56 5.42
C LEU D 305 12.05 -10.45 5.07
N PHE D 306 12.69 -11.56 4.73
CA PHE D 306 14.09 -11.58 4.35
C PHE D 306 14.30 -11.42 2.85
N SER D 307 13.22 -11.21 2.10
CA SER D 307 13.33 -10.99 0.66
C SER D 307 12.99 -9.57 0.25
N SER D 308 12.27 -8.83 1.10
CA SER D 308 11.88 -7.46 0.79
C SER D 308 12.63 -6.42 1.60
N GLN D 309 13.45 -6.84 2.56
CA GLN D 309 14.16 -5.94 3.46
C GLN D 309 15.64 -6.28 3.49
N VAL D 310 16.43 -5.32 3.96
CA VAL D 310 17.88 -5.51 4.05
C VAL D 310 18.19 -6.28 5.33
N ILE D 311 19.26 -7.06 5.29
CA ILE D 311 19.69 -7.91 6.40
C ILE D 311 21.07 -7.46 6.80
N VAL D 312 21.25 -7.09 8.05
CA VAL D 312 22.56 -6.72 8.57
C VAL D 312 23.11 -7.92 9.33
N ASN D 313 24.33 -8.33 8.99
CA ASN D 313 24.96 -9.49 9.61
C ASN D 313 26.05 -9.01 10.54
N LYS D 314 25.75 -8.96 11.83
CA LYS D 314 26.69 -8.46 12.81
C LYS D 314 27.76 -9.47 13.18
N SER D 315 27.74 -10.66 12.59
CA SER D 315 28.72 -11.69 12.90
C SER D 315 29.75 -11.91 11.81
N ARG D 316 29.65 -11.20 10.69
CA ARG D 316 30.61 -11.32 9.61
C ARG D 316 31.49 -10.09 9.45
N ALA D 317 31.39 -9.13 10.36
CA ALA D 317 32.24 -7.96 10.31
C ALA D 317 33.68 -8.33 10.63
N GLN D 318 34.62 -7.75 9.87
CA GLN D 318 36.04 -8.01 10.06
C GLN D 318 36.76 -6.92 10.84
N TRP D 319 36.16 -5.74 10.98
CA TRP D 319 36.68 -4.71 11.85
C TRP D 319 35.50 -3.85 12.29
N ARG D 320 35.62 -3.28 13.47
CA ARG D 320 34.56 -2.47 14.05
C ARG D 320 34.89 -1.00 13.84
N ALA D 321 33.96 -0.13 14.20
CA ALA D 321 34.15 1.30 14.07
C ALA D 321 33.42 1.99 15.20
N ILE D 322 34.14 2.78 15.99
CA ILE D 322 33.55 3.53 17.09
C ILE D 322 33.61 5.02 16.75
N ALA D 323 32.65 5.75 17.30
CA ALA D 323 32.57 7.19 17.11
C ALA D 323 31.84 7.81 18.30
N SER D 324 32.38 8.92 18.81
CA SER D 324 31.79 9.59 19.96
C SER D 324 31.94 11.09 19.79
N LYS D 325 31.27 11.83 20.68
CA LYS D 325 31.31 13.28 20.67
C LYS D 325 31.56 13.79 22.07
N ILE D 326 32.54 14.66 22.21
CA ILE D 326 32.94 15.21 23.50
C ILE D 326 32.66 16.70 23.51
N PRO D 327 31.90 17.22 24.46
CA PRO D 327 31.72 18.68 24.56
C PRO D 327 32.75 19.31 25.46
N LEU D 328 33.23 20.48 25.04
CA LEU D 328 34.30 21.21 25.69
C LEU D 328 33.81 22.59 26.07
N GLN D 329 34.19 23.04 27.26
CA GLN D 329 33.91 24.40 27.71
C GLN D 329 35.20 25.19 27.49
N ILE D 330 35.30 25.83 26.33
CA ILE D 330 36.53 26.47 25.91
C ILE D 330 36.21 27.81 25.27
N ASP D 331 37.00 28.84 25.60
CA ASP D 331 36.89 30.15 24.99
C ASP D 331 38.09 30.51 24.15
N ASP D 332 39.26 29.94 24.45
CA ASP D 332 40.46 30.14 23.63
C ASP D 332 40.58 28.95 22.70
N LEU D 333 39.89 29.05 21.55
CA LEU D 333 39.95 27.98 20.56
C LEU D 333 41.31 27.85 19.91
N ASP D 334 42.28 28.70 20.24
CA ASP D 334 43.62 28.62 19.67
C ASP D 334 44.31 27.30 19.98
N MET D 335 43.75 26.48 20.87
CA MET D 335 44.32 25.18 21.19
C MET D 335 43.39 24.03 20.80
N ILE D 336 42.42 24.27 19.92
CA ILE D 336 41.60 23.19 19.39
C ILE D 336 42.39 22.36 18.38
N PRO D 337 43.23 22.97 17.52
CA PRO D 337 44.08 22.14 16.66
C PRO D 337 44.97 21.19 17.44
N GLN D 338 45.81 21.72 18.34
CA GLN D 338 46.77 20.90 19.09
C GLN D 338 46.08 19.69 19.70
N ILE D 339 45.13 19.92 20.58
CA ILE D 339 44.33 18.87 21.22
C ILE D 339 43.94 17.85 20.17
N SER D 340 43.28 18.31 19.11
CA SER D 340 42.80 17.42 18.06
C SER D 340 43.92 16.50 17.59
N ASN D 341 45.02 17.08 17.12
CA ASN D 341 46.12 16.28 16.63
C ASN D 341 46.58 15.29 17.68
N GLU D 342 46.75 15.74 18.91
CA GLU D 342 47.22 14.85 19.97
C GLU D 342 46.30 13.66 20.10
N ILE D 343 44.99 13.91 20.11
CA ILE D 343 44.05 12.81 20.25
C ILE D 343 44.24 11.81 19.13
N LYS D 344 44.35 12.30 17.89
CA LYS D 344 44.55 11.40 16.77
C LYS D 344 45.81 10.57 16.96
N GLU D 345 46.88 11.20 17.43
CA GLU D 345 48.11 10.46 17.70
C GLU D 345 47.80 9.34 18.67
N MET D 346 47.04 9.64 19.72
CA MET D 346 46.69 8.63 20.71
C MET D 346 45.94 7.47 20.07
N LEU D 347 45.03 7.76 19.14
CA LEU D 347 44.28 6.70 18.47
C LEU D 347 45.10 5.88 17.50
N ARG D 348 46.22 6.40 17.01
CA ARG D 348 47.10 5.60 16.16
C ARG D 348 48.13 4.84 16.98
N SER D 349 48.45 5.32 18.18
CA SER D 349 49.40 4.65 19.05
C SER D 349 48.72 3.63 19.96
N ASN D 350 47.45 3.36 19.73
CA ASN D 350 46.67 2.41 20.53
C ASN D 350 46.62 1.09 19.78
N THR D 351 46.95 0.00 20.46
CA THR D 351 46.63 -1.29 19.91
C THR D 351 45.11 -1.43 19.87
N LYS D 352 44.64 -2.42 19.10
CA LYS D 352 43.22 -2.63 18.85
C LYS D 352 42.61 -1.54 17.97
N VAL D 353 43.41 -0.81 17.21
CA VAL D 353 42.89 0.04 16.16
C VAL D 353 43.36 -0.52 14.83
N PHE D 354 42.58 -0.22 13.79
CA PHE D 354 42.78 -0.78 12.46
C PHE D 354 43.11 0.37 11.52
N LEU D 355 44.38 0.46 11.12
CA LEU D 355 44.84 1.52 10.24
C LEU D 355 44.89 1.09 8.78
N GLY D 356 44.02 0.17 8.37
CA GLY D 356 44.05 -0.35 7.03
C GLY D 356 43.19 0.41 6.05
N LYS D 357 42.03 0.88 6.49
CA LYS D 357 41.09 1.56 5.59
C LYS D 357 41.04 3.07 5.82
N GLU D 358 40.73 3.50 7.04
CA GLU D 358 40.52 4.91 7.32
C GLU D 358 41.36 5.32 8.52
N ALA D 359 41.76 6.54 8.52
CA ALA D 359 42.56 7.05 9.62
C ALA D 359 41.67 7.59 10.73
N PRO D 360 42.13 7.50 11.98
CA PRO D 360 41.38 8.10 13.07
C PRO D 360 41.17 9.59 12.85
N HIS D 361 39.99 10.07 13.22
CA HIS D 361 39.66 11.48 13.05
C HIS D 361 39.21 12.08 14.36
N CYS D 362 39.46 13.38 14.49
CA CYS D 362 38.95 14.16 15.63
C CYS D 362 38.89 15.61 15.16
N TYR D 363 37.69 16.07 14.82
CA TYR D 363 37.52 17.40 14.26
C TYR D 363 36.48 18.16 15.07
N LEU D 364 36.47 19.48 14.89
CA LEU D 364 35.54 20.37 15.55
C LEU D 364 34.26 20.42 14.73
N SER D 365 33.17 19.89 15.28
CA SER D 365 31.94 19.79 14.52
C SER D 365 30.99 20.96 14.76
N ARG D 366 31.04 21.60 15.91
CA ARG D 366 30.24 22.80 16.13
C ARG D 366 30.83 23.59 17.30
N VAL D 367 30.64 24.91 17.23
CA VAL D 367 31.16 25.83 18.22
C VAL D 367 30.01 26.68 18.75
N GLU D 368 30.24 27.31 19.90
CA GLU D 368 29.22 28.10 20.58
C GLU D 368 29.89 28.80 21.75
N LYS D 369 29.13 29.65 22.45
CA LYS D 369 29.68 30.46 23.51
C LYS D 369 30.28 29.62 24.63
N SER D 370 31.60 29.68 24.76
CA SER D 370 32.33 28.86 25.73
C SER D 370 31.97 27.39 25.58
N PHE D 371 31.82 26.95 24.34
CA PHE D 371 31.37 25.60 24.06
C PHE D 371 31.91 25.16 22.71
N ALA D 372 32.28 23.90 22.62
CA ALA D 372 32.74 23.31 21.37
C ALA D 372 32.44 21.82 21.43
N GLU D 373 32.38 21.19 20.27
CA GLU D 373 32.09 19.76 20.20
C GLU D 373 33.12 19.08 19.30
N LEU D 374 33.85 18.13 19.87
CA LEU D 374 34.81 17.33 19.11
C LEU D 374 34.18 16.00 18.74
N THR D 375 34.27 15.64 17.47
CA THR D 375 33.77 14.37 16.98
C THR D 375 34.94 13.44 16.76
N ILE D 376 35.03 12.39 17.57
CA ILE D 376 36.13 11.44 17.55
C ILE D 376 35.63 10.15 16.93
N GLY D 377 36.53 9.41 16.32
CA GLY D 377 36.17 8.13 15.76
C GLY D 377 37.37 7.40 15.23
N CYS D 378 37.23 6.08 15.13
CA CYS D 378 38.30 5.24 14.61
C CYS D 378 37.73 3.87 14.28
N ASN D 379 38.54 3.06 13.63
CA ASN D 379 38.25 1.64 13.41
C ASN D 379 39.03 0.80 14.39
N LEU D 380 38.44 -0.31 14.80
CA LEU D 380 39.03 -1.25 15.73
C LEU D 380 39.17 -2.60 15.08
N ILE D 381 40.12 -3.39 15.57
CA ILE D 381 40.35 -4.73 15.04
C ILE D 381 39.15 -5.60 15.38
N ARG D 382 39.06 -6.76 14.75
CA ARG D 382 37.97 -7.70 15.04
C ARG D 382 38.10 -8.19 16.47
N MET D 383 37.16 -7.82 17.31
CA MET D 383 37.21 -8.14 18.73
C MET D 383 35.84 -8.64 19.18
N GLY D 384 35.79 -9.12 20.42
CA GLY D 384 34.56 -9.61 21.01
C GLY D 384 33.57 -8.50 21.30
N LYS D 385 32.70 -8.68 22.28
CA LYS D 385 31.76 -7.63 22.64
C LYS D 385 32.03 -7.02 24.01
N GLU D 386 32.74 -7.72 24.89
CA GLU D 386 33.19 -7.05 26.11
C GLU D 386 34.46 -6.27 25.86
N GLU D 387 35.30 -6.74 24.94
CA GLU D 387 36.50 -5.99 24.60
C GLU D 387 36.15 -4.72 23.84
N LEU D 388 35.06 -4.73 23.06
CA LEU D 388 34.63 -3.51 22.40
C LEU D 388 34.20 -2.45 23.41
N TYR D 389 33.46 -2.87 24.43
CA TYR D 389 33.07 -1.95 25.50
C TYR D 389 34.29 -1.42 26.24
N ASN D 390 35.22 -2.31 26.59
CA ASN D 390 36.42 -1.87 27.29
C ASN D 390 37.22 -0.87 26.45
N THR D 391 37.34 -1.13 25.15
CA THR D 391 38.08 -0.23 24.29
C THR D 391 37.39 1.11 24.15
N GLN D 392 36.07 1.12 24.04
CA GLN D 392 35.33 2.38 24.00
C GLN D 392 35.59 3.19 25.25
N GLN D 393 35.42 2.58 26.43
CA GLN D 393 35.65 3.29 27.68
C GLN D 393 37.07 3.80 27.78
N GLU D 394 38.04 3.00 27.37
CA GLU D 394 39.45 3.38 27.46
C GLU D 394 39.76 4.56 26.55
N VAL D 395 39.28 4.52 25.30
CA VAL D 395 39.50 5.63 24.38
C VAL D 395 38.86 6.90 24.90
N LEU D 396 37.65 6.79 25.48
CA LEU D 396 36.97 7.97 26.00
C LEU D 396 37.74 8.58 27.17
N LEU D 397 38.24 7.74 28.08
CA LEU D 397 38.99 8.26 29.22
C LEU D 397 40.32 8.88 28.79
N GLU D 398 41.02 8.26 27.84
CA GLU D 398 42.27 8.84 27.37
C GLU D 398 42.03 10.17 26.66
N ALA D 399 40.95 10.27 25.88
CA ALA D 399 40.64 11.52 25.22
C ALA D 399 40.34 12.62 26.23
N VAL D 400 39.54 12.32 27.25
CA VAL D 400 39.26 13.33 28.25
C VAL D 400 40.51 13.71 29.02
N LYS D 401 41.42 12.76 29.23
CA LYS D 401 42.70 13.06 29.87
C LYS D 401 43.52 14.05 29.04
N ILE D 402 43.65 13.79 27.74
CA ILE D 402 44.35 14.71 26.85
C ILE D 402 43.68 16.09 26.87
N ILE D 403 42.35 16.12 26.87
CA ILE D 403 41.64 17.39 26.84
C ILE D 403 41.94 18.20 28.09
N LYS D 404 41.84 17.57 29.26
CA LYS D 404 42.08 18.28 30.51
C LYS D 404 43.56 18.59 30.72
N LYS D 405 44.45 17.92 30.00
CA LYS D 405 45.87 18.23 30.13
C LYS D 405 46.20 19.61 29.57
N HIS D 406 45.45 20.07 28.57
CA HIS D 406 45.69 21.37 27.94
C HIS D 406 44.94 22.51 28.64
N GLY D 407 44.48 22.29 29.86
CA GLY D 407 43.80 23.33 30.61
C GLY D 407 42.36 23.58 30.19
N VAL D 408 41.83 22.78 29.28
CA VAL D 408 40.45 22.90 28.85
C VAL D 408 39.58 22.05 29.79
N SER D 409 38.28 22.36 29.82
CA SER D 409 37.33 21.61 30.61
C SER D 409 36.15 21.21 29.74
N LEU D 410 35.43 20.18 30.19
CA LEU D 410 34.29 19.70 29.46
C LEU D 410 33.12 20.68 29.55
N GLY D 411 32.34 20.75 28.49
CA GLY D 411 31.18 21.61 28.44
C GLY D 411 29.90 20.89 28.80
N THR D 412 28.79 21.62 28.70
CA THR D 412 27.49 21.11 29.07
C THR D 412 26.54 21.28 27.89
N THR D 413 26.07 20.17 27.34
CA THR D 413 25.11 20.23 26.26
C THR D 413 23.76 20.74 26.77
N LYS E 125 23.69 -42.95 -18.80
CA LYS E 125 25.03 -42.45 -18.55
C LYS E 125 25.16 -40.98 -18.94
N SER E 126 24.57 -40.61 -20.08
CA SER E 126 24.63 -39.24 -20.56
C SER E 126 23.30 -38.82 -21.16
N PHE E 127 23.29 -37.69 -21.87
CA PHE E 127 22.11 -37.29 -22.62
C PHE E 127 21.84 -38.25 -23.77
N TRP E 128 22.90 -38.83 -24.36
CA TRP E 128 22.72 -39.71 -25.51
C TRP E 128 21.86 -40.92 -25.14
N GLY E 129 22.18 -41.57 -24.03
CA GLY E 129 21.37 -42.71 -23.60
C GLY E 129 20.00 -42.29 -23.11
N ALA E 130 19.95 -41.18 -22.35
CA ALA E 130 18.68 -40.66 -21.84
C ALA E 130 17.73 -40.29 -22.97
N LEU E 131 18.23 -40.08 -24.18
CA LEU E 131 17.36 -39.89 -25.34
C LEU E 131 17.09 -41.15 -26.14
N GLU E 132 18.11 -41.98 -26.36
CA GLU E 132 17.95 -43.12 -27.26
C GLU E 132 17.22 -44.28 -26.61
N ASP E 133 17.02 -44.26 -25.30
CA ASP E 133 16.16 -45.29 -24.74
C ASP E 133 14.70 -44.91 -25.00
N PRO E 134 14.25 -43.72 -24.59
CA PRO E 134 12.85 -43.36 -24.89
C PRO E 134 12.57 -43.23 -26.37
N ALA E 135 13.52 -42.75 -27.18
CA ALA E 135 13.29 -42.64 -28.61
C ALA E 135 13.10 -44.00 -29.25
N ARG E 136 13.92 -44.98 -28.88
CA ARG E 136 13.74 -46.32 -29.43
C ARG E 136 12.46 -46.98 -28.92
N TYR E 137 12.10 -46.77 -27.66
CA TYR E 137 10.82 -47.30 -27.17
C TYR E 137 9.64 -46.70 -27.95
N LEU E 138 9.69 -45.38 -28.21
CA LEU E 138 8.60 -44.73 -28.91
C LEU E 138 8.50 -45.19 -30.36
N VAL E 139 9.65 -45.31 -31.04
CA VAL E 139 9.62 -45.79 -32.42
C VAL E 139 9.10 -47.22 -32.47
N THR E 140 9.53 -48.06 -31.53
CA THR E 140 9.00 -49.42 -31.44
C THR E 140 7.50 -49.42 -31.28
N PHE E 141 6.98 -48.56 -30.38
CA PHE E 141 5.55 -48.58 -30.10
C PHE E 141 4.73 -48.08 -31.28
N ILE E 142 5.20 -47.04 -31.96
CA ILE E 142 4.43 -46.53 -33.09
C ILE E 142 4.49 -47.51 -34.26
N ALA E 143 5.64 -48.17 -34.47
CA ALA E 143 5.71 -49.18 -35.53
C ALA E 143 4.82 -50.37 -35.20
N PHE E 144 4.71 -50.72 -33.92
CA PHE E 144 3.78 -51.77 -33.52
C PHE E 144 2.35 -51.35 -33.81
N ALA E 145 1.97 -50.11 -33.42
CA ALA E 145 0.60 -49.68 -33.58
C ALA E 145 0.20 -49.58 -35.05
N GLN E 146 1.14 -49.20 -35.92
CA GLN E 146 0.81 -49.07 -37.33
C GLN E 146 0.33 -50.39 -37.94
N ILE E 147 1.04 -51.48 -37.67
CA ILE E 147 0.65 -52.77 -38.21
C ILE E 147 -0.32 -53.47 -37.26
N ALA E 148 -0.62 -52.81 -36.14
CA ALA E 148 -1.74 -53.25 -35.31
C ALA E 148 -3.06 -52.70 -35.79
N ALA E 149 -3.04 -51.58 -36.51
CA ALA E 149 -4.24 -51.01 -37.09
C ALA E 149 -4.47 -51.37 -38.56
N MET E 150 -3.40 -51.52 -39.34
CA MET E 150 -3.56 -51.88 -40.75
C MET E 150 -4.16 -53.27 -40.93
N VAL E 151 -3.51 -54.28 -40.36
CA VAL E 151 -4.00 -55.66 -40.45
C VAL E 151 -4.54 -56.13 -39.12
N ALA E 158 -11.73 -48.55 -33.54
CA ALA E 158 -10.54 -49.36 -33.77
C ALA E 158 -9.42 -48.54 -34.38
N GLN E 159 -9.77 -47.43 -35.01
CA GLN E 159 -8.80 -46.53 -35.64
C GLN E 159 -8.61 -45.30 -34.74
N TYR E 160 -7.74 -45.45 -33.75
CA TYR E 160 -7.38 -44.36 -32.86
C TYR E 160 -5.85 -44.27 -32.83
N PHE E 161 -5.27 -44.14 -34.04
CA PHE E 161 -3.83 -44.09 -34.19
C PHE E 161 -3.35 -42.77 -33.60
N SER E 162 -4.04 -41.68 -33.89
CA SER E 162 -3.62 -40.38 -33.40
C SER E 162 -3.63 -40.26 -31.88
N PRO E 163 -4.70 -40.62 -31.16
CA PRO E 163 -4.66 -40.47 -29.70
C PRO E 163 -3.56 -41.30 -29.05
N THR E 164 -3.42 -42.56 -29.46
CA THR E 164 -2.42 -43.43 -28.83
C THR E 164 -1.01 -42.96 -29.18
N VAL E 165 -0.79 -42.49 -30.42
CA VAL E 165 0.53 -42.03 -30.81
C VAL E 165 0.90 -40.76 -30.06
N LYS E 166 -0.05 -39.84 -29.91
CA LYS E 166 0.25 -38.62 -29.15
C LYS E 166 0.48 -38.92 -27.68
N GLY E 167 -0.29 -39.85 -27.11
CA GLY E 167 -0.04 -40.25 -25.74
C GLY E 167 1.32 -40.87 -25.56
N ALA E 168 1.74 -41.71 -26.51
CA ALA E 168 3.06 -42.32 -26.43
C ALA E 168 4.16 -41.27 -26.55
N VAL E 169 4.00 -40.30 -27.43
CA VAL E 169 5.00 -39.24 -27.56
C VAL E 169 5.10 -38.45 -26.27
N ILE E 170 3.96 -38.10 -25.66
CA ILE E 170 3.98 -37.30 -24.44
C ILE E 170 4.64 -38.09 -23.31
N LEU E 171 4.24 -39.35 -23.13
CA LEU E 171 4.79 -40.11 -22.01
C LEU E 171 6.27 -40.41 -22.21
N SER E 172 6.69 -40.70 -23.44
CA SER E 172 8.12 -40.90 -23.69
C SER E 172 8.90 -39.62 -23.45
N LEU E 173 8.36 -38.46 -23.84
CA LEU E 173 9.08 -37.22 -23.62
C LEU E 173 9.19 -36.90 -22.14
N VAL E 174 8.15 -37.17 -21.37
CA VAL E 174 8.22 -36.98 -19.91
C VAL E 174 9.27 -37.90 -19.31
N TRP E 175 9.31 -39.16 -19.76
CA TRP E 175 10.31 -40.09 -19.25
C TRP E 175 11.71 -39.64 -19.61
N PHE E 176 11.90 -39.12 -20.81
CA PHE E 176 13.21 -38.63 -21.23
C PHE E 176 13.63 -37.42 -20.41
N LEU E 177 12.71 -36.50 -20.13
CA LEU E 177 13.03 -35.36 -19.29
C LEU E 177 13.41 -35.81 -17.89
N TYR E 178 12.71 -36.81 -17.34
CA TYR E 178 13.08 -37.33 -16.04
C TYR E 178 14.49 -37.93 -16.11
N ARG E 179 14.78 -38.69 -17.16
CA ARG E 179 16.11 -39.29 -17.28
C ARG E 179 17.18 -38.21 -17.33
N TRP E 180 16.97 -37.18 -18.14
CA TRP E 180 17.96 -36.11 -18.25
C TRP E 180 18.14 -35.33 -16.95
N LYS E 181 17.04 -35.05 -16.24
CA LYS E 181 17.13 -34.36 -14.97
C LYS E 181 17.94 -35.17 -13.95
N THR E 182 17.65 -36.47 -13.85
CA THR E 182 18.40 -37.29 -12.91
C THR E 182 19.88 -37.37 -13.28
N ASN E 183 20.18 -37.47 -14.59
CA ASN E 183 21.58 -37.50 -15.00
C ASN E 183 22.30 -36.21 -14.63
N VAL E 184 21.67 -35.07 -14.88
CA VAL E 184 22.33 -33.79 -14.59
C VAL E 184 22.61 -33.55 -13.11
N ILE E 185 21.60 -33.75 -12.25
CA ILE E 185 21.84 -33.49 -10.84
C ILE E 185 22.48 -34.71 -10.14
N THR E 186 22.84 -35.73 -10.93
CA THR E 186 23.64 -36.81 -10.39
C THR E 186 25.03 -36.41 -10.88
N ARG E 187 25.12 -35.88 -12.10
CA ARG E 187 26.39 -35.32 -12.55
C ARG E 187 26.95 -34.15 -11.71
N MET E 188 26.06 -33.21 -11.34
CA MET E 188 26.41 -32.23 -10.32
C MET E 188 26.78 -32.63 -8.90
N LEU E 189 26.32 -33.79 -8.45
CA LEU E 189 26.69 -34.33 -7.15
C LEU E 189 27.88 -35.28 -7.24
N SER E 190 28.52 -35.36 -8.41
CA SER E 190 29.71 -36.19 -8.61
C SER E 190 30.91 -35.29 -8.84
N ALA E 191 30.97 -34.15 -8.15
CA ALA E 191 32.09 -33.23 -8.28
C ALA E 191 32.72 -32.97 -6.92
N ASP E 198 28.01 -26.72 -1.50
CA ASP E 198 27.23 -26.66 -2.73
C ASP E 198 26.56 -28.01 -2.99
N ARG E 199 26.08 -28.64 -1.92
CA ARG E 199 25.38 -29.91 -2.04
C ARG E 199 23.91 -29.83 -1.68
N GLU E 200 23.53 -29.14 -0.59
CA GLU E 200 22.12 -28.97 -0.29
C GLU E 200 21.43 -28.14 -1.36
N LYS E 201 22.20 -27.29 -2.05
CA LYS E 201 21.67 -26.61 -3.23
C LYS E 201 21.25 -27.61 -4.29
N VAL E 202 22.06 -28.65 -4.52
CA VAL E 202 21.73 -29.66 -5.51
C VAL E 202 20.50 -30.45 -5.08
N LEU E 203 20.38 -30.75 -3.79
CA LEU E 203 19.19 -31.47 -3.32
C LEU E 203 17.94 -30.63 -3.47
N THR E 204 18.02 -29.33 -3.16
CA THR E 204 16.88 -28.45 -3.35
C THR E 204 16.50 -28.34 -4.82
N LEU E 205 17.49 -28.21 -5.70
CA LEU E 205 17.21 -28.18 -7.13
C LEU E 205 16.54 -29.46 -7.59
N ASP E 206 17.01 -30.61 -7.10
CA ASP E 206 16.42 -31.88 -7.47
C ASP E 206 14.96 -31.95 -7.04
N LYS E 207 14.67 -31.57 -5.80
CA LYS E 207 13.29 -31.64 -5.31
C LYS E 207 12.37 -30.68 -6.08
N VAL E 208 12.83 -29.45 -6.29
CA VAL E 208 12.00 -28.47 -7.00
C VAL E 208 11.76 -28.91 -8.44
N SER E 209 12.80 -29.45 -9.10
CA SER E 209 12.63 -29.91 -10.47
C SER E 209 11.73 -31.11 -10.56
N SER E 210 11.77 -32.01 -9.57
CA SER E 210 10.85 -33.14 -9.58
C SER E 210 9.42 -32.69 -9.39
N VAL E 211 9.19 -31.70 -8.51
CA VAL E 211 7.85 -31.15 -8.34
C VAL E 211 7.35 -30.57 -9.66
N GLY E 212 8.16 -29.71 -10.29
CA GLY E 212 7.75 -29.09 -11.53
C GLY E 212 7.50 -30.11 -12.63
N LEU E 213 8.36 -31.12 -12.73
CA LEU E 213 8.19 -32.12 -13.78
C LEU E 213 6.96 -32.98 -13.54
N PHE E 214 6.66 -33.30 -12.29
CA PHE E 214 5.42 -34.02 -12.00
C PHE E 214 4.21 -33.21 -12.42
N ALA E 215 4.20 -31.91 -12.09
CA ALA E 215 3.09 -31.05 -12.49
C ALA E 215 2.92 -31.04 -14.01
N ILE E 216 4.01 -30.77 -14.73
CA ILE E 216 3.94 -30.65 -16.18
C ILE E 216 3.52 -31.98 -16.81
N GLY E 217 4.08 -33.09 -16.32
CA GLY E 217 3.75 -34.38 -16.88
C GLY E 217 2.31 -34.77 -16.62
N LEU E 218 1.79 -34.46 -15.43
CA LEU E 218 0.39 -34.76 -15.15
C LEU E 218 -0.52 -33.96 -16.07
N MET E 219 -0.26 -32.66 -16.23
CA MET E 219 -1.08 -31.85 -17.12
C MET E 219 -1.04 -32.39 -18.55
N ALA E 220 0.16 -32.66 -19.07
CA ALA E 220 0.29 -33.09 -20.46
C ALA E 220 -0.30 -34.47 -20.69
N SER E 221 -0.18 -35.38 -19.73
CA SER E 221 -0.74 -36.71 -19.90
C SER E 221 -2.26 -36.69 -19.81
N ALA E 222 -2.82 -35.92 -18.88
CA ALA E 222 -4.26 -35.77 -18.83
C ALA E 222 -4.81 -35.13 -20.09
N GLU E 223 -4.05 -34.26 -20.72
CA GLU E 223 -4.51 -33.67 -21.98
C GLU E 223 -4.34 -34.62 -23.16
N ALA E 224 -3.32 -35.47 -23.15
CA ALA E 224 -3.14 -36.43 -24.23
C ALA E 224 -4.19 -37.53 -24.17
N CYS E 225 -4.44 -38.08 -22.98
CA CYS E 225 -5.46 -39.12 -22.84
C CYS E 225 -6.84 -38.57 -23.14
N GLY E 226 -7.16 -37.40 -22.58
CA GLY E 226 -8.46 -36.80 -22.77
C GLY E 226 -9.38 -36.86 -21.59
N VAL E 227 -8.90 -37.29 -20.43
CA VAL E 227 -9.74 -37.45 -19.24
C VAL E 227 -9.58 -36.21 -18.37
N ALA E 228 -10.67 -35.50 -18.17
CA ALA E 228 -10.72 -34.31 -17.31
C ALA E 228 -9.63 -33.32 -17.71
N VAL E 229 -9.71 -32.85 -18.95
CA VAL E 229 -8.71 -31.91 -19.46
C VAL E 229 -8.86 -30.55 -18.78
N GLN E 230 -10.04 -29.94 -18.92
CA GLN E 230 -10.22 -28.58 -18.45
C GLN E 230 -10.16 -28.47 -16.93
N SER E 231 -10.63 -29.50 -16.23
CA SER E 231 -10.56 -29.48 -14.77
C SER E 231 -9.12 -29.43 -14.28
N ILE E 232 -8.30 -30.38 -14.74
CA ILE E 232 -6.90 -30.43 -14.30
C ILE E 232 -6.14 -29.23 -14.80
N LEU E 233 -6.45 -28.74 -16.00
CA LEU E 233 -5.78 -27.56 -16.52
C LEU E 233 -6.13 -26.32 -15.70
N THR E 234 -7.36 -26.21 -15.24
CA THR E 234 -7.75 -25.09 -14.39
C THR E 234 -7.05 -25.17 -13.04
N VAL E 235 -6.99 -26.37 -12.46
CA VAL E 235 -6.25 -26.54 -11.21
C VAL E 235 -4.79 -26.12 -11.39
N GLY E 236 -4.15 -26.61 -12.45
CA GLY E 236 -2.78 -26.24 -12.71
C GLY E 236 -2.58 -24.76 -12.97
N GLY E 237 -3.56 -24.12 -13.61
CA GLY E 237 -3.44 -22.69 -13.87
C GLY E 237 -3.56 -21.85 -12.62
N VAL E 238 -4.48 -22.22 -11.72
CA VAL E 238 -4.60 -21.46 -10.48
C VAL E 238 -3.40 -21.73 -9.57
N GLY E 239 -2.85 -22.94 -9.60
CA GLY E 239 -1.60 -23.18 -8.88
C GLY E 239 -0.45 -22.39 -9.46
N GLY E 240 -0.40 -22.28 -10.79
CA GLY E 240 0.65 -21.50 -11.41
C GLY E 240 0.56 -20.04 -11.08
N VAL E 241 -0.65 -19.48 -11.02
CA VAL E 241 -0.75 -18.06 -10.71
C VAL E 241 -0.53 -17.81 -9.22
N ALA E 242 -0.92 -18.76 -8.36
CA ALA E 242 -0.52 -18.69 -6.96
C ALA E 242 1.00 -18.61 -6.83
N THR E 243 1.71 -19.54 -7.46
CA THR E 243 3.17 -19.53 -7.39
C THR E 243 3.77 -18.29 -8.07
N ALA E 244 3.12 -17.78 -9.09
CA ALA E 244 3.68 -16.66 -9.85
C ALA E 244 3.50 -15.33 -9.13
N PHE E 245 2.48 -15.20 -8.29
CA PHE E 245 2.42 -13.99 -7.47
C PHE E 245 3.18 -14.17 -6.15
N ALA E 246 3.22 -15.37 -5.60
CA ALA E 246 4.04 -15.63 -4.42
C ALA E 246 5.51 -15.39 -4.67
N ALA E 247 5.96 -15.46 -5.93
CA ALA E 247 7.36 -15.32 -6.28
C ALA E 247 7.66 -13.99 -6.94
N ARG E 248 6.89 -12.94 -6.62
CA ARG E 248 7.11 -11.64 -7.25
C ARG E 248 8.37 -10.98 -6.74
N ASP E 249 8.81 -11.32 -5.53
CA ASP E 249 9.99 -10.69 -4.95
C ASP E 249 11.28 -11.27 -5.51
N ILE E 250 11.37 -12.60 -5.61
CA ILE E 250 12.53 -13.22 -6.23
C ILE E 250 12.69 -12.77 -7.68
N LEU E 251 11.58 -12.73 -8.41
CA LEU E 251 11.61 -12.29 -9.80
C LEU E 251 11.95 -10.81 -9.91
N GLY E 252 11.42 -9.99 -9.00
CA GLY E 252 11.81 -8.59 -8.96
C GLY E 252 13.30 -8.42 -8.74
N ASN E 253 13.87 -9.17 -7.80
CA ASN E 253 15.31 -9.09 -7.55
C ASN E 253 16.12 -9.48 -8.77
N VAL E 254 15.72 -10.55 -9.46
CA VAL E 254 16.48 -10.99 -10.62
C VAL E 254 16.39 -9.99 -11.76
N LEU E 255 15.18 -9.53 -12.07
CA LEU E 255 15.01 -8.59 -13.17
C LEU E 255 15.68 -7.25 -12.88
N SER E 256 15.63 -6.80 -11.63
CA SER E 256 16.33 -5.57 -11.28
C SER E 256 17.85 -5.76 -11.30
N GLY E 257 18.33 -6.95 -10.96
CA GLY E 257 19.75 -7.22 -11.13
C GLY E 257 20.20 -7.12 -12.57
N LEU E 258 19.38 -7.64 -13.49
CA LEU E 258 19.71 -7.51 -14.91
C LEU E 258 19.65 -6.05 -15.37
N SER E 259 18.58 -5.35 -15.00
CA SER E 259 18.45 -3.95 -15.36
C SER E 259 19.63 -3.13 -14.84
N MET E 260 20.13 -3.46 -13.66
CA MET E 260 21.32 -2.80 -13.14
C MET E 260 22.56 -3.22 -13.90
N GLN E 261 22.61 -4.46 -14.39
CA GLN E 261 23.70 -4.86 -15.26
C GLN E 261 23.74 -4.06 -16.55
N PHE E 262 22.61 -3.49 -16.96
CA PHE E 262 22.64 -2.63 -18.15
C PHE E 262 23.02 -1.18 -17.83
N SER E 263 22.24 -0.52 -16.98
CA SER E 263 22.50 0.86 -16.60
C SER E 263 23.19 0.86 -15.24
N ARG E 264 24.52 0.78 -15.27
CA ARG E 264 25.29 0.61 -14.04
C ARG E 264 25.20 1.86 -13.17
N PRO E 265 24.52 1.81 -12.02
CA PRO E 265 24.42 3.01 -11.19
C PRO E 265 25.57 3.12 -10.19
N PHE E 266 26.38 2.08 -10.08
CA PHE E 266 27.54 2.08 -9.22
C PHE E 266 28.43 0.91 -9.60
N SER E 267 29.63 0.90 -9.02
CA SER E 267 30.60 -0.16 -9.27
C SER E 267 31.22 -0.58 -7.95
N MET E 268 32.06 -1.61 -8.01
CA MET E 268 32.61 -2.21 -6.81
C MET E 268 33.53 -1.23 -6.10
N GLY E 269 33.21 -0.92 -4.85
CA GLY E 269 33.99 -0.01 -4.05
C GLY E 269 33.34 1.34 -3.84
N ASP E 270 32.36 1.68 -4.65
CA ASP E 270 31.68 2.97 -4.52
C ASP E 270 30.92 3.05 -3.21
N THR E 271 30.88 4.25 -2.63
CA THR E 271 30.11 4.50 -1.43
C THR E 271 28.74 5.01 -1.84
N ILE E 272 27.72 4.17 -1.74
CA ILE E 272 26.39 4.53 -2.18
C ILE E 272 25.47 4.68 -0.97
N LYS E 273 24.32 5.29 -1.21
CA LYS E 273 23.26 5.42 -0.23
C LYS E 273 21.95 5.13 -0.95
N ALA E 274 21.33 4.01 -0.61
CA ALA E 274 20.09 3.57 -1.23
C ALA E 274 19.00 3.61 -0.16
N GLY E 275 18.11 4.60 -0.27
CA GLY E 275 17.04 4.72 0.70
C GLY E 275 17.54 4.86 2.12
N SER E 276 17.35 3.81 2.91
CA SER E 276 17.72 3.81 4.31
C SER E 276 19.10 3.22 4.59
N VAL E 277 19.72 2.59 3.61
CA VAL E 277 21.02 1.94 3.83
C VAL E 277 22.10 2.75 3.13
N GLU E 278 23.30 2.67 3.66
CA GLU E 278 24.41 3.37 3.05
C GLU E 278 25.71 2.68 3.38
N GLY E 279 26.60 2.59 2.41
CA GLY E 279 27.90 2.01 2.67
C GLY E 279 28.66 1.75 1.39
N GLN E 280 29.79 1.06 1.56
CA GLN E 280 30.68 0.74 0.46
C GLN E 280 30.27 -0.57 -0.19
N VAL E 281 30.16 -0.58 -1.51
CA VAL E 281 29.80 -1.79 -2.24
C VAL E 281 30.94 -2.79 -2.14
N ILE E 282 30.64 -3.99 -1.65
CA ILE E 282 31.64 -5.03 -1.49
C ILE E 282 31.32 -6.28 -2.31
N GLU E 283 30.15 -6.35 -2.92
CA GLU E 283 29.77 -7.49 -3.74
C GLU E 283 28.53 -7.14 -4.53
N MET E 284 28.52 -7.51 -5.80
CA MET E 284 27.38 -7.26 -6.68
C MET E 284 26.93 -8.58 -7.26
N GLY E 285 25.69 -8.96 -6.98
CA GLY E 285 25.16 -10.23 -7.47
C GLY E 285 23.97 -10.03 -8.37
N LEU E 286 23.22 -11.10 -8.62
CA LEU E 286 22.04 -10.99 -9.48
C LEU E 286 20.77 -10.72 -8.69
N THR E 287 20.66 -11.22 -7.47
CA THR E 287 19.48 -10.97 -6.66
C THR E 287 19.74 -10.11 -5.44
N THR E 288 21.00 -9.89 -5.05
CA THR E 288 21.32 -9.06 -3.90
C THR E 288 22.64 -8.35 -4.13
N THR E 289 22.76 -7.16 -3.55
CA THR E 289 24.01 -6.42 -3.44
C THR E 289 24.45 -6.43 -1.99
N SER E 290 25.76 -6.37 -1.77
CA SER E 290 26.32 -6.39 -0.43
C SER E 290 27.05 -5.09 -0.17
N LEU E 291 26.71 -4.42 0.93
CA LEU E 291 27.34 -3.18 1.34
C LEU E 291 28.07 -3.37 2.65
N LEU E 292 28.88 -2.39 2.99
CA LEU E 292 29.53 -2.29 4.30
C LEU E 292 29.12 -0.94 4.87
N ASN E 293 28.28 -0.95 5.91
CA ASN E 293 27.66 0.28 6.39
C ASN E 293 28.60 1.01 7.34
N ALA E 294 28.06 2.01 8.05
CA ALA E 294 28.90 2.92 8.82
C ALA E 294 29.51 2.27 10.05
N GLU E 295 28.85 1.24 10.60
CA GLU E 295 29.41 0.47 11.69
C GLU E 295 30.30 -0.67 11.22
N LYS E 296 30.48 -0.79 9.90
CA LYS E 296 31.41 -1.73 9.27
C LYS E 296 30.93 -3.18 9.38
N PHE E 297 29.61 -3.39 9.28
CA PHE E 297 28.81 -4.61 9.19
C PHE E 297 28.43 -4.87 7.75
N PRO E 298 28.44 -6.12 7.28
CA PRO E 298 27.98 -6.39 5.90
C PRO E 298 26.47 -6.44 5.80
N VAL E 299 25.89 -5.54 5.01
CA VAL E 299 24.46 -5.47 4.76
C VAL E 299 24.16 -6.14 3.44
N LEU E 300 22.97 -6.75 3.34
CA LEU E 300 22.55 -7.48 2.16
C LEU E 300 21.25 -6.86 1.65
N VAL E 301 21.33 -6.12 0.55
CA VAL E 301 20.22 -5.34 0.01
C VAL E 301 19.62 -6.11 -1.15
N PRO E 302 18.32 -6.44 -1.12
CA PRO E 302 17.69 -7.04 -2.30
C PRO E 302 17.68 -6.07 -3.47
N ASN E 303 17.99 -6.59 -4.65
CA ASN E 303 18.18 -5.75 -5.83
C ASN E 303 16.91 -5.07 -6.32
N SER E 304 15.76 -5.40 -5.76
CA SER E 304 14.53 -4.72 -6.16
C SER E 304 14.37 -3.38 -5.47
N LEU E 305 15.32 -3.00 -4.63
CA LEU E 305 15.30 -1.70 -3.95
C LEU E 305 16.04 -0.64 -4.75
N PHE E 306 16.83 -1.02 -5.73
CA PHE E 306 17.56 -0.08 -6.56
C PHE E 306 16.78 0.34 -7.80
N SER E 307 15.54 -0.13 -7.95
CA SER E 307 14.71 0.27 -9.08
C SER E 307 13.56 1.16 -8.67
N SER E 308 13.18 1.17 -7.39
CA SER E 308 12.07 1.98 -6.92
C SER E 308 12.51 3.16 -6.08
N GLN E 309 13.80 3.27 -5.76
CA GLN E 309 14.32 4.32 -4.90
C GLN E 309 15.50 5.01 -5.55
N VAL E 310 15.82 6.19 -5.04
CA VAL E 310 16.93 6.98 -5.56
C VAL E 310 18.23 6.45 -4.96
N ILE E 311 19.31 6.57 -5.73
CA ILE E 311 20.62 6.08 -5.33
C ILE E 311 21.56 7.27 -5.31
N VAL E 312 22.20 7.53 -4.18
CA VAL E 312 23.17 8.60 -4.06
C VAL E 312 24.55 7.97 -4.17
N ASN E 313 25.39 8.49 -5.06
CA ASN E 313 26.72 7.94 -5.29
C ASN E 313 27.73 8.92 -4.71
N LYS E 314 28.22 8.65 -3.51
CA LYS E 314 29.16 9.56 -2.87
C LYS E 314 30.56 9.50 -3.45
N SER E 315 30.81 8.55 -4.34
CA SER E 315 32.14 8.36 -4.89
C SER E 315 32.35 8.99 -6.26
N ARG E 316 31.31 9.58 -6.85
CA ARG E 316 31.42 10.23 -8.14
C ARG E 316 31.29 11.74 -8.05
N ALA E 317 31.27 12.30 -6.85
CA ALA E 317 31.23 13.74 -6.70
C ALA E 317 32.55 14.36 -7.12
N GLN E 318 32.48 15.48 -7.83
CA GLN E 318 33.66 16.19 -8.30
C GLN E 318 34.04 17.38 -7.46
N TRP E 319 33.13 17.89 -6.62
CA TRP E 319 33.45 18.90 -5.63
C TRP E 319 32.48 18.74 -4.48
N ARG E 320 32.93 19.11 -3.30
CA ARG E 320 32.14 18.98 -2.09
C ARG E 320 31.53 20.32 -1.74
N ALA E 321 30.67 20.33 -0.73
CA ALA E 321 30.01 21.55 -0.29
C ALA E 321 29.81 21.47 1.21
N ILE E 322 30.35 22.45 1.94
CA ILE E 322 30.19 22.53 3.37
C ILE E 322 29.31 23.71 3.73
N ALA E 323 28.60 23.60 4.84
CA ALA E 323 27.73 24.65 5.34
C ALA E 323 27.61 24.51 6.85
N SER E 324 27.70 25.63 7.55
CA SER E 324 27.62 25.63 9.01
C SER E 324 26.87 26.88 9.47
N LYS E 325 26.55 26.91 10.76
CA LYS E 325 25.85 28.03 11.37
C LYS E 325 26.55 28.42 12.65
N ILE E 326 26.86 29.70 12.79
CA ILE E 326 27.57 30.23 13.94
C ILE E 326 26.64 31.17 14.69
N PRO E 327 26.40 30.97 15.98
CA PRO E 327 25.62 31.94 16.76
C PRO E 327 26.50 33.00 17.40
N LEU E 328 26.00 34.22 17.38
CA LEU E 328 26.73 35.40 17.84
C LEU E 328 25.92 36.08 18.94
N GLN E 329 26.61 36.53 19.97
CA GLN E 329 26.00 37.34 21.02
C GLN E 329 26.36 38.79 20.72
N ILE E 330 25.46 39.46 20.00
CA ILE E 330 25.74 40.80 19.48
C ILE E 330 24.50 41.66 19.65
N ASP E 331 24.71 42.90 20.08
CA ASP E 331 23.65 43.90 20.18
C ASP E 331 23.80 45.04 19.20
N ASP E 332 25.03 45.33 18.78
CA ASP E 332 25.29 46.35 17.77
C ASP E 332 25.44 45.63 16.43
N LEU E 333 24.31 45.38 15.78
CA LEU E 333 24.31 44.72 14.48
C LEU E 333 24.94 45.57 13.39
N ASP E 334 25.34 46.81 13.69
CA ASP E 334 25.96 47.68 12.68
C ASP E 334 27.26 47.10 12.12
N MET E 335 27.77 46.02 12.69
CA MET E 335 28.98 45.37 12.19
C MET E 335 28.70 43.94 11.72
N ILE E 336 27.45 43.61 11.45
CA ILE E 336 27.14 42.31 10.85
C ILE E 336 27.51 42.31 9.37
N PRO E 337 27.30 43.40 8.61
CA PRO E 337 27.81 43.42 7.23
C PRO E 337 29.31 43.20 7.13
N GLN E 338 30.10 44.04 7.80
CA GLN E 338 31.56 43.96 7.72
C GLN E 338 32.05 42.53 7.94
N ILE E 339 31.78 41.99 9.13
CA ILE E 339 32.11 40.62 9.49
C ILE E 339 31.77 39.70 8.32
N SER E 340 30.52 39.74 7.89
CA SER E 340 30.06 38.87 6.82
C SER E 340 30.99 38.96 5.62
N ASN E 341 31.19 40.17 5.09
CA ASN E 341 32.05 40.33 3.93
C ASN E 341 33.43 39.75 4.19
N GLU E 342 34.00 40.08 5.36
CA GLU E 342 35.35 39.60 5.67
C GLU E 342 35.39 38.08 5.60
N ILE E 343 34.40 37.41 6.19
CA ILE E 343 34.38 35.96 6.18
C ILE E 343 34.38 35.46 4.74
N LYS E 344 33.53 36.04 3.90
CA LYS E 344 33.48 35.60 2.50
C LYS E 344 34.85 35.78 1.85
N GLU E 345 35.51 36.90 2.13
CA GLU E 345 36.85 37.10 1.58
C GLU E 345 37.73 35.95 2.00
N MET E 346 37.67 35.57 3.28
CA MET E 346 38.48 34.47 3.78
C MET E 346 38.18 33.18 3.02
N LEU E 347 36.92 32.92 2.72
CA LEU E 347 36.57 31.70 1.98
C LEU E 347 36.99 31.72 0.53
N ARG E 348 37.21 32.90 -0.06
CA ARG E 348 37.72 32.94 -1.42
C ARG E 348 39.24 32.95 -1.45
N SER E 349 39.88 33.38 -0.38
CA SER E 349 41.33 33.40 -0.29
C SER E 349 41.89 32.10 0.26
N ASN E 350 41.04 31.09 0.42
CA ASN E 350 41.44 29.80 0.96
C ASN E 350 41.63 28.85 -0.21
N THR E 351 42.77 28.16 -0.25
CA THR E 351 42.89 27.03 -1.14
C THR E 351 41.92 25.95 -0.69
N LYS E 352 41.66 24.99 -1.57
CA LYS E 352 40.68 23.94 -1.35
C LYS E 352 39.25 24.46 -1.39
N VAL E 353 39.00 25.61 -1.99
CA VAL E 353 37.65 26.03 -2.30
C VAL E 353 37.49 26.06 -3.81
N PHE E 354 36.26 25.90 -4.26
CA PHE E 354 35.92 25.75 -5.66
C PHE E 354 35.05 26.93 -6.06
N LEU E 355 35.64 27.86 -6.81
CA LEU E 355 34.94 29.06 -7.25
C LEU E 355 34.37 28.92 -8.67
N GLY E 356 34.02 27.71 -9.07
CA GLY E 356 33.56 27.49 -10.43
C GLY E 356 32.05 27.61 -10.59
N LYS E 357 31.29 27.17 -9.60
CA LYS E 357 29.84 27.16 -9.70
C LYS E 357 29.18 28.25 -8.85
N GLU E 358 29.43 28.24 -7.54
CA GLU E 358 28.75 29.14 -6.62
C GLU E 358 29.78 29.85 -5.75
N ALA E 359 29.45 31.03 -5.38
CA ALA E 359 30.33 31.82 -4.55
C ALA E 359 30.10 31.52 -3.08
N PRO E 360 31.13 31.62 -2.26
CA PRO E 360 30.95 31.47 -0.81
C PRO E 360 29.94 32.49 -0.28
N HIS E 361 29.13 32.05 0.67
CA HIS E 361 28.11 32.90 1.25
C HIS E 361 28.24 32.93 2.76
N CYS E 362 27.84 34.06 3.35
CA CYS E 362 27.74 34.18 4.80
C CYS E 362 26.73 35.29 5.06
N TYR E 363 25.50 34.90 5.42
CA TYR E 363 24.42 35.85 5.61
C TYR E 363 23.79 35.67 6.97
N LEU E 364 23.05 36.69 7.40
CA LEU E 364 22.35 36.68 8.67
C LEU E 364 21.00 35.97 8.48
N SER E 365 20.85 34.81 9.10
CA SER E 365 19.64 34.01 8.88
C SER E 365 18.56 34.26 9.92
N ARG E 366 18.92 34.65 11.14
CA ARG E 366 17.93 35.02 12.13
C ARG E 366 18.57 35.87 13.21
N VAL E 367 17.75 36.74 13.81
CA VAL E 367 18.20 37.67 14.84
C VAL E 367 17.30 37.51 16.04
N GLU E 368 17.77 38.01 17.19
CA GLU E 368 17.08 37.86 18.46
C GLU E 368 17.84 38.71 19.48
N LYS E 369 17.30 38.76 20.70
CA LYS E 369 17.85 39.63 21.74
C LYS E 369 19.28 39.26 22.07
N SER E 370 20.21 40.15 21.72
CA SER E 370 21.64 39.90 21.91
C SER E 370 22.05 38.57 21.27
N PHE E 371 21.47 38.27 20.11
CA PHE E 371 21.70 36.99 19.46
C PHE E 371 21.52 37.15 17.96
N ALA E 372 22.34 36.46 17.20
CA ALA E 372 22.26 36.45 15.75
C ALA E 372 22.81 35.12 15.26
N GLU E 373 22.44 34.73 14.06
CA GLU E 373 22.91 33.48 13.48
C GLU E 373 23.44 33.73 12.09
N LEU E 374 24.72 33.42 11.86
CA LEU E 374 25.33 33.53 10.56
C LEU E 374 25.36 32.16 9.91
N THR E 375 24.89 32.07 8.66
CA THR E 375 24.92 30.84 7.89
C THR E 375 26.05 30.93 6.88
N ILE E 376 27.07 30.11 7.08
CA ILE E 376 28.26 30.11 6.24
C ILE E 376 28.22 28.88 5.35
N GLY E 377 28.85 28.97 4.20
CA GLY E 377 28.92 27.83 3.32
C GLY E 377 29.80 28.11 2.12
N CYS E 378 30.31 27.04 1.53
CA CYS E 378 31.15 27.15 0.34
C CYS E 378 31.26 25.78 -0.31
N ASN E 379 31.85 25.77 -1.50
CA ASN E 379 32.21 24.54 -2.18
C ASN E 379 33.71 24.31 -2.02
N LEU E 380 34.08 23.03 -1.95
CA LEU E 380 35.46 22.62 -1.79
C LEU E 380 35.86 21.74 -2.98
N ILE E 381 37.16 21.71 -3.25
CA ILE E 381 37.68 20.92 -4.35
C ILE E 381 37.51 19.44 -4.01
N ARG E 382 37.66 18.58 -5.01
CA ARG E 382 37.56 17.13 -4.78
C ARG E 382 38.69 16.69 -3.86
N MET E 383 38.34 16.27 -2.65
CA MET E 383 39.32 15.89 -1.65
C MET E 383 38.90 14.59 -0.99
N GLY E 384 39.78 14.06 -0.15
CA GLY E 384 39.53 12.83 0.57
C GLY E 384 38.49 12.99 1.65
N LYS E 385 38.53 12.19 2.70
CA LYS E 385 37.59 12.34 3.79
C LYS E 385 38.22 12.83 5.08
N GLU E 386 39.53 12.65 5.26
CA GLU E 386 40.17 13.31 6.38
C GLU E 386 40.51 14.76 6.05
N GLU E 387 40.79 15.05 4.79
CA GLU E 387 41.03 16.42 4.39
C GLU E 387 39.75 17.24 4.43
N LEU E 388 38.60 16.61 4.19
CA LEU E 388 37.33 17.32 4.32
C LEU E 388 37.08 17.73 5.77
N TYR E 389 37.36 16.83 6.71
CA TYR E 389 37.24 17.15 8.13
C TYR E 389 38.20 18.26 8.52
N ASN E 390 39.46 18.15 8.09
CA ASN E 390 40.44 19.19 8.42
C ASN E 390 40.02 20.55 7.87
N THR E 391 39.50 20.58 6.64
CA THR E 391 39.08 21.83 6.05
C THR E 391 37.88 22.41 6.77
N GLN E 392 36.91 21.57 7.15
CA GLN E 392 35.78 22.05 7.93
C GLN E 392 36.24 22.70 9.23
N GLN E 393 37.09 21.99 9.98
CA GLN E 393 37.58 22.53 11.24
C GLN E 393 38.35 23.84 11.03
N GLU E 394 39.16 23.90 9.98
CA GLU E 394 39.96 25.09 9.73
C GLU E 394 39.09 26.28 9.36
N VAL E 395 38.09 26.08 8.51
CA VAL E 395 37.17 27.15 8.13
C VAL E 395 36.41 27.64 9.36
N LEU E 396 35.97 26.71 10.22
CA LEU E 396 35.24 27.11 11.41
C LEU E 396 36.09 27.93 12.36
N LEU E 397 37.35 27.53 12.56
CA LEU E 397 38.22 28.28 13.45
C LEU E 397 38.56 29.65 12.88
N GLU E 398 38.82 29.74 11.58
CA GLU E 398 39.10 31.04 10.98
C GLU E 398 37.90 31.98 11.05
N ALA E 399 36.69 31.43 10.85
CA ALA E 399 35.49 32.25 10.96
C ALA E 399 35.30 32.78 12.37
N VAL E 400 35.49 31.91 13.38
CA VAL E 400 35.35 32.39 14.75
C VAL E 400 36.43 33.40 15.08
N LYS E 401 37.62 33.26 14.51
CA LYS E 401 38.68 34.24 14.71
C LYS E 401 38.29 35.60 14.16
N ILE E 402 37.78 35.63 12.92
CA ILE E 402 37.31 36.88 12.34
C ILE E 402 36.19 37.48 13.17
N ILE E 403 35.28 36.64 13.68
CA ILE E 403 34.16 37.14 14.47
C ILE E 403 34.65 37.81 15.74
N LYS E 404 35.55 37.14 16.46
CA LYS E 404 36.06 37.70 17.72
C LYS E 404 37.01 38.87 17.49
N LYS E 405 37.54 39.02 16.28
CA LYS E 405 38.41 40.17 16.00
C LYS E 405 37.64 41.47 16.01
N HIS E 406 36.35 41.45 15.67
CA HIS E 406 35.52 42.65 15.63
C HIS E 406 34.84 42.95 16.96
N GLY E 407 35.32 42.35 18.05
CA GLY E 407 34.76 42.60 19.36
C GLY E 407 33.45 41.91 19.64
N VAL E 408 32.98 41.07 18.74
CA VAL E 408 31.76 40.31 18.95
C VAL E 408 32.11 39.00 19.65
N SER E 409 31.12 38.40 20.30
CA SER E 409 31.29 37.12 20.97
C SER E 409 30.22 36.16 20.50
N LEU E 410 30.49 34.87 20.70
CA LEU E 410 29.55 33.83 20.30
C LEU E 410 28.34 33.82 21.23
N GLY E 411 27.19 33.48 20.66
CA GLY E 411 25.96 33.39 21.41
C GLY E 411 25.66 31.97 21.88
N THR E 412 24.50 31.82 22.51
CA THR E 412 24.09 30.54 23.07
C THR E 412 22.71 30.19 22.52
N THR E 413 22.64 29.11 21.75
CA THR E 413 21.37 28.64 21.24
C THR E 413 20.50 28.10 22.37
N LYS F 125 26.62 -14.93 -42.76
CA LYS F 125 27.41 -13.72 -42.83
C LYS F 125 26.56 -12.48 -42.55
N SER F 126 25.34 -12.46 -43.12
CA SER F 126 24.43 -11.34 -42.94
C SER F 126 23.00 -11.82 -42.78
N PHE F 127 22.04 -10.89 -42.86
CA PHE F 127 20.64 -11.28 -42.88
C PHE F 127 20.29 -12.05 -44.15
N TRP F 128 20.96 -11.73 -45.26
CA TRP F 128 20.64 -12.39 -46.52
C TRP F 128 20.86 -13.90 -46.43
N GLY F 129 22.02 -14.31 -45.92
CA GLY F 129 22.28 -15.73 -45.77
C GLY F 129 21.43 -16.36 -44.68
N ALA F 130 21.27 -15.64 -43.55
CA ALA F 130 20.45 -16.12 -42.45
C ALA F 130 19.01 -16.34 -42.87
N LEU F 131 18.56 -15.72 -43.96
CA LEU F 131 17.24 -16.01 -44.51
C LEU F 131 17.22 -17.06 -45.62
N GLU F 132 18.18 -17.01 -46.54
CA GLU F 132 18.12 -17.88 -47.72
C GLU F 132 18.59 -19.29 -47.41
N ASP F 133 19.17 -19.53 -46.25
CA ASP F 133 19.45 -20.94 -45.94
C ASP F 133 18.14 -21.56 -45.44
N PRO F 134 17.47 -21.00 -44.43
CA PRO F 134 16.19 -21.61 -44.01
C PRO F 134 15.11 -21.54 -45.07
N ALA F 135 15.07 -20.47 -45.86
CA ALA F 135 14.06 -20.37 -46.91
C ALA F 135 14.25 -21.45 -47.96
N ARG F 136 15.49 -21.70 -48.38
CA ARG F 136 15.72 -22.76 -49.35
C ARG F 136 15.48 -24.14 -48.75
N TYR F 137 15.83 -24.36 -47.49
CA TYR F 137 15.51 -25.63 -46.85
C TYR F 137 14.00 -25.86 -46.80
N LEU F 138 13.23 -24.81 -46.46
CA LEU F 138 11.79 -24.95 -46.36
C LEU F 138 11.15 -25.20 -47.72
N VAL F 139 11.59 -24.47 -48.75
CA VAL F 139 11.05 -24.70 -50.08
C VAL F 139 11.38 -26.12 -50.55
N THR F 140 12.61 -26.57 -50.30
CA THR F 140 12.97 -27.94 -50.63
C THR F 140 12.05 -28.94 -49.94
N PHE F 141 11.79 -28.72 -48.64
CA PHE F 141 11.00 -29.70 -47.90
C PHE F 141 9.55 -29.72 -48.35
N ILE F 142 8.97 -28.55 -48.64
CA ILE F 142 7.57 -28.56 -49.06
C ILE F 142 7.44 -29.12 -50.48
N ALA F 143 8.42 -28.85 -51.35
CA ALA F 143 8.38 -29.45 -52.69
C ALA F 143 8.56 -30.96 -52.61
N PHE F 144 9.38 -31.44 -51.67
CA PHE F 144 9.48 -32.88 -51.45
C PHE F 144 8.15 -33.45 -50.98
N ALA F 145 7.52 -32.82 -50.00
CA ALA F 145 6.30 -33.36 -49.43
C ALA F 145 5.16 -33.38 -50.45
N GLN F 146 5.13 -32.39 -51.36
CA GLN F 146 4.04 -32.35 -52.34
C GLN F 146 4.04 -33.59 -53.23
N ILE F 147 5.21 -33.98 -53.75
CA ILE F 147 5.28 -35.15 -54.61
C ILE F 147 5.51 -36.40 -53.77
N ALA F 148 5.60 -36.22 -52.45
CA ALA F 148 5.54 -37.37 -51.56
C ALA F 148 4.11 -37.76 -51.23
N ALA F 149 3.17 -36.83 -51.35
CA ALA F 149 1.76 -37.12 -51.14
C ALA F 149 0.97 -37.37 -52.42
N MET F 150 1.33 -36.71 -53.52
CA MET F 150 0.62 -36.93 -54.78
C MET F 150 0.81 -38.34 -55.31
N VAL F 151 2.06 -38.75 -55.51
CA VAL F 151 2.36 -40.08 -56.02
C VAL F 151 2.98 -40.94 -54.93
N ALA F 158 -2.48 -40.50 -44.41
CA ALA F 158 -1.41 -40.33 -45.39
C ALA F 158 -1.41 -38.91 -45.95
N GLN F 159 -2.55 -38.22 -45.86
CA GLN F 159 -2.68 -36.85 -46.34
C GLN F 159 -2.67 -35.90 -45.14
N TYR F 160 -1.46 -35.55 -44.71
CA TYR F 160 -1.26 -34.60 -43.63
C TYR F 160 -0.27 -33.54 -44.13
N PHE F 161 -0.63 -32.94 -45.26
CA PHE F 161 0.25 -31.95 -45.90
C PHE F 161 0.24 -30.71 -45.03
N SER F 162 -0.93 -30.31 -44.53
CA SER F 162 -1.02 -29.10 -43.71
C SER F 162 -0.24 -29.19 -42.41
N PRO F 163 -0.37 -30.23 -41.58
CA PRO F 163 0.40 -30.26 -40.33
C PRO F 163 1.90 -30.24 -40.55
N THR F 164 2.38 -31.05 -41.49
CA THR F 164 3.82 -31.11 -41.72
C THR F 164 4.36 -29.82 -42.32
N VAL F 165 3.57 -29.19 -43.21
CA VAL F 165 4.02 -27.95 -43.81
C VAL F 165 4.05 -26.82 -42.78
N LYS F 166 3.04 -26.75 -41.90
CA LYS F 166 3.06 -25.74 -40.86
C LYS F 166 4.19 -25.98 -39.87
N GLY F 167 4.43 -27.24 -39.52
CA GLY F 167 5.57 -27.53 -38.65
C GLY F 167 6.89 -27.13 -39.27
N ALA F 168 7.05 -27.39 -40.57
CA ALA F 168 8.28 -27.00 -41.25
C ALA F 168 8.43 -25.49 -41.29
N VAL F 169 7.35 -24.76 -41.54
CA VAL F 169 7.43 -23.30 -41.55
C VAL F 169 7.82 -22.78 -40.18
N ILE F 170 7.22 -23.32 -39.12
CA ILE F 170 7.52 -22.85 -37.77
C ILE F 170 8.99 -23.13 -37.42
N LEU F 171 9.44 -24.36 -37.67
CA LEU F 171 10.81 -24.70 -37.29
C LEU F 171 11.83 -23.94 -38.11
N SER F 172 11.57 -23.75 -39.40
CA SER F 172 12.48 -22.95 -40.22
C SER F 172 12.51 -21.50 -39.76
N LEU F 173 11.36 -20.94 -39.38
CA LEU F 173 11.33 -19.56 -38.92
C LEU F 173 12.08 -19.40 -37.60
N VAL F 174 11.95 -20.38 -36.70
CA VAL F 174 12.71 -20.35 -35.45
C VAL F 174 14.20 -20.42 -35.74
N TRP F 175 14.60 -21.30 -36.66
CA TRP F 175 16.02 -21.41 -37.01
C TRP F 175 16.54 -20.12 -37.62
N PHE F 176 15.72 -19.48 -38.47
CA PHE F 176 16.13 -18.21 -39.06
C PHE F 176 16.27 -17.11 -38.02
N LEU F 177 15.35 -17.06 -37.06
CA LEU F 177 15.48 -16.07 -35.99
C LEU F 177 16.73 -16.32 -35.17
N TYR F 178 17.06 -17.58 -34.89
CA TYR F 178 18.29 -17.88 -34.18
C TYR F 178 19.49 -17.41 -35.00
N ARG F 179 19.47 -17.69 -36.31
CA ARG F 179 20.58 -17.26 -37.16
C ARG F 179 20.75 -15.75 -37.12
N TRP F 180 19.65 -15.02 -37.26
CA TRP F 180 19.72 -13.56 -37.25
C TRP F 180 20.18 -13.00 -35.91
N LYS F 181 19.69 -13.57 -34.80
CA LYS F 181 20.13 -13.13 -33.48
C LYS F 181 21.62 -13.34 -33.29
N THR F 182 22.14 -14.51 -33.67
CA THR F 182 23.57 -14.75 -33.52
C THR F 182 24.38 -13.81 -34.41
N ASN F 183 23.91 -13.55 -35.63
CA ASN F 183 24.63 -12.62 -36.50
C ASN F 183 24.68 -11.21 -35.89
N VAL F 184 23.55 -10.74 -35.37
CA VAL F 184 23.53 -9.38 -34.83
C VAL F 184 24.41 -9.18 -33.60
N ILE F 185 24.33 -10.08 -32.61
CA ILE F 185 25.14 -9.88 -31.42
C ILE F 185 26.56 -10.47 -31.61
N THR F 186 26.85 -10.91 -32.83
CA THR F 186 28.24 -11.26 -33.15
C THR F 186 28.68 -10.00 -33.89
N ARG F 187 27.80 -9.41 -34.70
CA ARG F 187 28.13 -8.12 -35.30
C ARG F 187 28.39 -6.96 -34.29
N MET F 188 27.55 -6.89 -33.27
CA MET F 188 27.85 -6.03 -32.12
C MET F 188 29.08 -6.25 -31.25
N LEU F 189 29.61 -7.46 -31.22
CA LEU F 189 30.83 -7.78 -30.52
C LEU F 189 32.06 -7.71 -31.45
N SER F 190 31.88 -7.22 -32.67
CA SER F 190 32.97 -7.06 -33.62
C SER F 190 33.19 -5.58 -33.87
N ALA F 191 33.05 -4.76 -32.83
CA ALA F 191 33.27 -3.32 -32.94
C ALA F 191 34.33 -2.86 -31.94
N ASP F 198 31.10 -1.80 -23.05
CA ASP F 198 29.87 -2.13 -23.75
C ASP F 198 29.94 -3.55 -24.30
N ARG F 199 30.54 -4.46 -23.52
CA ARG F 199 30.62 -5.85 -23.91
C ARG F 199 29.79 -6.78 -23.04
N GLU F 200 29.82 -6.62 -21.71
CA GLU F 200 28.96 -7.45 -20.87
C GLU F 200 27.48 -7.15 -21.14
N LYS F 201 27.19 -5.94 -21.63
CA LYS F 201 25.84 -5.65 -22.11
C LYS F 201 25.47 -6.56 -23.27
N VAL F 202 26.41 -6.77 -24.20
CA VAL F 202 26.13 -7.65 -25.34
C VAL F 202 25.94 -9.09 -24.88
N LEU F 203 26.72 -9.54 -23.89
CA LEU F 203 26.55 -10.90 -23.38
C LEU F 203 25.20 -11.06 -22.68
N THR F 204 24.80 -10.05 -21.90
CA THR F 204 23.49 -10.12 -21.26
C THR F 204 22.37 -10.12 -22.28
N LEU F 205 22.47 -9.29 -23.32
CA LEU F 205 21.47 -9.29 -24.38
C LEU F 205 21.41 -10.64 -25.07
N ASP F 206 22.56 -11.25 -25.33
CA ASP F 206 22.59 -12.56 -25.97
C ASP F 206 21.89 -13.60 -25.11
N LYS F 207 22.19 -13.64 -23.82
CA LYS F 207 21.58 -14.63 -22.95
C LYS F 207 20.07 -14.43 -22.83
N VAL F 208 19.65 -13.17 -22.64
CA VAL F 208 18.22 -12.90 -22.50
C VAL F 208 17.47 -13.24 -23.79
N SER F 209 18.06 -12.89 -24.93
CA SER F 209 17.42 -13.19 -26.21
C SER F 209 17.36 -14.68 -26.48
N SER F 210 18.38 -15.43 -26.07
CA SER F 210 18.32 -16.88 -26.22
C SER F 210 17.23 -17.48 -25.35
N VAL F 211 17.09 -16.99 -24.11
CA VAL F 211 16.01 -17.47 -23.25
C VAL F 211 14.66 -17.20 -23.90
N GLY F 212 14.43 -15.96 -24.34
CA GLY F 212 13.16 -15.63 -24.95
C GLY F 212 12.87 -16.43 -26.20
N LEU F 213 13.90 -16.64 -27.03
CA LEU F 213 13.70 -17.37 -28.28
C LEU F 213 13.43 -18.85 -28.00
N PHE F 214 14.09 -19.42 -27.00
CA PHE F 214 13.79 -20.79 -26.63
C PHE F 214 12.33 -20.93 -26.17
N ALA F 215 11.88 -19.99 -25.34
CA ALA F 215 10.49 -20.02 -24.89
C ALA F 215 9.52 -19.95 -26.07
N ILE F 216 9.71 -18.96 -26.95
CA ILE F 216 8.79 -18.77 -28.07
C ILE F 216 8.83 -19.97 -29.01
N GLY F 217 10.02 -20.49 -29.29
CA GLY F 217 10.12 -21.62 -30.19
C GLY F 217 9.49 -22.88 -29.62
N LEU F 218 9.67 -23.11 -28.32
CA LEU F 218 9.03 -24.26 -27.71
C LEU F 218 7.52 -24.16 -27.78
N MET F 219 6.96 -22.99 -27.45
CA MET F 219 5.51 -22.81 -27.53
C MET F 219 5.02 -23.05 -28.96
N ALA F 220 5.66 -22.41 -29.94
CA ALA F 220 5.18 -22.50 -31.31
C ALA F 220 5.34 -23.89 -31.89
N SER F 221 6.41 -24.61 -31.54
CA SER F 221 6.61 -25.96 -32.05
C SER F 221 5.62 -26.93 -31.42
N ALA F 222 5.39 -26.81 -30.10
CA ALA F 222 4.38 -27.66 -29.47
C ALA F 222 3.00 -27.39 -30.03
N GLU F 223 2.72 -26.15 -30.46
CA GLU F 223 1.42 -25.88 -31.07
C GLU F 223 1.34 -26.35 -32.52
N ALA F 224 2.46 -26.34 -33.25
CA ALA F 224 2.45 -26.82 -34.62
C ALA F 224 2.33 -28.34 -34.67
N CYS F 225 3.10 -29.05 -33.84
CA CYS F 225 3.00 -30.50 -33.80
C CYS F 225 1.64 -30.95 -33.31
N GLY F 226 1.15 -30.35 -32.22
CA GLY F 226 -0.12 -30.70 -31.65
C GLY F 226 -0.05 -31.48 -30.34
N VAL F 227 1.14 -31.62 -29.76
CA VAL F 227 1.32 -32.42 -28.55
C VAL F 227 1.30 -31.47 -27.35
N ALA F 228 0.32 -31.66 -26.48
CA ALA F 228 0.18 -30.89 -25.24
C ALA F 228 0.20 -29.40 -25.53
N VAL F 229 -0.78 -28.97 -26.32
CA VAL F 229 -0.86 -27.55 -26.69
C VAL F 229 -1.25 -26.71 -25.49
N GLN F 230 -2.42 -27.00 -24.91
CA GLN F 230 -2.95 -26.13 -23.88
C GLN F 230 -2.12 -26.18 -22.60
N SER F 231 -1.54 -27.34 -22.28
CA SER F 231 -0.69 -27.43 -21.10
C SER F 231 0.53 -26.51 -21.21
N ILE F 232 1.29 -26.64 -22.30
CA ILE F 232 2.49 -25.83 -22.47
C ILE F 232 2.13 -24.36 -22.64
N LEU F 233 1.02 -24.08 -23.30
CA LEU F 233 0.59 -22.69 -23.46
C LEU F 233 0.20 -22.08 -22.12
N THR F 234 -0.43 -22.85 -21.24
CA THR F 234 -0.76 -22.35 -19.91
C THR F 234 0.49 -22.10 -19.09
N VAL F 235 1.45 -23.03 -19.15
CA VAL F 235 2.72 -22.81 -18.47
C VAL F 235 3.39 -21.53 -18.96
N GLY F 236 3.47 -21.37 -20.28
CA GLY F 236 4.06 -20.17 -20.84
C GLY F 236 3.32 -18.91 -20.49
N GLY F 237 1.98 -18.98 -20.38
CA GLY F 237 1.22 -17.80 -20.02
C GLY F 237 1.41 -17.39 -18.58
N VAL F 238 1.49 -18.36 -17.66
CA VAL F 238 1.72 -17.99 -16.27
C VAL F 238 3.16 -17.51 -16.07
N GLY F 239 4.11 -18.08 -16.81
CA GLY F 239 5.46 -17.53 -16.78
C GLY F 239 5.51 -16.12 -17.34
N GLY F 240 4.76 -15.86 -18.41
CA GLY F 240 4.73 -14.52 -18.97
C GLY F 240 4.12 -13.51 -18.02
N VAL F 241 3.08 -13.89 -17.30
CA VAL F 241 2.49 -12.91 -16.38
C VAL F 241 3.34 -12.75 -15.12
N ALA F 242 4.03 -13.80 -14.68
CA ALA F 242 5.04 -13.64 -13.65
C ALA F 242 6.08 -12.62 -14.07
N THR F 243 6.67 -12.79 -15.25
CA THR F 243 7.67 -11.85 -15.72
C THR F 243 7.09 -10.46 -15.96
N ALA F 244 5.83 -10.37 -16.35
CA ALA F 244 5.23 -9.08 -16.67
C ALA F 244 4.85 -8.28 -15.45
N PHE F 245 4.56 -8.93 -14.33
CA PHE F 245 4.40 -8.16 -13.11
C PHE F 245 5.71 -7.93 -12.38
N ALA F 246 6.65 -8.88 -12.46
CA ALA F 246 7.97 -8.68 -11.90
C ALA F 246 8.71 -7.51 -12.55
N ALA F 247 8.34 -7.13 -13.77
CA ALA F 247 9.01 -6.08 -14.51
C ALA F 247 8.18 -4.81 -14.58
N ARG F 248 7.34 -4.55 -13.58
CA ARG F 248 6.49 -3.37 -13.62
C ARG F 248 7.28 -2.10 -13.37
N ASP F 249 8.43 -2.20 -12.68
CA ASP F 249 9.22 -1.03 -12.35
C ASP F 249 10.06 -0.57 -13.54
N ILE F 250 10.71 -1.50 -14.24
CA ILE F 250 11.46 -1.14 -15.45
C ILE F 250 10.53 -0.55 -16.49
N LEU F 251 9.36 -1.15 -16.67
CA LEU F 251 8.40 -0.65 -17.65
C LEU F 251 7.83 0.70 -17.21
N GLY F 252 7.58 0.87 -15.91
CA GLY F 252 7.18 2.17 -15.42
C GLY F 252 8.20 3.25 -15.71
N ASN F 253 9.48 2.94 -15.46
CA ASN F 253 10.54 3.91 -15.73
C ASN F 253 10.59 4.27 -17.22
N VAL F 254 10.47 3.28 -18.10
CA VAL F 254 10.56 3.58 -19.53
C VAL F 254 9.36 4.39 -20.00
N LEU F 255 8.15 3.99 -19.62
CA LEU F 255 6.96 4.70 -20.05
C LEU F 255 6.91 6.11 -19.47
N SER F 256 7.35 6.30 -18.23
CA SER F 256 7.41 7.63 -17.67
C SER F 256 8.51 8.47 -18.31
N GLY F 257 9.61 7.86 -18.74
CA GLY F 257 10.60 8.59 -19.50
C GLY F 257 10.05 9.11 -20.81
N LEU F 258 9.24 8.30 -21.50
CA LEU F 258 8.61 8.77 -22.73
C LEU F 258 7.59 9.87 -22.46
N SER F 259 6.73 9.66 -21.46
CA SER F 259 5.75 10.67 -21.10
C SER F 259 6.42 11.99 -20.74
N MET F 260 7.59 11.93 -20.10
CA MET F 260 8.35 13.15 -19.81
C MET F 260 8.96 13.73 -21.08
N GLN F 261 9.33 12.88 -22.04
CA GLN F 261 9.77 13.38 -23.33
C GLN F 261 8.69 14.16 -24.06
N PHE F 262 7.42 13.90 -23.73
CA PHE F 262 6.35 14.69 -24.35
C PHE F 262 6.08 15.99 -23.59
N SER F 263 5.69 15.89 -22.33
CA SER F 263 5.40 17.06 -21.51
C SER F 263 6.61 17.36 -20.64
N ARG F 264 7.53 18.17 -21.19
CA ARG F 264 8.80 18.40 -20.53
C ARG F 264 8.61 19.19 -19.24
N PRO F 265 8.82 18.58 -18.07
CA PRO F 265 8.63 19.32 -16.82
C PRO F 265 9.88 20.05 -16.38
N PHE F 266 11.01 19.77 -17.03
CA PHE F 266 12.27 20.44 -16.74
C PHE F 266 13.23 20.18 -17.88
N SER F 267 14.36 20.88 -17.86
CA SER F 267 15.39 20.74 -18.86
C SER F 267 16.75 20.69 -18.18
N MET F 268 17.77 20.46 -18.99
CA MET F 268 19.12 20.24 -18.46
C MET F 268 19.63 21.48 -17.78
N GLY F 269 19.97 21.37 -16.51
CA GLY F 269 20.49 22.48 -15.73
C GLY F 269 19.50 23.06 -14.75
N ASP F 270 18.21 22.76 -14.90
CA ASP F 270 17.20 23.28 -14.00
C ASP F 270 17.39 22.70 -12.60
N THR F 271 17.09 23.51 -11.59
CA THR F 271 17.11 23.07 -10.20
C THR F 271 15.72 22.62 -9.83
N ILE F 272 15.51 21.31 -9.74
CA ILE F 272 14.20 20.77 -9.46
C ILE F 272 14.18 20.15 -8.07
N LYS F 273 12.98 19.90 -7.58
CA LYS F 273 12.75 19.19 -6.33
C LYS F 273 11.62 18.20 -6.57
N ALA F 274 11.94 16.92 -6.55
CA ALA F 274 10.99 15.85 -6.79
C ALA F 274 10.84 15.06 -5.50
N GLY F 275 9.70 15.24 -4.83
CA GLY F 275 9.46 14.53 -3.60
C GLY F 275 10.52 14.81 -2.54
N SER F 276 11.35 13.80 -2.28
CA SER F 276 12.38 13.89 -1.26
C SER F 276 13.74 14.32 -1.79
N VAL F 277 13.93 14.35 -3.11
CA VAL F 277 15.23 14.67 -3.67
C VAL F 277 15.16 16.06 -4.29
N GLU F 278 16.30 16.73 -4.33
CA GLU F 278 16.36 18.04 -4.93
C GLU F 278 17.75 18.31 -5.44
N GLY F 279 17.85 18.94 -6.60
CA GLY F 279 19.15 19.32 -7.10
C GLY F 279 19.08 19.75 -8.55
N GLN F 280 20.27 19.94 -9.12
CA GLN F 280 20.41 20.40 -10.49
C GLN F 280 20.42 19.22 -11.45
N VAL F 281 19.61 19.28 -12.50
CA VAL F 281 19.56 18.22 -13.49
C VAL F 281 20.87 18.19 -14.26
N ILE F 282 21.55 17.05 -14.26
CA ILE F 282 22.82 16.89 -14.96
C ILE F 282 22.77 15.84 -16.04
N GLU F 283 21.67 15.09 -16.16
CA GLU F 283 21.54 14.08 -17.19
C GLU F 283 20.09 13.62 -17.24
N MET F 284 19.56 13.47 -18.44
CA MET F 284 18.18 13.02 -18.64
C MET F 284 18.21 11.79 -19.53
N GLY F 285 17.73 10.67 -19.02
CA GLY F 285 17.73 9.44 -19.77
C GLY F 285 16.34 8.90 -20.00
N LEU F 286 16.23 7.64 -20.39
CA LEU F 286 14.91 7.07 -20.62
C LEU F 286 14.36 6.35 -19.39
N THR F 287 15.22 5.76 -18.57
CA THR F 287 14.75 5.10 -17.36
C THR F 287 15.18 5.78 -16.07
N THR F 288 16.12 6.72 -16.11
CA THR F 288 16.57 7.43 -14.92
C THR F 288 16.97 8.84 -15.28
N THR F 289 16.79 9.76 -14.33
CA THR F 289 17.32 11.11 -14.38
C THR F 289 18.43 11.23 -13.35
N SER F 290 19.39 12.10 -13.62
CA SER F 290 20.52 12.30 -12.73
C SER F 290 20.51 13.73 -12.22
N LEU F 291 20.56 13.88 -10.90
CA LEU F 291 20.59 15.18 -10.25
C LEU F 291 21.91 15.36 -9.52
N LEU F 292 22.17 16.60 -9.10
CA LEU F 292 23.26 16.96 -8.22
C LEU F 292 22.64 17.64 -7.02
N ASN F 293 22.66 16.98 -5.86
CA ASN F 293 21.92 17.44 -4.70
C ASN F 293 22.71 18.51 -3.94
N ALA F 294 22.25 18.84 -2.74
CA ALA F 294 22.79 19.98 -2.01
C ALA F 294 24.20 19.74 -1.51
N GLU F 295 24.58 18.48 -1.26
CA GLU F 295 25.93 18.14 -0.89
C GLU F 295 26.83 17.92 -2.09
N LYS F 296 26.28 18.08 -3.30
CA LYS F 296 27.01 18.04 -4.56
C LYS F 296 27.47 16.63 -4.94
N PHE F 297 26.64 15.63 -4.63
CA PHE F 297 26.65 14.21 -4.93
C PHE F 297 25.73 13.92 -6.10
N PRO F 298 26.09 13.03 -7.03
CA PRO F 298 25.15 12.68 -8.11
C PRO F 298 24.11 11.67 -7.66
N VAL F 299 22.84 12.07 -7.73
CA VAL F 299 21.71 11.23 -7.37
C VAL F 299 21.11 10.66 -8.65
N LEU F 300 20.55 9.46 -8.55
CA LEU F 300 19.97 8.75 -9.69
C LEU F 300 18.52 8.43 -9.37
N VAL F 301 17.61 9.16 -9.98
CA VAL F 301 16.17 9.09 -9.69
C VAL F 301 15.51 8.24 -10.76
N PRO F 302 14.83 7.15 -10.41
CA PRO F 302 14.04 6.42 -11.40
C PRO F 302 12.90 7.27 -11.94
N ASN F 303 12.71 7.21 -13.25
CA ASN F 303 11.77 8.10 -13.93
C ASN F 303 10.31 7.84 -13.58
N SER F 304 10.01 6.78 -12.84
CA SER F 304 8.64 6.55 -12.43
C SER F 304 8.25 7.37 -11.22
N LEU F 305 9.16 8.18 -10.69
CA LEU F 305 8.88 9.07 -9.58
C LEU F 305 8.41 10.44 -10.04
N PHE F 306 8.58 10.77 -11.31
CA PHE F 306 8.15 12.04 -11.85
C PHE F 306 6.73 11.99 -12.41
N SER F 307 6.04 10.86 -12.28
CA SER F 307 4.68 10.74 -12.73
C SER F 307 3.68 10.62 -11.59
N SER F 308 4.13 10.24 -10.40
CA SER F 308 3.26 10.07 -9.24
C SER F 308 3.43 11.17 -8.20
N GLN F 309 4.41 12.04 -8.36
CA GLN F 309 4.74 13.07 -7.39
C GLN F 309 4.81 14.43 -8.06
N VAL F 310 4.72 15.47 -7.24
CA VAL F 310 4.79 16.85 -7.73
C VAL F 310 6.25 17.23 -7.94
N ILE F 311 6.50 18.09 -8.92
CA ILE F 311 7.83 18.53 -9.28
C ILE F 311 7.87 20.05 -9.08
N VAL F 312 8.80 20.52 -8.27
CA VAL F 312 8.99 21.95 -8.07
C VAL F 312 10.16 22.39 -8.93
N ASN F 313 9.96 23.41 -9.75
CA ASN F 313 11.01 23.89 -10.66
C ASN F 313 11.52 25.23 -10.13
N LYS F 314 12.66 25.18 -9.45
CA LYS F 314 13.22 26.37 -8.84
C LYS F 314 13.94 27.26 -9.83
N SER F 315 13.97 26.90 -11.11
CA SER F 315 14.65 27.68 -12.13
C SER F 315 13.71 28.42 -13.06
N ARG F 316 12.40 28.27 -12.90
CA ARG F 316 11.43 28.97 -13.73
C ARG F 316 10.65 30.02 -12.96
N ALA F 317 11.03 30.29 -11.71
CA ALA F 317 10.37 31.34 -10.94
C ALA F 317 10.72 32.71 -11.51
N GLN F 318 9.71 33.58 -11.58
CA GLN F 318 9.89 34.93 -12.10
C GLN F 318 10.02 35.99 -11.01
N TRP F 319 9.63 35.68 -9.79
CA TRP F 319 9.89 36.55 -8.65
C TRP F 319 9.97 35.66 -7.42
N ARG F 320 10.74 36.11 -6.43
CA ARG F 320 10.96 35.37 -5.21
C ARG F 320 10.07 35.94 -4.11
N ALA F 321 10.06 35.29 -2.97
CA ALA F 321 9.26 35.73 -1.84
C ALA F 321 9.99 35.38 -0.56
N ILE F 322 10.27 36.39 0.26
CA ILE F 322 10.93 36.18 1.54
C ILE F 322 9.95 36.46 2.66
N ALA F 323 10.16 35.80 3.79
CA ALA F 323 9.34 35.96 4.98
C ALA F 323 10.16 35.61 6.20
N SER F 324 10.06 36.44 7.24
CA SER F 324 10.80 36.23 8.47
C SER F 324 9.96 36.64 9.66
N LYS F 325 10.45 36.32 10.85
CA LYS F 325 9.76 36.63 12.10
C LYS F 325 10.74 37.25 13.06
N ILE F 326 10.39 38.39 13.62
CA ILE F 326 11.25 39.13 14.54
C ILE F 326 10.57 39.16 15.91
N PRO F 327 11.24 38.70 16.97
CA PRO F 327 10.67 38.83 18.31
C PRO F 327 11.09 40.13 18.98
N LEU F 328 10.14 40.74 19.68
CA LEU F 328 10.30 42.04 20.30
C LEU F 328 10.03 41.92 21.79
N GLN F 329 10.85 42.59 22.59
CA GLN F 329 10.63 42.69 24.03
C GLN F 329 9.98 44.04 24.29
N ILE F 330 8.65 44.05 24.31
CA ILE F 330 7.89 45.29 24.36
C ILE F 330 6.72 45.12 25.33
N ASP F 331 6.50 46.14 26.14
CA ASP F 331 5.35 46.20 27.04
C ASP F 331 4.35 47.26 26.68
N ASP F 332 4.79 48.33 26.01
CA ASP F 332 3.89 49.38 25.52
C ASP F 332 3.60 49.08 24.05
N LEU F 333 2.61 48.23 23.82
CA LEU F 333 2.21 47.87 22.46
C LEU F 333 1.60 49.04 21.70
N ASP F 334 1.43 50.20 22.33
CA ASP F 334 0.85 51.36 21.66
C ASP F 334 1.69 51.83 20.48
N MET F 335 2.89 51.29 20.29
CA MET F 335 3.74 51.63 19.16
C MET F 335 4.00 50.44 18.24
N ILE F 336 3.18 49.40 18.33
CA ILE F 336 3.27 48.29 17.39
C ILE F 336 2.70 48.69 16.04
N PRO F 337 1.60 49.46 15.96
CA PRO F 337 1.16 49.95 14.64
C PRO F 337 2.22 50.76 13.92
N GLN F 338 2.70 51.84 14.55
CA GLN F 338 3.67 52.74 13.92
C GLN F 338 4.82 51.95 13.30
N ILE F 339 5.58 51.24 14.15
CA ILE F 339 6.68 50.38 13.71
C ILE F 339 6.25 49.60 12.49
N SER F 340 5.15 48.87 12.61
CA SER F 340 4.68 48.04 11.51
C SER F 340 4.60 48.83 10.23
N ASN F 341 3.83 49.93 10.24
CA ASN F 341 3.68 50.73 9.03
C ASN F 341 5.04 51.17 8.51
N GLU F 342 5.91 51.66 9.40
CA GLU F 342 7.22 52.12 8.95
C GLU F 342 7.96 51.02 8.22
N ILE F 343 7.95 49.81 8.79
CA ILE F 343 8.65 48.70 8.14
C ILE F 343 8.11 48.49 6.74
N LYS F 344 6.78 48.47 6.61
CA LYS F 344 6.20 48.26 5.29
C LYS F 344 6.65 49.34 4.34
N GLU F 345 6.69 50.59 4.80
CA GLU F 345 7.18 51.67 3.96
C GLU F 345 8.58 51.33 3.48
N MET F 346 9.42 50.86 4.38
CA MET F 346 10.79 50.50 4.04
C MET F 346 10.82 49.42 2.95
N LEU F 347 9.93 48.44 3.05
CA LEU F 347 9.89 47.39 2.04
C LEU F 347 9.35 47.83 0.70
N ARG F 348 8.58 48.92 0.64
CA ARG F 348 8.15 49.44 -0.64
C ARG F 348 9.15 50.42 -1.22
N SER F 349 9.96 51.05 -0.38
CA SER F 349 10.97 52.00 -0.83
C SER F 349 12.29 51.32 -1.14
N ASN F 350 12.31 49.99 -1.13
CA ASN F 350 13.51 49.21 -1.41
C ASN F 350 13.46 48.75 -2.85
N THR F 351 14.54 48.98 -3.58
CA THR F 351 14.67 48.31 -4.86
C THR F 351 14.82 46.81 -4.61
N LYS F 352 14.64 46.02 -5.65
CA LYS F 352 14.62 44.56 -5.57
C LYS F 352 13.39 44.03 -4.85
N VAL F 353 12.32 44.81 -4.75
CA VAL F 353 11.03 44.28 -4.33
C VAL F 353 10.08 44.37 -5.51
N PHE F 354 9.08 43.49 -5.49
CA PHE F 354 8.15 43.32 -6.59
C PHE F 354 6.76 43.69 -6.10
N LEU F 355 6.27 44.84 -6.53
CA LEU F 355 4.97 45.34 -6.12
C LEU F 355 3.88 45.03 -7.14
N GLY F 356 4.01 43.93 -7.86
CA GLY F 356 3.06 43.61 -8.90
C GLY F 356 1.89 42.76 -8.44
N LYS F 357 2.17 41.81 -7.54
CA LYS F 357 1.13 40.88 -7.09
C LYS F 357 0.64 41.17 -5.68
N GLU F 358 1.54 41.19 -4.70
CA GLU F 358 1.15 41.32 -3.31
C GLU F 358 1.96 42.44 -2.65
N ALA F 359 1.37 43.06 -1.71
CA ALA F 359 2.03 44.14 -1.01
C ALA F 359 2.83 43.60 0.16
N PRO F 360 3.94 44.26 0.50
CA PRO F 360 4.69 43.86 1.70
C PRO F 360 3.81 43.91 2.94
N HIS F 361 4.02 42.96 3.83
CA HIS F 361 3.24 42.87 5.05
C HIS F 361 4.15 42.82 6.25
N CYS F 362 3.65 43.34 7.38
CA CYS F 362 4.32 43.22 8.66
C CYS F 362 3.25 43.36 9.73
N TYR F 363 2.82 42.24 10.30
CA TYR F 363 1.73 42.24 11.26
C TYR F 363 2.16 41.54 12.54
N LEU F 364 1.39 41.78 13.60
CA LEU F 364 1.64 41.16 14.89
C LEU F 364 0.98 39.79 14.93
N SER F 365 1.80 38.75 14.99
CA SER F 365 1.27 37.40 14.90
C SER F 365 1.00 36.76 16.27
N ARG F 366 1.73 37.16 17.30
CA ARG F 366 1.43 36.67 18.64
C ARG F 366 2.04 37.62 19.67
N VAL F 367 1.39 37.67 20.83
CA VAL F 367 1.81 38.55 21.92
C VAL F 367 1.96 37.71 23.18
N GLU F 368 2.66 38.27 24.16
CA GLU F 368 2.98 37.58 25.40
C GLU F 368 3.64 38.59 26.33
N LYS F 369 3.92 38.15 27.56
CA LYS F 369 4.44 39.05 28.59
C LYS F 369 5.77 39.66 28.18
N SER F 370 5.76 40.97 27.93
CA SER F 370 6.94 41.69 27.46
C SER F 370 7.51 41.03 26.21
N PHE F 371 6.63 40.55 25.34
CA PHE F 371 7.05 39.80 24.17
C PHE F 371 6.01 39.97 23.07
N ALA F 372 6.49 40.07 21.84
CA ALA F 372 5.63 40.16 20.67
C ALA F 372 6.38 39.57 19.50
N GLU F 373 5.66 39.18 18.46
CA GLU F 373 6.28 38.60 17.27
C GLU F 373 5.73 39.28 16.03
N LEU F 374 6.61 39.91 15.25
CA LEU F 374 6.24 40.53 14.00
C LEU F 374 6.57 39.58 12.85
N THR F 375 5.62 39.35 11.97
CA THR F 375 5.82 38.52 10.79
C THR F 375 5.96 39.44 9.59
N ILE F 376 7.15 39.47 9.01
CA ILE F 376 7.49 40.32 7.89
C ILE F 376 7.58 39.47 6.65
N GLY F 377 7.31 40.08 5.50
CA GLY F 377 7.43 39.36 4.24
C GLY F 377 7.22 40.28 3.07
N CYS F 378 7.75 39.86 1.93
CA CYS F 378 7.61 40.62 0.70
C CYS F 378 7.98 39.73 -0.47
N ASN F 379 7.73 40.23 -1.68
CA ASN F 379 8.20 39.62 -2.90
C ASN F 379 9.41 40.39 -3.43
N LEU F 380 10.32 39.67 -4.06
CA LEU F 380 11.54 40.23 -4.61
C LEU F 380 11.58 39.96 -6.10
N ILE F 381 12.31 40.81 -6.81
CA ILE F 381 12.44 40.67 -8.27
C ILE F 381 13.23 39.40 -8.56
N ARG F 382 13.23 38.97 -9.81
CA ARG F 382 13.99 37.79 -10.20
C ARG F 382 15.48 38.08 -10.05
N MET F 383 16.12 37.40 -9.11
CA MET F 383 17.52 37.65 -8.80
C MET F 383 18.24 36.32 -8.68
N GLY F 384 19.57 36.41 -8.53
CA GLY F 384 20.41 35.24 -8.38
C GLY F 384 20.23 34.57 -7.04
N LYS F 385 21.24 33.87 -6.55
CA LYS F 385 21.15 33.24 -5.23
C LYS F 385 22.04 33.88 -4.19
N GLU F 386 23.10 34.58 -4.60
CA GLU F 386 23.84 35.38 -3.62
C GLU F 386 23.16 36.72 -3.39
N GLU F 387 22.50 37.26 -4.42
CA GLU F 387 21.76 38.50 -4.23
C GLU F 387 20.52 38.28 -3.37
N LEU F 388 19.93 37.08 -3.42
CA LEU F 388 18.81 36.79 -2.54
C LEU F 388 19.24 36.78 -1.08
N TYR F 389 20.39 36.17 -0.80
CA TYR F 389 20.95 36.18 0.55
C TYR F 389 21.26 37.60 1.01
N ASN F 390 21.91 38.38 0.14
CA ASN F 390 22.24 39.75 0.51
C ASN F 390 20.98 40.56 0.80
N THR F 391 19.94 40.38 -0.02
CA THR F 391 18.70 41.13 0.19
C THR F 391 18.01 40.70 1.48
N GLN F 392 18.00 39.40 1.78
CA GLN F 392 17.44 38.95 3.05
C GLN F 392 18.15 39.59 4.22
N GLN F 393 19.49 39.53 4.24
CA GLN F 393 20.25 40.12 5.33
C GLN F 393 19.99 41.61 5.44
N GLU F 394 19.93 42.31 4.31
CA GLU F 394 19.73 43.75 4.31
C GLU F 394 18.35 44.12 4.86
N VAL F 395 17.31 43.41 4.42
CA VAL F 395 15.96 43.66 4.92
C VAL F 395 15.89 43.41 6.41
N LEU F 396 16.53 42.33 6.89
CA LEU F 396 16.50 42.02 8.31
C LEU F 396 17.20 43.10 9.13
N LEU F 397 18.35 43.57 8.67
CA LEU F 397 19.06 44.61 9.41
C LEU F 397 18.29 45.93 9.41
N GLU F 398 17.69 46.31 8.28
CA GLU F 398 16.91 47.54 8.25
C GLU F 398 15.68 47.44 9.15
N ALA F 399 15.03 46.29 9.18
CA ALA F 399 13.89 46.10 10.07
C ALA F 399 14.29 46.23 11.53
N VAL F 400 15.40 45.60 11.92
CA VAL F 400 15.83 45.71 13.31
C VAL F 400 16.25 47.14 13.63
N LYS F 401 16.79 47.86 12.65
CA LYS F 401 17.13 49.26 12.86
C LYS F 401 15.88 50.10 13.14
N ILE F 402 14.85 49.93 12.32
CA ILE F 402 13.57 50.63 12.55
C ILE F 402 13.00 50.26 13.92
N ILE F 403 13.09 48.98 14.29
CA ILE F 403 12.53 48.55 15.57
C ILE F 403 13.24 49.23 16.73
N LYS F 404 14.57 49.23 16.71
CA LYS F 404 15.32 49.85 17.80
C LYS F 404 15.26 51.36 17.77
N LYS F 405 14.86 51.95 16.65
CA LYS F 405 14.72 53.40 16.59
C LYS F 405 13.57 53.89 17.46
N HIS F 406 12.53 53.08 17.63
CA HIS F 406 11.36 53.45 18.42
C HIS F 406 11.51 53.09 19.89
N GLY F 407 12.73 52.83 20.36
CA GLY F 407 12.95 52.52 21.75
C GLY F 407 12.58 51.11 22.17
N VAL F 408 12.18 50.27 21.21
CA VAL F 408 11.86 48.88 21.50
C VAL F 408 13.12 48.05 21.40
N SER F 409 13.11 46.89 22.03
CA SER F 409 14.23 45.96 21.97
C SER F 409 13.74 44.58 21.55
N LEU F 410 14.67 43.77 21.07
CA LEU F 410 14.33 42.43 20.62
C LEU F 410 14.05 41.53 21.82
N GLY F 411 13.12 40.58 21.63
CA GLY F 411 12.76 39.64 22.66
C GLY F 411 13.53 38.34 22.53
N THR F 412 13.18 37.40 23.41
CA THR F 412 13.85 36.10 23.47
C THR F 412 12.79 35.01 23.37
N THR F 413 12.85 34.23 22.28
CA THR F 413 11.95 33.11 22.13
C THR F 413 12.27 32.01 23.14
N LYS G 125 1.43 10.66 -51.42
CA LYS G 125 1.31 12.10 -51.24
C LYS G 125 0.28 12.45 -50.17
N SER G 126 -0.85 11.75 -50.18
CA SER G 126 -1.92 11.98 -49.22
C SER G 126 -2.54 10.67 -48.76
N PHE G 127 -3.69 10.76 -48.08
CA PHE G 127 -4.45 9.57 -47.75
C PHE G 127 -5.00 8.90 -49.00
N TRP G 128 -5.33 9.69 -50.03
CA TRP G 128 -5.92 9.13 -51.24
C TRP G 128 -4.97 8.13 -51.90
N GLY G 129 -3.71 8.52 -52.08
CA GLY G 129 -2.75 7.59 -52.66
C GLY G 129 -2.40 6.44 -51.72
N ALA G 130 -2.24 6.76 -50.43
CA ALA G 130 -1.94 5.74 -49.43
C ALA G 130 -3.03 4.69 -49.34
N LEU G 131 -4.24 4.98 -49.81
CA LEU G 131 -5.28 3.97 -49.91
C LEU G 131 -5.38 3.31 -51.27
N GLU G 132 -5.28 4.09 -52.35
CA GLU G 132 -5.53 3.54 -53.68
C GLU G 132 -4.37 2.71 -54.21
N ASP G 133 -3.20 2.77 -53.57
CA ASP G 133 -2.17 1.85 -54.01
C ASP G 133 -2.46 0.47 -53.41
N PRO G 134 -2.62 0.34 -52.08
CA PRO G 134 -2.93 -0.98 -51.54
C PRO G 134 -4.29 -1.51 -51.99
N ALA G 135 -5.29 -0.65 -52.16
CA ALA G 135 -6.60 -1.10 -52.61
C ALA G 135 -6.52 -1.70 -54.02
N ARG G 136 -5.80 -1.02 -54.92
CA ARG G 136 -5.65 -1.56 -56.26
C ARG G 136 -4.79 -2.83 -56.29
N TYR G 137 -3.75 -2.90 -55.46
CA TYR G 137 -2.98 -4.15 -55.37
C TYR G 137 -3.86 -5.30 -54.88
N LEU G 138 -4.69 -5.05 -53.86
CA LEU G 138 -5.54 -6.10 -53.31
C LEU G 138 -6.60 -6.54 -54.31
N VAL G 139 -7.23 -5.60 -55.01
CA VAL G 139 -8.22 -5.98 -56.01
C VAL G 139 -7.56 -6.78 -57.13
N THR G 140 -6.38 -6.35 -57.57
CA THR G 140 -5.64 -7.11 -58.57
C THR G 140 -5.37 -8.54 -58.09
N PHE G 141 -4.94 -8.68 -56.84
CA PHE G 141 -4.57 -10.02 -56.35
C PHE G 141 -5.78 -10.92 -56.21
N ILE G 142 -6.90 -10.38 -55.73
CA ILE G 142 -8.07 -11.25 -55.57
C ILE G 142 -8.68 -11.60 -56.93
N ALA G 143 -8.63 -10.67 -57.89
CA ALA G 143 -9.10 -11.00 -59.24
C ALA G 143 -8.19 -12.03 -59.89
N PHE G 144 -6.89 -11.97 -59.62
CA PHE G 144 -5.99 -13.00 -60.10
C PHE G 144 -6.33 -14.35 -59.48
N ALA G 145 -6.53 -14.39 -58.16
CA ALA G 145 -6.76 -15.66 -57.49
C ALA G 145 -8.08 -16.29 -57.92
N GLN G 146 -9.08 -15.48 -58.23
CA GLN G 146 -10.38 -16.03 -58.63
C GLN G 146 -10.26 -16.87 -59.90
N ILE G 147 -9.58 -16.36 -60.91
CA ILE G 147 -9.43 -17.09 -62.16
C ILE G 147 -8.20 -17.99 -62.09
N ALA G 148 -7.49 -17.93 -60.97
CA ALA G 148 -6.46 -18.93 -60.70
C ALA G 148 -7.04 -20.20 -60.08
N ALA G 149 -8.20 -20.07 -59.42
CA ALA G 149 -8.88 -21.24 -58.87
C ALA G 149 -9.99 -21.80 -59.74
N MET G 150 -10.69 -20.96 -60.50
CA MET G 150 -11.76 -21.43 -61.37
C MET G 150 -11.23 -22.32 -62.49
N VAL G 151 -10.32 -21.80 -63.29
CA VAL G 151 -9.74 -22.56 -64.39
C VAL G 151 -8.28 -22.92 -64.09
N ALA G 158 -6.30 -27.27 -53.25
CA ALA G 158 -6.22 -26.35 -54.36
C ALA G 158 -7.24 -25.21 -54.21
N GLN G 159 -8.28 -25.45 -53.42
CA GLN G 159 -9.31 -24.44 -53.17
C GLN G 159 -9.11 -23.86 -51.78
N TYR G 160 -8.23 -22.86 -51.71
CA TYR G 160 -7.97 -22.12 -50.48
C TYR G 160 -8.11 -20.63 -50.80
N PHE G 161 -9.28 -20.27 -51.34
CA PHE G 161 -9.55 -18.91 -51.76
C PHE G 161 -9.67 -18.06 -50.49
N SER G 162 -10.38 -18.58 -49.49
CA SER G 162 -10.57 -17.81 -48.26
C SER G 162 -9.29 -17.51 -47.51
N PRO G 163 -8.40 -18.49 -47.23
CA PRO G 163 -7.18 -18.13 -46.48
C PRO G 163 -6.31 -17.13 -47.21
N THR G 164 -6.09 -17.31 -48.51
CA THR G 164 -5.23 -16.41 -49.26
C THR G 164 -5.86 -15.03 -49.38
N VAL G 165 -7.18 -14.96 -49.56
CA VAL G 165 -7.84 -13.66 -49.67
C VAL G 165 -7.79 -12.92 -48.35
N LYS G 166 -8.02 -13.61 -47.23
CA LYS G 166 -7.93 -12.94 -45.94
C LYS G 166 -6.51 -12.50 -45.64
N GLY G 167 -5.52 -13.33 -45.97
CA GLY G 167 -4.14 -12.92 -45.81
C GLY G 167 -3.80 -11.68 -46.63
N ALA G 168 -4.29 -11.63 -47.87
CA ALA G 168 -4.03 -10.47 -48.71
C ALA G 168 -4.69 -9.22 -48.14
N VAL G 169 -5.93 -9.35 -47.64
CA VAL G 169 -6.59 -8.21 -47.04
C VAL G 169 -5.83 -7.70 -45.83
N ILE G 170 -5.37 -8.62 -44.98
CA ILE G 170 -4.65 -8.21 -43.76
C ILE G 170 -3.35 -7.52 -44.13
N LEU G 171 -2.57 -8.12 -45.04
CA LEU G 171 -1.28 -7.54 -45.37
C LEU G 171 -1.42 -6.21 -46.10
N SER G 172 -2.41 -6.09 -46.99
CA SER G 172 -2.65 -4.81 -47.64
C SER G 172 -3.09 -3.75 -46.65
N LEU G 173 -3.92 -4.12 -45.66
CA LEU G 173 -4.37 -3.14 -44.68
C LEU G 173 -3.21 -2.68 -43.81
N VAL G 174 -2.32 -3.60 -43.43
CA VAL G 174 -1.13 -3.22 -42.66
C VAL G 174 -0.25 -2.29 -43.48
N TRP G 175 -0.06 -2.58 -44.76
CA TRP G 175 0.73 -1.71 -45.61
C TRP G 175 0.10 -0.33 -45.75
N PHE G 176 -1.22 -0.28 -45.87
CA PHE G 176 -1.91 1.01 -45.97
C PHE G 176 -1.78 1.81 -44.69
N LEU G 177 -1.89 1.14 -43.53
CA LEU G 177 -1.69 1.85 -42.26
C LEU G 177 -0.29 2.39 -42.15
N TYR G 178 0.72 1.62 -42.59
CA TYR G 178 2.09 2.12 -42.59
C TYR G 178 2.20 3.33 -43.50
N ARG G 179 1.60 3.26 -44.69
CA ARG G 179 1.65 4.39 -45.61
C ARG G 179 1.04 5.63 -44.98
N TRP G 180 -0.14 5.50 -44.38
CA TRP G 180 -0.80 6.63 -43.76
C TRP G 180 -0.03 7.20 -42.59
N LYS G 181 0.55 6.34 -41.75
CA LYS G 181 1.35 6.81 -40.62
C LYS G 181 2.55 7.60 -41.11
N THR G 182 3.27 7.09 -42.11
CA THR G 182 4.43 7.83 -42.61
C THR G 182 4.02 9.15 -43.23
N ASN G 183 2.90 9.19 -43.96
CA ASN G 183 2.43 10.44 -44.53
C ASN G 183 2.11 11.46 -43.45
N VAL G 184 1.41 11.04 -42.39
CA VAL G 184 1.02 11.99 -41.34
C VAL G 184 2.20 12.58 -40.57
N ILE G 185 3.13 11.74 -40.11
CA ILE G 185 4.24 12.29 -39.35
C ILE G 185 5.37 12.78 -40.27
N THR G 186 5.11 12.78 -41.58
CA THR G 186 6.04 13.44 -42.50
C THR G 186 5.29 14.76 -42.72
N ARG G 187 3.97 14.72 -42.82
CA ARG G 187 3.22 15.97 -42.87
C ARG G 187 3.37 16.91 -41.62
N MET G 188 3.35 16.30 -40.44
CA MET G 188 3.77 17.02 -39.24
C MET G 188 5.17 17.57 -39.07
N LEU G 189 6.14 16.98 -39.76
CA LEU G 189 7.51 17.46 -39.77
C LEU G 189 7.79 18.41 -40.95
N SER G 190 6.74 18.79 -41.68
CA SER G 190 6.85 19.73 -42.80
C SER G 190 6.14 21.01 -42.43
N ALA G 191 6.21 21.43 -41.17
CA ALA G 191 5.60 22.66 -40.72
C ALA G 191 6.63 23.58 -40.09
N ASP G 198 8.89 21.32 -31.13
CA ASP G 198 7.84 20.35 -31.40
C ASP G 198 8.28 19.39 -32.49
N ARG G 199 9.56 19.01 -32.46
CA ARG G 199 10.09 18.06 -33.41
C ARG G 199 10.49 16.72 -32.79
N GLU G 200 11.15 16.71 -31.64
CA GLU G 200 11.46 15.44 -30.99
C GLU G 200 10.17 14.74 -30.54
N LYS G 201 9.10 15.51 -30.32
CA LYS G 201 7.79 14.91 -30.09
C LYS G 201 7.34 14.11 -31.31
N VAL G 202 7.57 14.65 -32.51
CA VAL G 202 7.18 13.94 -33.72
C VAL G 202 8.02 12.68 -33.90
N LEU G 203 9.31 12.74 -33.56
CA LEU G 203 10.14 11.56 -33.68
C LEU G 203 9.72 10.48 -32.68
N THR G 204 9.39 10.88 -31.45
CA THR G 204 8.91 9.92 -30.47
C THR G 204 7.59 9.31 -30.91
N LEU G 205 6.67 10.12 -31.44
CA LEU G 205 5.41 9.58 -31.94
C LEU G 205 5.65 8.60 -33.07
N ASP G 206 6.58 8.92 -33.98
CA ASP G 206 6.89 8.02 -35.08
C ASP G 206 7.42 6.69 -34.58
N LYS G 207 8.35 6.71 -33.63
CA LYS G 207 8.92 5.47 -33.12
C LYS G 207 7.87 4.63 -32.38
N VAL G 208 7.08 5.28 -31.53
CA VAL G 208 6.06 4.55 -30.77
C VAL G 208 5.01 3.95 -31.71
N SER G 209 4.61 4.72 -32.73
CA SER G 209 3.61 4.22 -33.67
C SER G 209 4.17 3.08 -34.51
N SER G 210 5.44 3.13 -34.87
CA SER G 210 6.03 2.02 -35.61
C SER G 210 6.10 0.76 -34.75
N VAL G 211 6.44 0.91 -33.47
CA VAL G 211 6.43 -0.24 -32.57
C VAL G 211 5.03 -0.85 -32.49
N GLY G 212 4.02 -0.01 -32.24
CA GLY G 212 2.67 -0.52 -32.13
C GLY G 212 2.19 -1.17 -33.40
N LEU G 213 2.50 -0.57 -34.56
CA LEU G 213 2.05 -1.12 -35.82
C LEU G 213 2.74 -2.43 -36.14
N PHE G 214 4.03 -2.56 -35.80
CA PHE G 214 4.71 -3.83 -35.98
C PHE G 214 4.05 -4.92 -35.13
N ALA G 215 3.75 -4.60 -33.88
CA ALA G 215 3.09 -5.58 -33.01
C ALA G 215 1.75 -6.01 -33.60
N ILE G 216 0.91 -5.05 -33.95
CA ILE G 216 -0.43 -5.37 -34.47
C ILE G 216 -0.34 -6.15 -35.77
N GLY G 217 0.56 -5.74 -36.67
CA GLY G 217 0.69 -6.44 -37.94
C GLY G 217 1.21 -7.85 -37.79
N LEU G 218 2.16 -8.06 -36.88
CA LEU G 218 2.65 -9.41 -36.63
C LEU G 218 1.54 -10.30 -36.11
N MET G 219 0.77 -9.81 -35.11
CA MET G 219 -0.33 -10.61 -34.59
C MET G 219 -1.33 -10.96 -35.68
N ALA G 220 -1.76 -9.95 -36.45
CA ALA G 220 -2.80 -10.18 -37.44
C ALA G 220 -2.33 -11.06 -38.59
N SER G 221 -1.07 -10.93 -38.99
CA SER G 221 -0.56 -11.78 -40.07
C SER G 221 -0.38 -13.21 -39.61
N ALA G 222 0.13 -13.42 -38.39
CA ALA G 222 0.23 -14.78 -37.86
C ALA G 222 -1.15 -15.42 -37.71
N GLU G 223 -2.16 -14.62 -37.43
CA GLU G 223 -3.50 -15.18 -37.34
C GLU G 223 -4.13 -15.43 -38.70
N ALA G 224 -3.80 -14.62 -39.70
CA ALA G 224 -4.33 -14.84 -41.05
C ALA G 224 -3.69 -16.06 -41.70
N CYS G 225 -2.37 -16.18 -41.60
CA CYS G 225 -1.69 -17.34 -42.17
C CYS G 225 -2.10 -18.62 -41.45
N GLY G 226 -2.12 -18.60 -40.13
CA GLY G 226 -2.47 -19.77 -39.34
C GLY G 226 -1.32 -20.44 -38.63
N VAL G 227 -0.13 -19.85 -38.64
CA VAL G 227 1.05 -20.45 -38.05
C VAL G 227 1.24 -19.89 -36.65
N ALA G 228 1.17 -20.76 -35.66
CA ALA G 228 1.38 -20.41 -34.26
C ALA G 228 0.49 -19.23 -33.85
N VAL G 229 -0.82 -19.45 -33.95
CA VAL G 229 -1.77 -18.40 -33.62
C VAL G 229 -1.79 -18.14 -32.12
N GLN G 230 -2.10 -19.18 -31.35
CA GLN G 230 -2.31 -18.99 -29.92
C GLN G 230 -1.03 -18.63 -29.19
N SER G 231 0.12 -19.16 -29.65
CA SER G 231 1.39 -18.81 -29.03
C SER G 231 1.68 -17.32 -29.15
N ILE G 232 1.65 -16.81 -30.38
CA ILE G 232 1.96 -15.40 -30.62
C ILE G 232 0.90 -14.51 -29.99
N LEU G 233 -0.35 -14.94 -30.00
CA LEU G 233 -1.41 -14.16 -29.38
C LEU G 233 -1.24 -14.09 -27.87
N THR G 234 -0.78 -15.17 -27.24
CA THR G 234 -0.52 -15.16 -25.81
C THR G 234 0.66 -14.25 -25.48
N VAL G 235 1.72 -14.32 -26.29
CA VAL G 235 2.85 -13.40 -26.09
C VAL G 235 2.39 -11.96 -26.19
N GLY G 236 1.63 -11.64 -27.24
CA GLY G 236 1.12 -10.29 -27.40
C GLY G 236 0.19 -9.86 -26.28
N GLY G 237 -0.60 -10.79 -25.74
CA GLY G 237 -1.49 -10.44 -24.66
C GLY G 237 -0.77 -10.15 -23.35
N VAL G 238 0.27 -10.94 -23.05
CA VAL G 238 1.02 -10.66 -21.83
C VAL G 238 1.85 -9.40 -21.99
N GLY G 239 2.36 -9.12 -23.19
CA GLY G 239 3.00 -7.83 -23.42
C GLY G 239 2.03 -6.67 -23.28
N GLY G 240 0.80 -6.85 -23.77
CA GLY G 240 -0.18 -5.81 -23.65
C GLY G 240 -0.57 -5.54 -22.21
N VAL G 241 -0.68 -6.59 -21.40
CA VAL G 241 -1.04 -6.33 -20.00
C VAL G 241 0.14 -5.79 -19.21
N ALA G 242 1.36 -6.19 -19.55
CA ALA G 242 2.54 -5.53 -19.00
C ALA G 242 2.50 -4.03 -19.27
N THR G 243 2.32 -3.65 -20.54
CA THR G 243 2.26 -2.24 -20.89
C THR G 243 1.05 -1.54 -20.27
N ALA G 244 -0.05 -2.25 -20.09
CA ALA G 244 -1.27 -1.64 -19.58
C ALA G 244 -1.23 -1.40 -18.09
N PHE G 245 -0.48 -2.20 -17.34
CA PHE G 245 -0.29 -1.86 -15.94
C PHE G 245 0.88 -0.92 -15.72
N ALA G 246 1.92 -1.02 -16.54
CA ALA G 246 3.02 -0.06 -16.47
C ALA G 246 2.58 1.35 -16.77
N ALA G 247 1.46 1.54 -17.48
CA ALA G 247 0.98 2.85 -17.87
C ALA G 247 -0.24 3.28 -17.08
N ARG G 248 -0.37 2.81 -15.84
CA ARG G 248 -1.55 3.15 -15.05
C ARG G 248 -1.51 4.60 -14.58
N ASP G 249 -0.31 5.19 -14.49
CA ASP G 249 -0.18 6.56 -14.00
C ASP G 249 -0.50 7.57 -15.08
N ILE G 250 0.00 7.37 -16.30
CA ILE G 250 -0.34 8.26 -17.41
C ILE G 250 -1.84 8.22 -17.67
N LEU G 251 -2.42 7.02 -17.66
CA LEU G 251 -3.85 6.89 -17.88
C LEU G 251 -4.65 7.49 -16.74
N GLY G 252 -4.19 7.31 -15.50
CA GLY G 252 -4.83 7.98 -14.38
C GLY G 252 -4.84 9.48 -14.53
N ASN G 253 -3.70 10.05 -14.93
CA ASN G 253 -3.62 11.50 -15.12
C ASN G 253 -4.58 11.96 -16.20
N VAL G 254 -4.66 11.24 -17.32
CA VAL G 254 -5.55 11.67 -18.40
C VAL G 254 -7.01 11.57 -17.99
N LEU G 255 -7.40 10.43 -17.42
CA LEU G 255 -8.80 10.25 -17.02
C LEU G 255 -9.20 11.22 -15.92
N SER G 256 -8.31 11.51 -14.98
CA SER G 256 -8.62 12.49 -13.95
C SER G 256 -8.66 13.90 -14.52
N GLY G 257 -7.86 14.20 -15.54
CA GLY G 257 -7.99 15.47 -16.21
C GLY G 257 -9.34 15.66 -16.86
N LEU G 258 -9.86 14.59 -17.48
CA LEU G 258 -11.20 14.68 -18.08
C LEU G 258 -12.27 14.82 -17.00
N SER G 259 -12.19 13.99 -15.96
CA SER G 259 -13.15 14.08 -14.86
C SER G 259 -13.15 15.47 -14.24
N MET G 260 -11.98 16.12 -14.16
CA MET G 260 -11.92 17.49 -13.67
C MET G 260 -12.50 18.46 -14.69
N GLN G 261 -12.37 18.17 -15.98
CA GLN G 261 -13.03 18.98 -16.99
C GLN G 261 -14.54 18.92 -16.85
N PHE G 262 -15.09 17.88 -16.24
CA PHE G 262 -16.54 17.85 -16.02
C PHE G 262 -16.94 18.57 -14.73
N SER G 263 -16.44 18.10 -13.58
CA SER G 263 -16.76 18.71 -12.30
C SER G 263 -15.62 19.63 -11.91
N ARG G 264 -15.71 20.88 -12.33
CA ARG G 264 -14.61 21.81 -12.16
C ARG G 264 -14.42 22.14 -10.68
N PRO G 265 -13.32 21.70 -10.06
CA PRO G 265 -13.11 22.00 -8.63
C PRO G 265 -12.38 23.31 -8.41
N PHE G 266 -11.87 23.90 -9.48
CA PHE G 266 -11.18 25.19 -9.41
C PHE G 266 -11.05 25.73 -10.82
N SER G 267 -10.63 26.99 -10.90
CA SER G 267 -10.43 27.66 -12.17
C SER G 267 -9.12 28.44 -12.13
N MET G 268 -8.77 29.02 -13.27
CA MET G 268 -7.46 29.66 -13.42
C MET G 268 -7.36 30.86 -12.51
N GLY G 269 -6.37 30.85 -11.63
CA GLY G 269 -6.15 31.94 -10.69
C GLY G 269 -6.54 31.63 -9.27
N ASP G 270 -7.34 30.59 -9.05
CA ASP G 270 -7.77 30.23 -7.72
C ASP G 270 -6.59 29.76 -6.89
N THR G 271 -6.62 30.06 -5.60
CA THR G 271 -5.61 29.60 -4.65
C THR G 271 -6.12 28.30 -4.03
N ILE G 272 -5.56 27.18 -4.44
CA ILE G 272 -6.02 25.88 -3.97
C ILE G 272 -4.95 25.26 -3.08
N LYS G 273 -5.36 24.23 -2.36
CA LYS G 273 -4.47 23.41 -1.55
C LYS G 273 -4.86 21.97 -1.76
N ALA G 274 -4.00 21.21 -2.42
CA ALA G 274 -4.24 19.81 -2.73
C ALA G 274 -3.24 18.98 -1.95
N GLY G 275 -3.72 18.30 -0.92
CA GLY G 275 -2.84 17.48 -0.11
C GLY G 275 -1.68 18.25 0.48
N SER G 276 -0.49 18.01 -0.04
CA SER G 276 0.72 18.63 0.47
C SER G 276 1.12 19.89 -0.28
N VAL G 277 0.50 20.18 -1.42
CA VAL G 277 0.91 21.34 -2.22
C VAL G 277 -0.17 22.40 -2.10
N GLU G 278 0.23 23.64 -2.27
CA GLU G 278 -0.71 24.73 -2.22
C GLU G 278 -0.19 25.90 -3.02
N GLY G 279 -1.08 26.56 -3.75
CA GLY G 279 -0.68 27.74 -4.47
C GLY G 279 -1.74 28.19 -5.45
N GLN G 280 -1.36 29.16 -6.26
CA GLN G 280 -2.26 29.76 -7.25
C GLN G 280 -2.19 28.97 -8.56
N VAL G 281 -3.36 28.61 -9.10
CA VAL G 281 -3.41 27.89 -10.36
C VAL G 281 -2.95 28.81 -11.49
N ILE G 282 -1.93 28.38 -12.23
CA ILE G 282 -1.39 29.16 -13.33
C ILE G 282 -1.51 28.45 -14.66
N GLU G 283 -1.94 27.18 -14.68
CA GLU G 283 -2.10 26.45 -15.92
C GLU G 283 -2.87 25.17 -15.63
N MET G 284 -3.82 24.84 -16.49
CA MET G 284 -4.62 23.63 -16.35
C MET G 284 -4.50 22.83 -17.63
N GLY G 285 -3.98 21.62 -17.52
CA GLY G 285 -3.78 20.77 -18.68
C GLY G 285 -4.57 19.48 -18.58
N LEU G 286 -4.24 18.50 -19.41
CA LEU G 286 -4.97 17.24 -19.37
C LEU G 286 -4.30 16.21 -18.47
N THR G 287 -2.97 16.24 -18.35
CA THR G 287 -2.29 15.30 -17.48
C THR G 287 -1.63 15.95 -16.27
N THR G 288 -1.48 17.28 -16.25
CA THR G 288 -0.87 17.96 -15.12
C THR G 288 -1.50 19.34 -14.95
N THR G 289 -1.54 19.80 -13.70
CA THR G 289 -1.89 21.16 -13.35
C THR G 289 -0.63 21.87 -12.85
N SER G 290 -0.57 23.18 -13.05
CA SER G 290 0.58 23.97 -12.65
C SER G 290 0.15 24.98 -11.60
N LEU G 291 0.84 24.98 -10.47
CA LEU G 291 0.58 25.91 -9.38
C LEU G 291 1.78 26.82 -9.18
N LEU G 292 1.57 27.87 -8.39
CA LEU G 292 2.62 28.76 -7.91
C LEU G 292 2.53 28.73 -6.39
N ASN G 293 3.52 28.13 -5.75
CA ASN G 293 3.43 27.87 -4.31
C ASN G 293 3.86 29.10 -3.51
N ALA G 294 4.05 28.91 -2.21
CA ALA G 294 4.26 30.05 -1.31
C ALA G 294 5.60 30.72 -1.51
N GLU G 295 6.61 30.00 -2.00
CA GLU G 295 7.90 30.58 -2.34
C GLU G 295 7.93 31.13 -3.75
N LYS G 296 6.81 31.02 -4.47
CA LYS G 296 6.62 31.61 -5.80
C LYS G 296 7.41 30.88 -6.88
N PHE G 297 7.52 29.55 -6.75
CA PHE G 297 8.07 28.53 -7.62
C PHE G 297 6.95 27.84 -8.39
N PRO G 298 7.11 27.50 -9.67
CA PRO G 298 6.05 26.75 -10.37
C PRO G 298 6.11 25.26 -10.06
N VAL G 299 5.03 24.75 -9.47
CA VAL G 299 4.88 23.34 -9.13
C VAL G 299 4.06 22.66 -10.20
N LEU G 300 4.33 21.39 -10.45
CA LEU G 300 3.66 20.60 -11.48
C LEU G 300 3.03 19.38 -10.82
N VAL G 301 1.71 19.41 -10.68
CA VAL G 301 0.95 18.40 -9.94
C VAL G 301 0.32 17.44 -10.95
N PRO G 302 0.61 16.13 -10.88
CA PRO G 302 -0.11 15.18 -11.73
C PRO G 302 -1.59 15.14 -11.39
N ASN G 303 -2.42 15.13 -12.44
CA ASN G 303 -3.87 15.26 -12.27
C ASN G 303 -4.51 14.08 -11.55
N SER G 304 -3.78 13.00 -11.30
CA SER G 304 -4.36 11.89 -10.56
C SER G 304 -4.34 12.13 -9.06
N LEU G 305 -3.85 13.27 -8.61
CA LEU G 305 -3.86 13.64 -7.21
C LEU G 305 -5.11 14.42 -6.81
N PHE G 306 -5.86 14.92 -7.77
CA PHE G 306 -7.08 15.65 -7.51
C PHE G 306 -8.31 14.76 -7.48
N SER G 307 -8.13 13.45 -7.62
CA SER G 307 -9.24 12.51 -7.54
C SER G 307 -9.22 11.65 -6.29
N SER G 308 -8.06 11.53 -5.63
CA SER G 308 -7.93 10.72 -4.44
C SER G 308 -7.76 11.53 -3.17
N GLN G 309 -7.64 12.85 -3.28
CA GLN G 309 -7.39 13.73 -2.15
C GLN G 309 -8.38 14.88 -2.13
N VAL G 310 -8.50 15.52 -0.98
CA VAL G 310 -9.41 16.65 -0.82
C VAL G 310 -8.74 17.91 -1.35
N ILE G 311 -9.55 18.83 -1.87
CA ILE G 311 -9.07 20.07 -2.47
C ILE G 311 -9.68 21.21 -1.68
N VAL G 312 -8.83 22.08 -1.13
CA VAL G 312 -9.31 23.26 -0.42
C VAL G 312 -9.22 24.44 -1.37
N ASN G 313 -10.31 25.17 -1.53
CA ASN G 313 -10.36 26.30 -2.44
C ASN G 313 -10.38 27.58 -1.62
N LYS G 314 -9.22 28.21 -1.49
CA LYS G 314 -9.09 29.42 -0.68
C LYS G 314 -9.61 30.65 -1.37
N SER G 315 -10.12 30.54 -2.60
CA SER G 315 -10.61 31.68 -3.34
C SER G 315 -12.13 31.74 -3.45
N ARG G 316 -12.84 30.75 -2.90
CA ARG G 316 -14.29 30.74 -2.93
C ARG G 316 -14.91 30.95 -1.56
N ALA G 317 -14.10 31.25 -0.55
CA ALA G 317 -14.63 31.54 0.78
C ALA G 317 -15.39 32.86 0.77
N GLN G 318 -16.53 32.87 1.47
CA GLN G 318 -17.37 34.06 1.56
C GLN G 318 -17.19 34.82 2.86
N TRP G 319 -16.62 34.21 3.89
CA TRP G 319 -16.24 34.90 5.11
C TRP G 319 -15.07 34.15 5.72
N ARG G 320 -14.23 34.88 6.43
CA ARG G 320 -13.04 34.32 7.04
C ARG G 320 -13.32 34.07 8.51
N ALA G 321 -12.35 33.43 9.18
CA ALA G 321 -12.48 33.13 10.59
C ALA G 321 -11.11 33.20 11.22
N ILE G 322 -10.95 34.05 12.23
CA ILE G 322 -9.70 34.18 12.96
C ILE G 322 -9.88 33.64 14.36
N ALA G 323 -8.78 33.15 14.93
CA ALA G 323 -8.76 32.61 16.28
C ALA G 323 -7.35 32.75 16.84
N SER G 324 -7.26 33.20 18.09
CA SER G 324 -5.97 33.38 18.74
C SER G 324 -6.08 33.00 20.21
N LYS G 325 -4.92 32.95 20.87
CA LYS G 325 -4.85 32.61 22.28
C LYS G 325 -3.95 33.61 22.99
N ILE G 326 -4.45 34.18 24.08
CA ILE G 326 -3.72 35.20 24.84
C ILE G 326 -3.43 34.63 26.22
N PRO G 327 -2.17 34.60 26.67
CA PRO G 327 -1.87 34.18 28.03
C PRO G 327 -1.86 35.37 28.99
N LEU G 328 -2.41 35.13 30.17
CA LEU G 328 -2.60 36.14 31.19
C LEU G 328 -1.88 35.71 32.46
N GLN G 329 -1.23 36.66 33.12
CA GLN G 329 -0.62 36.43 34.43
C GLN G 329 -1.59 37.00 35.46
N ILE G 330 -2.46 36.15 35.97
CA ILE G 330 -3.56 36.59 36.82
C ILE G 330 -3.72 35.60 37.97
N ASP G 331 -3.92 36.13 39.17
CA ASP G 331 -4.21 35.33 40.35
C ASP G 331 -5.61 35.53 40.87
N ASP G 332 -6.22 36.68 40.63
CA ASP G 332 -7.60 36.95 41.00
C ASP G 332 -8.47 36.69 39.77
N LEU G 333 -8.84 35.43 39.58
CA LEU G 333 -9.69 35.05 38.45
C LEU G 333 -11.09 35.62 38.55
N ASP G 334 -11.43 36.32 39.63
CA ASP G 334 -12.76 36.90 39.80
C ASP G 334 -13.10 37.91 38.71
N MET G 335 -12.12 38.31 37.89
CA MET G 335 -12.36 39.25 36.80
C MET G 335 -12.10 38.61 35.44
N ILE G 336 -12.09 37.28 35.35
CA ILE G 336 -11.99 36.61 34.06
C ILE G 336 -13.33 36.70 33.33
N PRO G 337 -14.50 36.57 34.00
CA PRO G 337 -15.76 36.80 33.29
C PRO G 337 -15.86 38.18 32.66
N GLN G 338 -15.71 39.23 33.47
CA GLN G 338 -15.85 40.60 32.98
C GLN G 338 -15.05 40.83 31.72
N ILE G 339 -13.73 40.68 31.83
CA ILE G 339 -12.80 40.80 30.70
C ILE G 339 -13.38 40.08 29.51
N SER G 340 -13.69 38.79 29.69
CA SER G 340 -14.21 37.97 28.60
C SER G 340 -15.37 38.66 27.91
N ASN G 341 -16.41 38.99 28.67
CA ASN G 341 -17.57 39.64 28.09
C ASN G 341 -17.18 40.90 27.35
N GLU G 342 -16.35 41.74 27.98
CA GLU G 342 -15.95 42.99 27.33
C GLU G 342 -15.31 42.71 25.98
N ILE G 343 -14.41 41.74 25.92
CA ILE G 343 -13.75 41.43 24.66
C ILE G 343 -14.78 41.07 23.61
N LYS G 344 -15.73 40.20 23.97
CA LYS G 344 -16.76 39.81 23.02
C LYS G 344 -17.53 41.02 22.53
N GLU G 345 -17.85 41.94 23.43
CA GLU G 345 -18.53 43.17 23.03
C GLU G 345 -17.69 43.87 21.98
N MET G 346 -16.39 43.96 22.22
CA MET G 346 -15.49 44.61 21.27
C MET G 346 -15.55 43.94 19.91
N LEU G 347 -15.59 42.61 19.88
CA LEU G 347 -15.66 41.90 18.61
C LEU G 347 -16.99 42.03 17.89
N ARG G 348 -18.06 42.36 18.60
CA ARG G 348 -19.32 42.61 17.92
C ARG G 348 -19.47 44.06 17.51
N SER G 349 -18.77 44.97 18.18
CA SER G 349 -18.81 46.39 17.85
C SER G 349 -17.76 46.76 16.81
N ASN G 350 -17.10 45.78 16.23
CA ASN G 350 -16.06 46.00 15.24
C ASN G 350 -16.67 45.78 13.86
N THR G 351 -16.47 46.74 12.96
CA THR G 351 -16.75 46.45 11.57
C THR G 351 -15.77 45.39 11.09
N LYS G 352 -16.09 44.79 9.94
CA LYS G 352 -15.33 43.66 9.39
C LYS G 352 -15.49 42.39 10.19
N VAL G 353 -16.54 42.27 11.00
CA VAL G 353 -16.91 40.99 11.59
C VAL G 353 -18.24 40.57 11.01
N PHE G 354 -18.46 39.26 11.00
CA PHE G 354 -19.61 38.65 10.36
C PHE G 354 -20.45 37.98 11.43
N LEU G 355 -21.59 38.58 11.76
CA LEU G 355 -22.48 38.06 12.80
C LEU G 355 -23.62 37.23 12.23
N GLY G 356 -23.39 36.56 11.09
CA GLY G 356 -24.44 35.82 10.44
C GLY G 356 -24.53 34.38 10.88
N LYS G 357 -23.39 33.73 11.11
CA LYS G 357 -23.37 32.32 11.45
C LYS G 357 -23.06 32.07 12.93
N GLU G 358 -21.93 32.55 13.41
CA GLU G 358 -21.48 32.26 14.76
C GLU G 358 -21.12 33.54 15.48
N ALA G 359 -21.30 33.53 16.75
CA ALA G 359 -21.01 34.70 17.55
C ALA G 359 -19.55 34.69 18.00
N PRO G 360 -18.95 35.86 18.16
CA PRO G 360 -17.59 35.91 18.69
C PRO G 360 -17.51 35.25 20.06
N HIS G 361 -16.40 34.57 20.31
CA HIS G 361 -16.21 33.86 21.57
C HIS G 361 -14.90 34.28 22.20
N CYS G 362 -14.87 34.22 23.53
CA CYS G 362 -13.64 34.43 24.29
C CYS G 362 -13.84 33.72 25.63
N TYR G 363 -13.25 32.54 25.77
CA TYR G 363 -13.44 31.72 26.94
C TYR G 363 -12.10 31.34 27.55
N LEU G 364 -12.14 30.90 28.81
CA LEU G 364 -10.95 30.46 29.51
C LEU G 364 -10.70 29.00 29.19
N SER G 365 -9.60 28.73 28.49
CA SER G 365 -9.34 27.37 28.03
C SER G 365 -8.45 26.58 28.97
N ARG G 366 -7.58 27.23 29.73
CA ARG G 366 -6.80 26.53 30.73
C ARG G 366 -6.28 27.53 31.77
N VAL G 367 -6.10 27.03 32.99
CA VAL G 367 -5.65 27.83 34.11
C VAL G 367 -4.44 27.16 34.73
N GLU G 368 -3.70 27.93 35.53
CA GLU G 368 -2.45 27.48 36.13
C GLU G 368 -1.99 28.57 37.09
N LYS G 369 -0.90 28.28 37.82
CA LYS G 369 -0.43 29.19 38.86
C LYS G 369 -0.07 30.55 38.30
N SER G 370 -0.86 31.56 38.67
CA SER G 370 -0.69 32.92 38.16
C SER G 370 -0.67 32.93 36.63
N PHE G 371 -1.52 32.09 36.04
CA PHE G 371 -1.51 31.93 34.59
C PHE G 371 -2.90 31.50 34.14
N ALA G 372 -3.31 32.02 32.99
CA ALA G 372 -4.59 31.66 32.38
C ALA G 372 -4.45 31.84 30.89
N GLU G 373 -5.31 31.18 30.12
CA GLU G 373 -5.26 31.27 28.67
C GLU G 373 -6.66 31.57 28.14
N LEU G 374 -6.81 32.69 27.46
CA LEU G 374 -8.06 33.06 26.82
C LEU G 374 -8.01 32.69 25.35
N THR G 375 -9.02 31.99 24.87
CA THR G 375 -9.14 31.63 23.46
C THR G 375 -10.17 32.53 22.82
N ILE G 376 -9.70 33.39 21.91
CA ILE G 376 -10.52 34.39 21.25
C ILE G 376 -10.73 33.93 19.81
N GLY G 377 -11.85 34.34 19.23
CA GLY G 377 -12.10 34.02 17.85
C GLY G 377 -13.36 34.69 17.35
N CYS G 378 -13.43 34.85 16.04
CA CYS G 378 -14.59 35.47 15.40
C CYS G 378 -14.54 35.17 13.91
N ASN G 379 -15.63 35.51 13.23
CA ASN G 379 -15.70 35.50 11.78
C ASN G 379 -15.57 36.92 11.25
N LEU G 380 -14.95 37.03 10.09
CA LEU G 380 -14.72 38.30 9.42
C LEU G 380 -15.38 38.29 8.06
N ILE G 381 -15.71 39.48 7.57
CA ILE G 381 -16.36 39.61 6.27
C ILE G 381 -15.37 39.21 5.20
N ARG G 382 -15.85 39.01 3.98
CA ARG G 382 -14.98 38.66 2.86
C ARG G 382 -14.05 39.83 2.58
N MET G 383 -12.76 39.63 2.82
CA MET G 383 -11.77 40.69 2.67
C MET G 383 -10.57 40.15 1.93
N GLY G 384 -9.64 41.06 1.61
CA GLY G 384 -8.42 40.70 0.92
C GLY G 384 -7.47 39.93 1.80
N LYS G 385 -6.17 40.00 1.53
CA LYS G 385 -5.19 39.33 2.38
C LYS G 385 -4.33 40.28 3.19
N GLU G 386 -4.20 41.53 2.77
CA GLU G 386 -3.55 42.51 3.65
C GLU G 386 -4.53 43.06 4.67
N GLU G 387 -5.81 43.14 4.30
CA GLU G 387 -6.82 43.58 5.26
C GLU G 387 -7.05 42.52 6.32
N LEU G 388 -6.89 41.24 5.98
CA LEU G 388 -7.01 40.19 6.99
C LEU G 388 -5.90 40.30 8.03
N TYR G 389 -4.68 40.57 7.57
CA TYR G 389 -3.56 40.79 8.48
C TYR G 389 -3.80 42.00 9.37
N ASN G 390 -4.23 43.11 8.75
CA ASN G 390 -4.48 44.31 9.53
C ASN G 390 -5.57 44.08 10.58
N THR G 391 -6.63 43.36 10.22
CA THR G 391 -7.70 43.10 11.16
C THR G 391 -7.24 42.19 12.28
N GLN G 392 -6.43 41.17 11.97
CA GLN G 392 -5.88 40.32 13.03
C GLN G 392 -5.07 41.14 14.02
N GLN G 393 -4.14 41.96 13.51
CA GLN G 393 -3.32 42.78 14.39
C GLN G 393 -4.16 43.72 15.22
N GLU G 394 -5.18 44.33 14.61
CA GLU G 394 -6.02 45.28 15.32
C GLU G 394 -6.83 44.61 16.43
N VAL G 395 -7.42 43.46 16.14
CA VAL G 395 -8.16 42.72 17.15
C VAL G 395 -7.25 42.31 18.29
N LEU G 396 -6.03 41.87 17.98
CA LEU G 396 -5.10 41.46 19.04
C LEU G 396 -4.71 42.63 19.93
N LEU G 397 -4.44 43.78 19.33
CA LEU G 397 -4.06 44.95 20.13
C LEU G 397 -5.23 45.44 20.98
N GLU G 398 -6.44 45.47 20.43
CA GLU G 398 -7.59 45.89 21.23
C GLU G 398 -7.87 44.93 22.38
N ALA G 399 -7.71 43.62 22.14
CA ALA G 399 -7.89 42.65 23.21
C ALA G 399 -6.88 42.85 24.32
N VAL G 400 -5.61 43.04 23.96
CA VAL G 400 -4.60 43.26 24.99
C VAL G 400 -4.85 44.57 25.74
N LYS G 401 -5.38 45.57 25.04
CA LYS G 401 -5.74 46.83 25.69
C LYS G 401 -6.82 46.61 26.74
N ILE G 402 -7.89 45.90 26.37
CA ILE G 402 -8.96 45.58 27.33
C ILE G 402 -8.40 44.79 28.51
N ILE G 403 -7.50 43.84 28.23
CA ILE G 403 -6.95 43.00 29.30
C ILE G 403 -6.17 43.86 30.29
N LYS G 404 -5.29 44.71 29.79
CA LYS G 404 -4.48 45.55 30.67
C LYS G 404 -5.29 46.65 31.33
N LYS G 405 -6.48 46.97 30.81
CA LYS G 405 -7.32 47.98 31.45
C LYS G 405 -7.85 47.51 32.79
N HIS G 406 -8.05 46.20 32.96
CA HIS G 406 -8.57 45.63 34.19
C HIS G 406 -7.47 45.29 35.20
N GLY G 407 -6.28 45.84 35.03
CA GLY G 407 -5.19 45.59 35.96
C GLY G 407 -4.52 44.25 35.82
N VAL G 408 -4.90 43.46 34.83
CA VAL G 408 -4.27 42.17 34.58
C VAL G 408 -3.06 42.38 33.67
N SER G 409 -2.14 41.42 33.68
CA SER G 409 -0.97 41.47 32.83
C SER G 409 -0.86 40.15 32.07
N LEU G 410 -0.10 40.19 30.98
CA LEU G 410 0.09 39.01 30.16
C LEU G 410 1.00 38.01 30.85
N GLY G 411 0.75 36.74 30.62
CA GLY G 411 1.56 35.68 31.19
C GLY G 411 2.63 35.20 30.24
N THR G 412 3.35 34.18 30.69
CA THR G 412 4.46 33.62 29.94
C THR G 412 4.25 32.12 29.76
N THR G 413 4.07 31.70 28.51
CA THR G 413 3.93 30.28 28.23
C THR G 413 5.25 29.55 28.48
C1 LFA H . -0.08 18.37 -20.36
C2 LFA H . 0.67 18.93 -21.37
C3 LFA H . 1.19 18.14 -22.39
C4 LFA H . 0.48 17.04 -22.82
C5 LFA H . 1.16 15.89 -23.20
C6 LFA H . 1.28 14.83 -22.32
C7 LFA H . 0.82 13.57 -22.69
C8 LFA H . 1.54 12.44 -22.36
C9 LFA H . 1.09 11.19 -22.73
C10 LFA H . 1.53 10.61 -23.91
C11 LFA H . 2.71 9.89 -23.91
C12 LFA H . 2.77 8.65 -23.30
C13 LFA H . 3.52 7.64 -23.86
C14 LFA H . 3.22 6.32 -23.56
C15 LFA H . 3.16 5.37 -24.58
C16 LFA H . 2.15 4.43 -24.59
C17 LFA H . 2.35 3.20 -25.20
C8 LFA I . -2.48 6.91 -23.07
C9 LFA I . -3.03 7.97 -23.76
C10 LFA I . -2.28 9.11 -23.99
C11 LFA I . -2.90 10.34 -24.15
C12 LFA I . -4.14 10.41 -24.77
C13 LFA I . -4.69 11.64 -25.07
C14 LFA I . -3.87 12.70 -25.43
C15 LFA I . -4.03 13.31 -26.66
C16 LFA I . -4.95 14.33 -26.82
C17 LFA I . -4.65 15.40 -27.63
C2 LFA J . -10.95 7.21 -22.72
C3 LFA J . -11.05 8.32 -23.55
C4 LFA J . -9.91 8.96 -24.00
C5 LFA J . -9.99 10.24 -24.51
C6 LFA J . -8.87 11.07 -24.51
C7 LFA J . -9.02 12.42 -24.76
C8 LFA J . -8.00 13.12 -25.38
C9 LFA J . -8.13 14.48 -25.59
C1 LFA K . -20.47 16.02 -8.77
C2 LFA K . -20.81 17.05 -9.63
C3 LFA K . -20.64 16.90 -11.00
C4 LFA K . -20.81 15.65 -11.59
C5 LFA K . -20.00 15.28 -12.65
C6 LFA K . -18.91 14.46 -12.43
C7 LFA K . -18.80 13.25 -13.10
C8 LFA K . -17.57 12.84 -13.58
C9 LFA K . -17.46 11.64 -14.27
C10 LFA K . -17.53 11.62 -15.65
C11 LFA K . -16.39 11.85 -16.40
C12 LFA K . -15.41 10.88 -16.46
C13 LFA K . -14.72 10.66 -17.63
C14 LFA K . -14.08 9.45 -17.85
C15 LFA K . -14.23 8.81 -19.07
C16 LFA K . -14.44 7.44 -19.11
C17 LFA K . -14.04 6.72 -20.23
C8 LFA L . -17.92 6.13 -15.09
C9 LFA L . -19.19 6.65 -15.00
C10 LFA L . -19.38 8.02 -14.98
C11 LFA L . -20.50 8.56 -14.35
C12 LFA L . -21.70 7.88 -14.38
C13 LFA L . -22.84 8.48 -13.89
C14 LFA L . -23.02 9.85 -14.02
C15 LFA L . -24.10 10.34 -14.72
C16 LFA L . -25.32 10.54 -14.07
C17 LFA L . -26.10 11.63 -14.39
C2 LFA M . -23.53 0.84 -11.60
C3 LFA M . -24.61 1.69 -11.75
C4 LFA M . -24.41 2.96 -12.27
C5 LFA M . -25.38 3.93 -12.10
C6 LFA M . -25.05 5.28 -12.14
C7 LFA M . -25.95 6.23 -11.71
C8 LFA M . -25.96 7.49 -12.29
C9 LFA M . -26.83 8.45 -11.84
C1 LFA N . -26.50 -0.22 7.18
C2 LFA N . -27.70 0.43 7.03
C3 LFA N . -28.27 0.57 5.78
C4 LFA N . -28.10 -0.41 4.82
C5 LFA N . -27.96 -0.06 3.48
C6 LFA N . -26.70 0.00 2.91
C7 LFA N . -26.40 -0.76 1.80
C8 LFA N . -25.64 -0.22 0.77
C9 LFA N . -25.36 -0.98 -0.35
C10 LFA N . -26.17 -0.89 -1.47
C11 LFA N . -25.93 0.11 -2.41
C12 LFA N . -24.82 0.02 -3.24
C13 LFA N . -24.91 0.43 -4.55
C14 LFA N . -24.01 -0.05 -5.48
C15 LFA N . -24.47 -0.49 -6.71
C16 LFA N . -23.96 -1.65 -7.27
C17 LFA N . -23.96 -1.82 -8.64
C8 LFA O . -23.40 -5.33 -3.25
C9 LFA O . -24.46 -5.78 -2.49
C10 LFA O . -25.25 -4.87 -1.80
C11 LFA O . -25.91 -5.25 -0.65
C12 LFA O . -26.40 -6.54 -0.53
C13 LFA O . -27.18 -6.89 0.55
C14 LFA O . -28.06 -5.95 1.10
C15 LFA O . -29.42 -6.21 1.14
C16 LFA O . -29.96 -6.92 2.20
C17 LFA O . -31.21 -6.57 2.70
C2 LFA P . -22.60 -13.34 -0.62
C3 LFA P . -23.83 -13.38 0.02
C4 LFA P . -24.62 -12.24 0.07
C5 LFA P . -25.66 -12.16 0.99
C6 LFA P . -26.11 -10.92 1.41
C7 LFA P . -26.95 -10.83 2.50
C8 LFA P . -27.90 -9.83 2.57
C9 LFA P . -28.71 -9.72 3.69
C1 LFA Q . -13.62 -18.11 15.46
C2 LFA Q . -14.83 -18.39 16.08
C3 LFA Q . -15.98 -18.51 15.31
C4 LFA Q . -15.91 -19.03 14.03
C5 LFA Q . -16.73 -18.53 13.03
C6 LFA Q . -16.24 -17.60 12.13
C7 LFA Q . -16.29 -17.87 10.77
C8 LFA Q . -16.61 -16.86 9.88
C9 LFA Q . -16.67 -17.12 8.52
C10 LFA Q . -17.88 -17.45 7.94
C11 LFA Q . -18.74 -16.45 7.51
C12 LFA Q . -18.41 -15.70 6.39
C13 LFA Q . -19.40 -15.30 5.50
C14 LFA Q . -19.07 -14.99 4.20
C15 LFA Q . -19.85 -15.47 3.16
C16 LFA Q . -19.24 -15.96 2.02
C17 LFA Q . -19.92 -15.93 0.81
C8 LFA R . -14.82 -18.82 3.53
C9 LFA R . -14.88 -19.92 4.35
C10 LFA R . -15.48 -19.82 5.60
C11 LFA R . -15.09 -20.67 6.63
C12 LFA R . -14.71 -21.97 6.35
C13 LFA R . -14.48 -22.86 7.37
C14 LFA R . -15.21 -22.77 8.55
C15 LFA R . -15.97 -23.86 8.96
C16 LFA R . -15.40 -24.86 9.73
C17 LFA R . -16.12 -25.46 10.74
C2 LFA S . -8.86 -24.62 1.94
C3 LFA S . -9.32 -25.52 2.90
C4 LFA S . -10.37 -25.17 3.72
C5 LFA S . -10.60 -25.88 4.89
C6 LFA S . -11.28 -25.29 5.94
C7 LFA S . -11.27 -25.89 7.19
C8 LFA S . -12.38 -25.75 8.02
C9 LFA S . -12.34 -26.32 9.29
C1 LFA T . 8.40 -24.17 9.88
C2 LFA T . 8.06 -25.23 10.70
C3 LFA T . 6.93 -25.98 10.45
C4 LFA T . 6.52 -26.18 9.14
C5 LFA T . 5.18 -26.23 8.83
C6 LFA T . 4.54 -25.11 8.30
C7 LFA T . 3.89 -25.19 7.08
C8 LFA T . 2.68 -24.54 6.90
C9 LFA T . 2.02 -24.64 5.69
C10 LFA T . 1.05 -25.60 5.51
C11 LFA T . -0.26 -25.35 5.90
C12 LFA T . -1.03 -24.45 5.18
C13 LFA T . -2.38 -24.70 4.98
C14 LFA T . -3.04 -24.10 3.93
C15 LFA T . -3.90 -24.86 3.14
C16 LFA T . -3.88 -24.71 1.77
C17 LFA T . -5.02 -24.99 1.03
C8 LFA U . 1.32 -24.17 0.17
C9 LFA U . 2.28 -25.13 0.39
C10 LFA U . 2.53 -25.59 1.68
C11 LFA U . 3.78 -26.09 2.02
C12 LFA U . 4.51 -26.78 1.09
C13 LFA U . 5.70 -27.41 1.47
C14 LFA U . 5.80 -27.96 2.74
C15 LFA U . 6.06 -29.31 2.88
C16 LFA U . 7.36 -29.78 2.87
C17 LFA U . 7.73 -30.80 3.72
C2 LFA V . 7.31 -24.52 -5.82
C3 LFA V . 7.97 -25.59 -5.26
C4 LFA V . 7.55 -26.10 -4.04
C5 LFA V . 8.39 -26.92 -3.30
C6 LFA V . 8.23 -27.03 -1.93
C7 LFA V . 9.22 -27.61 -1.17
C8 LFA V . 8.89 -28.31 -0.02
C9 LFA V . 9.88 -28.86 0.78
C1 LFA W . 23.07 -13.84 -5.41
C2 LFA W . 23.83 -14.95 -5.07
C3 LFA W . 23.28 -16.22 -5.19
C4 LFA W . 22.40 -16.49 -6.21
C5 LFA W . 21.34 -17.37 -5.99
C6 LFA W . 20.08 -16.88 -5.72
C7 LFA W . 19.01 -17.23 -6.51
C8 LFA W . 17.78 -17.51 -5.94
C9 LFA W . 16.71 -17.87 -6.74
C10 LFA W . 16.43 -19.21 -6.95
C11 LFA W . 15.65 -19.91 -6.05
C12 LFA W . 14.29 -19.65 -5.96
C13 LFA W . 13.40 -20.69 -5.74
C14 LFA W . 12.08 -20.57 -6.11
C15 LFA W . 11.45 -21.60 -6.78
C16 LFA W . 10.61 -21.33 -7.85
C17 LFA W . 9.58 -22.20 -8.16
C8 LFA X . 12.94 -17.37 -10.83
C9 LFA X . 14.19 -17.50 -11.41
C10 LFA X . 15.28 -17.82 -10.64
C11 LFA X . 16.56 -17.42 -11.03
C12 LFA X . 16.87 -17.36 -12.37
C13 LFA X . 18.18 -17.12 -12.76
C14 LFA X . 19.24 -17.60 -11.99
C15 LFA X . 20.15 -18.47 -12.55
C16 LFA X . 21.25 -17.97 -13.24
C17 LFA X . 22.47 -18.60 -13.12
C2 LFA Y . 13.77 -13.10 -18.10
C3 LFA Y . 15.07 -13.53 -18.34
C4 LFA Y . 15.71 -14.33 -17.41
C5 LFA Y . 17.09 -14.47 -17.46
C6 LFA Y . 17.80 -14.81 -16.32
C7 LFA Y . 19.17 -14.69 -16.30
C8 LFA Y . 19.93 -15.56 -15.54
C9 LFA Y . 21.30 -15.42 -15.49
C1 LFA Z . 19.27 5.11 -18.86
C2 LFA Z . 20.51 4.73 -19.34
C3 LFA Z . 20.72 3.44 -19.80
C4 LFA Z . 19.69 2.76 -20.43
C5 LFA Z . 19.54 1.40 -20.25
C6 LFA Z . 18.61 0.92 -19.34
C7 LFA Z . 17.61 0.05 -19.77
C8 LFA Z . 17.25 -1.02 -18.96
C9 LFA Z . 16.27 -1.90 -19.38
C10 LFA Z . 16.63 -3.06 -20.04
C11 LFA Z . 16.96 -4.20 -19.32
C12 LFA Z . 15.97 -4.89 -18.65
C13 LFA Z . 16.02 -6.28 -18.58
C14 LFA Z . 14.86 -7.00 -18.36
C15 LFA Z . 14.57 -8.12 -19.13
C16 LFA Z . 13.28 -8.34 -19.58
C17 LFA Z . 12.85 -9.62 -19.84
C8 LFA AA . 11.23 -3.52 -21.17
C9 LFA AA . 11.81 -2.74 -22.16
C10 LFA AA . 13.13 -2.36 -22.05
C11 LFA AA . 13.56 -1.19 -22.67
C12 LFA AA . 13.01 -0.80 -23.88
C13 LFA AA . 13.54 0.28 -24.56
C14 LFA AA . 14.90 0.52 -24.53
C15 LFA AA . 15.64 0.52 -25.70
C16 LFA AA . 15.75 1.67 -26.45
C17 LFA AA . 16.94 1.99 -27.06
C2 LFA BA . 5.64 1.03 -25.62
C3 LFA BA . 6.58 1.57 -26.47
C4 LFA BA . 7.93 1.29 -26.28
C5 LFA BA . 8.89 2.08 -26.90
C6 LFA BA . 10.16 2.16 -26.36
C7 LFA BA . 11.03 3.14 -26.79
C8 LFA BA . 12.39 2.89 -26.82
C9 LFA BA . 13.27 3.89 -27.21
#